data_4ZBF
#
_entry.id   4ZBF
#
_cell.length_a   62.722
_cell.length_b   134.405
_cell.length_c   135.332
_cell.angle_alpha   90.00
_cell.angle_beta   100.27
_cell.angle_gamma   90.00
#
_symmetry.space_group_name_H-M   'P 1 21 1'
#
loop_
_entity.id
_entity.type
_entity.pdbx_description
1 polymer 'Induced myeloid leukemia cell differentiation protein Mcl-1'
2 non-polymer '(1R)-7-[3-(naphthalen-1-yloxy)propyl]-3,4-dihydro-2H-[1,4]thiazepino[2,3,4-hi]indole-6-carboxylic acid 1-oxide'
3 water water
#
_entity_poly.entity_id   1
_entity_poly.type   'polypeptide(L)'
_entity_poly.pdbx_seq_one_letter_code
;GDELYRQSLEIISRYLREQATGAKDTKPMGRSGATSRKALETLRRVGDGVQRNHETAFQGMLRKLDIKNEDDVKSLSRVM
IHVFSDGVTNWGRIVTLISFGAFVAKHLKTINQESCIEPLAESITDVLVRTKRDWLVKQRGWDGFVEFFHVEDLEGG
;
_entity_poly.pdbx_strand_id   A,B,C,D,E,F,G,H,I,J,K,L
#
loop_
_chem_comp.id
_chem_comp.type
_chem_comp.name
_chem_comp.formula
4M7 non-polymer '(1R)-7-[3-(naphthalen-1-yloxy)propyl]-3,4-dihydro-2H-[1,4]thiazepino[2,3,4-hi]indole-6-carboxylic acid 1-oxide' 'C25 H23 N O4 S'
#
# COMPACT_ATOMS: atom_id res chain seq x y z
N GLY A 1 8.26 -37.60 -1.82
CA GLY A 1 8.69 -36.70 -0.78
C GLY A 1 8.50 -35.24 -1.09
N ASP A 2 7.38 -34.72 -0.59
CA ASP A 2 7.03 -33.29 -0.60
C ASP A 2 7.34 -32.51 -1.88
N GLU A 3 8.06 -31.39 -1.77
CA GLU A 3 8.11 -30.46 -2.90
C GLU A 3 8.71 -31.06 -4.17
N LEU A 4 9.79 -31.81 -4.04
CA LEU A 4 10.38 -32.49 -5.20
C LEU A 4 9.38 -33.47 -5.82
N TYR A 5 8.67 -34.21 -4.97
CA TYR A 5 7.65 -35.11 -5.46
C TYR A 5 6.54 -34.34 -6.20
N ARG A 6 6.05 -33.29 -5.58
CA ARG A 6 4.93 -32.51 -6.13
C ARG A 6 5.30 -31.90 -7.47
N GLN A 7 6.48 -31.28 -7.54
CA GLN A 7 6.94 -30.70 -8.79
C GLN A 7 7.12 -31.76 -9.85
N SER A 8 7.76 -32.88 -9.47
CA SER A 8 8.04 -33.98 -10.40
C SER A 8 6.76 -34.55 -10.99
N LEU A 9 5.76 -34.77 -10.14
CA LEU A 9 4.48 -35.28 -10.59
C LEU A 9 3.83 -34.30 -11.55
N GLU A 10 3.93 -33.02 -11.22
CA GLU A 10 3.31 -32.00 -12.07
C GLU A 10 3.92 -32.07 -13.47
N ILE A 11 5.24 -32.09 -13.51
CA ILE A 11 5.94 -32.12 -14.79
C ILE A 11 5.60 -33.41 -15.58
N ILE A 12 5.73 -34.56 -14.94
CA ILE A 12 5.56 -35.84 -15.63
C ILE A 12 4.11 -36.02 -16.09
N SER A 13 3.16 -35.66 -15.23
CA SER A 13 1.75 -35.70 -15.58
C SER A 13 1.41 -34.78 -16.76
N ARG A 14 1.89 -33.54 -16.72
CA ARG A 14 1.59 -32.65 -17.84
C ARG A 14 2.23 -33.21 -19.11
N TYR A 15 3.46 -33.74 -19.03
CA TYR A 15 4.08 -34.25 -20.26
C TYR A 15 3.30 -35.43 -20.83
N LEU A 16 2.95 -36.40 -20.00
CA LEU A 16 2.22 -37.57 -20.47
C LEU A 16 0.86 -37.19 -21.03
N ARG A 17 0.12 -36.33 -20.32
CA ARG A 17 -1.20 -35.91 -20.78
C ARG A 17 -1.11 -35.16 -22.09
N GLU A 18 -0.13 -34.27 -22.19
CA GLU A 18 0.07 -33.45 -23.37
C GLU A 18 0.36 -34.37 -24.56
N GLN A 19 1.23 -35.34 -24.32
CA GLN A 19 1.60 -36.29 -25.37
C GLN A 19 0.45 -37.21 -25.81
N ALA A 20 -0.39 -37.63 -24.86
CA ALA A 20 -1.51 -38.55 -25.18
C ALA A 20 -2.57 -37.86 -26.01
N THR A 21 -2.84 -36.61 -25.68
CA THR A 21 -3.81 -35.85 -26.45
C THR A 21 -2.99 -34.87 -27.27
N GLY A 22 -3.56 -33.75 -27.66
CA GLY A 22 -2.77 -32.80 -28.40
C GLY A 22 -2.84 -31.51 -27.61
N ALA A 23 -3.31 -31.65 -26.39
CA ALA A 23 -3.67 -30.51 -25.57
C ALA A 23 -2.61 -30.11 -24.56
N LYS A 24 -2.33 -28.82 -24.57
CA LYS A 24 -1.40 -28.21 -23.64
C LYS A 24 -2.20 -27.62 -22.46
N ASP A 25 -1.89 -28.05 -21.24
CA ASP A 25 -2.60 -27.60 -20.03
C ASP A 25 -2.26 -26.14 -19.70
N THR A 26 -3.28 -25.31 -19.46
CA THR A 26 -3.10 -23.88 -19.16
C THR A 26 -3.11 -23.54 -17.69
N LYS A 27 -3.60 -24.48 -16.91
CA LYS A 27 -3.75 -24.28 -15.48
C LYS A 27 -2.36 -24.03 -14.91
N PRO A 28 -2.27 -23.22 -13.84
CA PRO A 28 -0.93 -22.91 -13.34
C PRO A 28 -0.26 -24.10 -12.70
N MET A 29 1.07 -24.06 -12.63
CA MET A 29 1.85 -25.16 -12.12
C MET A 29 1.89 -25.19 -10.61
N GLY A 30 2.60 -24.23 -10.03
CA GLY A 30 2.72 -24.11 -8.59
C GLY A 30 4.06 -23.52 -8.24
N ARG A 31 4.48 -23.80 -7.01
CA ARG A 31 5.67 -23.23 -6.37
C ARG A 31 6.92 -22.98 -7.22
N SER A 32 7.26 -23.78 -8.22
CA SER A 32 8.45 -23.34 -9.02
C SER A 32 8.18 -23.40 -10.51
N GLY A 33 7.04 -22.83 -10.89
CA GLY A 33 6.51 -22.97 -12.24
C GLY A 33 7.41 -22.57 -13.38
N ALA A 34 8.28 -21.59 -13.19
CA ALA A 34 9.14 -21.18 -14.29
C ALA A 34 10.04 -22.36 -14.68
N THR A 35 10.61 -22.99 -13.66
CA THR A 35 11.48 -24.13 -13.86
C THR A 35 10.68 -25.28 -14.45
N SER A 36 9.49 -25.52 -13.93
CA SER A 36 8.67 -26.60 -14.46
C SER A 36 8.35 -26.36 -15.94
N ARG A 37 8.06 -25.11 -16.34
CA ARG A 37 7.77 -24.81 -17.76
C ARG A 37 8.99 -25.16 -18.58
N LYS A 38 10.16 -24.75 -18.09
CA LYS A 38 11.37 -25.05 -18.84
C LYS A 38 11.63 -26.57 -18.93
N ALA A 39 11.34 -27.28 -17.86
CA ALA A 39 11.51 -28.74 -17.87
C ALA A 39 10.57 -29.35 -18.89
N LEU A 40 9.35 -28.84 -18.95
CA LEU A 40 8.35 -29.33 -19.88
C LEU A 40 8.82 -29.07 -21.35
N GLU A 41 9.37 -27.88 -21.61
CA GLU A 41 9.87 -27.54 -22.95
C GLU A 41 11.02 -28.48 -23.31
N THR A 42 11.88 -28.72 -22.33
CA THR A 42 13.00 -29.62 -22.51
C THR A 42 12.49 -31.02 -22.84
N LEU A 43 11.43 -31.44 -22.16
CA LEU A 43 10.90 -32.77 -22.41
C LEU A 43 10.33 -32.85 -23.82
N ARG A 44 9.66 -31.80 -24.28
CA ARG A 44 9.09 -31.80 -25.62
C ARG A 44 10.20 -32.02 -26.64
N ARG A 45 11.33 -31.38 -26.40
CA ARG A 45 12.47 -31.53 -27.28
C ARG A 45 13.14 -32.93 -27.21
N VAL A 46 13.65 -33.28 -26.03
CA VAL A 46 14.49 -34.46 -25.85
C VAL A 46 13.70 -35.78 -25.78
N GLY A 47 12.54 -35.71 -25.14
CA GLY A 47 11.67 -36.85 -24.94
C GLY A 47 11.09 -37.33 -26.24
N ASP A 48 10.70 -36.38 -27.09
CA ASP A 48 10.13 -36.75 -28.39
C ASP A 48 11.21 -37.43 -29.23
N GLY A 49 12.43 -36.93 -29.14
CA GLY A 49 13.56 -37.53 -29.83
C GLY A 49 13.80 -38.95 -29.35
N VAL A 50 13.76 -39.14 -28.03
CA VAL A 50 14.01 -40.46 -27.48
C VAL A 50 12.92 -41.42 -28.02
N GLN A 51 11.68 -40.96 -28.07
CA GLN A 51 10.62 -41.83 -28.60
C GLN A 51 10.83 -42.20 -30.08
N ARG A 52 11.28 -41.26 -30.90
CA ARG A 52 11.56 -41.61 -32.29
C ARG A 52 12.74 -42.57 -32.46
N ASN A 53 13.84 -42.28 -31.78
CA ASN A 53 15.06 -43.06 -31.94
C ASN A 53 14.95 -44.44 -31.33
N HIS A 54 14.04 -44.61 -30.37
CA HIS A 54 13.93 -45.90 -29.70
C HIS A 54 12.59 -46.59 -29.97
N GLU A 55 11.91 -46.24 -31.05
CA GLU A 55 10.54 -46.74 -31.21
C GLU A 55 10.47 -48.26 -31.18
N THR A 56 11.46 -48.94 -31.74
CA THR A 56 11.42 -50.39 -31.78
C THR A 56 11.52 -51.01 -30.38
N ALA A 57 12.49 -50.52 -29.59
CA ALA A 57 12.68 -51.07 -28.25
C ALA A 57 11.46 -50.78 -27.39
N PHE A 58 10.91 -49.58 -27.58
CA PHE A 58 9.72 -49.14 -26.87
C PHE A 58 8.51 -49.98 -27.24
N GLN A 59 8.41 -50.31 -28.52
CA GLN A 59 7.29 -51.09 -29.02
C GLN A 59 7.37 -52.49 -28.42
N GLY A 60 8.57 -53.05 -28.43
CA GLY A 60 8.86 -54.32 -27.78
C GLY A 60 8.46 -54.38 -26.32
N MET A 61 8.83 -53.33 -25.59
CA MET A 61 8.51 -53.23 -24.18
C MET A 61 7.00 -53.14 -23.94
N LEU A 62 6.32 -52.31 -24.74
CA LEU A 62 4.88 -52.14 -24.58
C LEU A 62 4.20 -53.48 -24.83
N ARG A 63 4.72 -54.18 -25.83
CA ARG A 63 4.20 -55.48 -26.21
C ARG A 63 4.36 -56.48 -25.06
N LYS A 64 5.54 -56.53 -24.44
CA LYS A 64 5.74 -57.49 -23.35
C LYS A 64 4.83 -57.15 -22.18
N LEU A 65 4.66 -55.85 -21.92
CA LEU A 65 3.84 -55.40 -20.80
C LEU A 65 2.34 -55.69 -20.94
N ASP A 66 1.81 -55.64 -22.16
CA ASP A 66 0.42 -55.97 -22.38
C ASP A 66 -0.53 -55.15 -21.50
N ILE A 67 -0.45 -53.82 -21.62
CA ILE A 67 -1.25 -52.94 -20.77
C ILE A 67 -2.63 -52.70 -21.36
N LYS A 68 -3.65 -53.06 -20.59
CA LYS A 68 -5.03 -53.02 -21.05
C LYS A 68 -5.90 -52.12 -20.16
N ASN A 69 -5.55 -52.07 -18.89
CA ASN A 69 -6.41 -51.39 -17.89
C ASN A 69 -5.59 -50.81 -16.73
N GLU A 70 -6.28 -50.20 -15.78
CA GLU A 70 -5.61 -49.54 -14.65
C GLU A 70 -4.87 -50.50 -13.73
N ASP A 71 -5.39 -51.72 -13.57
CA ASP A 71 -4.71 -52.70 -12.73
C ASP A 71 -3.35 -53.07 -13.32
N ASP A 72 -3.28 -53.09 -14.65
CA ASP A 72 -2.03 -53.37 -15.32
C ASP A 72 -1.05 -52.25 -14.98
N VAL A 73 -1.54 -51.01 -14.95
CA VAL A 73 -0.67 -49.88 -14.61
C VAL A 73 -0.19 -50.02 -13.17
N LYS A 74 -1.11 -50.37 -12.28
CA LYS A 74 -0.78 -50.48 -10.87
C LYS A 74 0.20 -51.63 -10.59
N SER A 75 0.35 -52.59 -11.52
CA SER A 75 1.27 -53.69 -11.26
C SER A 75 2.68 -53.51 -11.88
N LEU A 76 2.93 -52.34 -12.47
CA LEU A 76 4.21 -52.07 -13.16
C LEU A 76 5.41 -51.79 -12.27
N SER A 77 5.17 -51.54 -10.99
CA SER A 77 6.21 -50.95 -10.14
C SER A 77 7.46 -51.78 -10.11
N ARG A 78 7.30 -53.09 -9.95
CA ARG A 78 8.44 -53.99 -9.83
C ARG A 78 9.30 -54.08 -11.12
N VAL A 79 8.70 -54.22 -12.32
CA VAL A 79 9.52 -54.18 -13.56
C VAL A 79 10.17 -52.82 -13.72
N MET A 80 9.38 -51.79 -13.44
CA MET A 80 9.86 -50.43 -13.63
C MET A 80 11.11 -50.20 -12.83
N ILE A 81 11.04 -50.51 -11.53
CA ILE A 81 12.16 -50.35 -10.65
C ILE A 81 13.33 -51.25 -11.06
N HIS A 82 13.04 -52.49 -11.47
CA HIS A 82 14.09 -53.44 -11.84
C HIS A 82 14.94 -52.98 -13.04
N VAL A 83 14.28 -52.46 -14.07
CA VAL A 83 14.98 -51.91 -15.24
C VAL A 83 15.66 -50.57 -14.87
N PHE A 84 14.92 -49.68 -14.21
CA PHE A 84 15.45 -48.35 -13.92
C PHE A 84 16.65 -48.31 -12.97
N SER A 85 16.68 -49.22 -12.00
CA SER A 85 17.69 -49.18 -10.94
C SER A 85 18.99 -49.89 -11.32
N ASP A 86 18.95 -50.54 -12.47
CA ASP A 86 20.12 -51.22 -12.94
C ASP A 86 21.05 -50.29 -13.70
N GLY A 87 22.33 -50.28 -13.33
CA GLY A 87 23.30 -49.55 -14.13
C GLY A 87 23.65 -48.17 -13.62
N VAL A 88 23.95 -47.28 -14.56
CA VAL A 88 24.41 -45.96 -14.24
C VAL A 88 23.27 -44.98 -14.10
N THR A 89 23.48 -43.95 -13.29
CA THR A 89 22.49 -42.89 -13.17
C THR A 89 22.95 -41.67 -13.95
N ASN A 90 22.08 -41.19 -14.82
CA ASN A 90 22.31 -39.96 -15.54
C ASN A 90 20.97 -39.44 -16.00
N TRP A 91 20.94 -38.20 -16.49
CA TRP A 91 19.71 -37.58 -16.94
C TRP A 91 19.09 -38.30 -18.14
N GLY A 92 19.92 -38.92 -18.97
CA GLY A 92 19.42 -39.63 -20.14
C GLY A 92 18.48 -40.76 -19.76
N ARG A 93 18.82 -41.49 -18.71
CA ARG A 93 17.95 -42.57 -18.27
C ARG A 93 16.64 -42.04 -17.70
N ILE A 94 16.69 -40.90 -17.02
CA ILE A 94 15.46 -40.29 -16.53
C ILE A 94 14.58 -39.86 -17.72
N VAL A 95 15.21 -39.33 -18.77
CA VAL A 95 14.47 -39.00 -19.99
C VAL A 95 13.86 -40.26 -20.60
N THR A 96 14.60 -41.36 -20.62
CA THR A 96 14.06 -42.61 -21.16
C THR A 96 12.83 -43.07 -20.39
N LEU A 97 12.93 -43.02 -19.06
CA LEU A 97 11.82 -43.42 -18.22
C LEU A 97 10.55 -42.59 -18.50
N ILE A 98 10.70 -41.27 -18.53
CA ILE A 98 9.53 -40.41 -18.74
C ILE A 98 8.98 -40.54 -20.17
N SER A 99 9.89 -40.67 -21.13
CA SER A 99 9.55 -40.79 -22.54
C SER A 99 8.76 -42.06 -22.82
N PHE A 100 9.19 -43.17 -22.22
CA PHE A 100 8.42 -44.38 -22.35
C PHE A 100 7.09 -44.20 -21.66
N GLY A 101 7.07 -43.40 -20.58
CA GLY A 101 5.81 -43.08 -19.96
C GLY A 101 4.84 -42.44 -20.95
N ALA A 102 5.34 -41.47 -21.73
CA ALA A 102 4.55 -40.82 -22.77
C ALA A 102 4.12 -41.83 -23.85
N PHE A 103 5.02 -42.71 -24.26
CA PHE A 103 4.72 -43.74 -25.28
C PHE A 103 3.51 -44.57 -24.80
N VAL A 104 3.57 -44.99 -23.54
CA VAL A 104 2.47 -45.73 -22.94
C VAL A 104 1.23 -44.87 -22.85
N ALA A 105 1.37 -43.58 -22.50
CA ALA A 105 0.18 -42.74 -22.36
C ALA A 105 -0.56 -42.65 -23.70
N LYS A 106 0.19 -42.50 -24.77
CA LYS A 106 -0.45 -42.48 -26.09
C LYS A 106 -1.14 -43.81 -26.35
N HIS A 107 -0.50 -44.92 -25.98
CA HIS A 107 -1.17 -46.21 -26.18
C HIS A 107 -2.49 -46.29 -25.40
N LEU A 108 -2.46 -45.83 -24.16
CA LEU A 108 -3.63 -45.84 -23.29
C LEU A 108 -4.74 -45.00 -23.91
N LYS A 109 -4.36 -43.87 -24.52
CA LYS A 109 -5.34 -43.02 -25.18
C LYS A 109 -5.96 -43.77 -26.35
N THR A 110 -5.12 -44.51 -27.06
CA THR A 110 -5.56 -45.27 -28.23
C THR A 110 -6.63 -46.31 -27.88
N ILE A 111 -6.48 -46.98 -26.74
CA ILE A 111 -7.44 -48.02 -26.37
C ILE A 111 -8.49 -47.47 -25.43
N ASN A 112 -8.68 -46.15 -25.47
CA ASN A 112 -9.71 -45.49 -24.65
C ASN A 112 -9.54 -45.75 -23.16
N GLN A 113 -8.31 -45.61 -22.66
CA GLN A 113 -8.03 -45.73 -21.24
C GLN A 113 -7.32 -44.49 -20.71
N GLU A 114 -7.85 -43.32 -21.05
CA GLU A 114 -7.27 -42.02 -20.71
C GLU A 114 -7.13 -41.87 -19.19
N SER A 115 -8.10 -42.44 -18.50
CA SER A 115 -8.18 -42.35 -17.05
C SER A 115 -6.97 -42.97 -16.34
N CYS A 116 -6.28 -43.87 -17.05
CA CYS A 116 -5.10 -44.55 -16.52
C CYS A 116 -3.83 -43.70 -16.55
N ILE A 117 -3.86 -42.60 -17.31
CA ILE A 117 -2.64 -41.82 -17.49
C ILE A 117 -2.17 -41.21 -16.17
N GLU A 118 -3.09 -40.65 -15.39
CA GLU A 118 -2.69 -40.01 -14.15
C GLU A 118 -2.12 -41.05 -13.15
N PRO A 119 -2.76 -42.23 -13.02
CA PRO A 119 -2.07 -43.24 -12.19
C PRO A 119 -0.70 -43.62 -12.77
N LEU A 120 -0.57 -43.68 -14.10
CA LEU A 120 0.71 -44.00 -14.69
C LEU A 120 1.75 -42.97 -14.26
N ALA A 121 1.37 -41.71 -14.36
CA ALA A 121 2.29 -40.61 -14.04
C ALA A 121 2.71 -40.70 -12.59
N GLU A 122 1.76 -41.08 -11.74
CA GLU A 122 2.04 -41.22 -10.32
C GLU A 122 3.06 -42.31 -10.10
N SER A 123 2.87 -43.44 -10.79
CA SER A 123 3.75 -44.58 -10.57
C SER A 123 5.18 -44.22 -10.97
N ILE A 124 5.32 -43.58 -12.13
CA ILE A 124 6.64 -43.16 -12.60
C ILE A 124 7.28 -42.22 -11.59
N THR A 125 6.50 -41.28 -11.08
CA THR A 125 7.05 -40.30 -10.15
C THR A 125 7.54 -41.02 -8.91
N ASP A 126 6.72 -41.96 -8.44
CA ASP A 126 7.05 -42.73 -7.23
C ASP A 126 8.37 -43.40 -7.44
N VAL A 127 8.51 -44.02 -8.61
CA VAL A 127 9.74 -44.74 -8.91
C VAL A 127 10.93 -43.80 -9.00
N LEU A 128 10.74 -42.68 -9.68
CA LEU A 128 11.87 -41.78 -9.92
C LEU A 128 12.42 -41.22 -8.61
N VAL A 129 11.50 -40.70 -7.83
CA VAL A 129 11.81 -40.01 -6.60
C VAL A 129 12.32 -40.94 -5.52
N ARG A 130 11.79 -42.16 -5.45
CA ARG A 130 12.31 -43.13 -4.50
C ARG A 130 13.70 -43.67 -4.92
N THR A 131 13.89 -44.02 -6.18
CA THR A 131 15.18 -44.60 -6.55
C THR A 131 16.29 -43.61 -6.70
N LYS A 132 15.99 -42.37 -7.09
CA LYS A 132 17.03 -41.42 -7.38
C LYS A 132 17.01 -40.18 -6.49
N ARG A 133 16.38 -40.27 -5.33
CA ARG A 133 16.17 -39.06 -4.54
C ARG A 133 17.45 -38.28 -4.26
N ASP A 134 18.46 -38.94 -3.71
CA ASP A 134 19.68 -38.24 -3.30
C ASP A 134 20.46 -37.68 -4.50
N TRP A 135 20.48 -38.43 -5.59
CA TRP A 135 21.09 -37.96 -6.82
C TRP A 135 20.33 -36.73 -7.32
N LEU A 136 19.00 -36.81 -7.36
CA LEU A 136 18.20 -35.71 -7.89
C LEU A 136 18.47 -34.45 -7.05
N VAL A 137 18.55 -34.60 -5.74
CA VAL A 137 18.81 -33.45 -4.89
C VAL A 137 20.22 -32.94 -5.18
N LYS A 138 21.19 -33.84 -5.34
CA LYS A 138 22.54 -33.36 -5.56
C LYS A 138 22.62 -32.55 -6.87
N GLN A 139 21.79 -32.91 -7.84
CA GLN A 139 21.80 -32.27 -9.17
C GLN A 139 20.95 -31.04 -9.21
N ARG A 140 20.46 -30.58 -8.05
CA ARG A 140 19.63 -29.39 -7.98
C ARG A 140 18.31 -29.64 -8.73
N GLY A 141 17.85 -30.88 -8.73
CA GLY A 141 16.54 -31.19 -9.26
C GLY A 141 16.30 -30.81 -10.71
N TRP A 142 15.11 -30.25 -10.93
CA TRP A 142 14.70 -29.91 -12.28
C TRP A 142 15.53 -28.75 -12.85
N ASP A 143 16.08 -27.92 -11.98
CA ASP A 143 17.02 -26.90 -12.40
C ASP A 143 18.24 -27.56 -13.08
N GLY A 144 18.77 -28.59 -12.42
CA GLY A 144 19.89 -29.33 -12.98
C GLY A 144 19.53 -29.99 -14.29
N PHE A 145 18.29 -30.48 -14.38
CA PHE A 145 17.79 -31.12 -15.61
C PHE A 145 17.74 -30.11 -16.76
N VAL A 146 17.17 -28.93 -16.52
CA VAL A 146 17.08 -27.89 -17.56
C VAL A 146 18.48 -27.46 -18.00
N GLU A 147 19.38 -27.23 -17.05
CA GLU A 147 20.74 -26.85 -17.41
C GLU A 147 21.44 -27.94 -18.22
N PHE A 148 21.25 -29.19 -17.86
CA PHE A 148 21.95 -30.27 -18.52
C PHE A 148 21.61 -30.30 -19.99
N PHE A 149 20.36 -30.01 -20.32
CA PHE A 149 19.92 -30.09 -21.71
C PHE A 149 19.82 -28.71 -22.35
N HIS A 150 20.34 -27.70 -21.68
CA HIS A 150 20.28 -26.34 -22.20
C HIS A 150 21.03 -26.29 -23.52
N VAL A 151 20.38 -25.79 -24.56
CA VAL A 151 21.04 -25.72 -25.86
C VAL A 151 21.65 -24.33 -26.08
N GLU A 152 22.99 -24.32 -26.01
CA GLU A 152 23.81 -23.11 -26.03
C GLU A 152 23.21 -22.08 -26.96
N ASP A 153 22.72 -21.00 -26.38
CA ASP A 153 22.00 -19.96 -27.10
C ASP A 153 21.78 -18.74 -26.21
N GLY B 1 -11.35 -3.13 -11.59
CA GLY B 1 -10.04 -3.04 -10.99
C GLY B 1 -9.92 -3.48 -9.55
N ASP B 2 -10.32 -2.57 -8.64
CA ASP B 2 -10.26 -2.79 -7.18
C ASP B 2 -8.96 -3.44 -6.72
N GLU B 3 -9.03 -4.54 -5.95
CA GLU B 3 -7.82 -4.98 -5.25
C GLU B 3 -6.69 -5.41 -6.17
N LEU B 4 -6.99 -6.15 -7.23
CA LEU B 4 -5.96 -6.52 -8.18
C LEU B 4 -5.34 -5.26 -8.79
N TYR B 5 -6.18 -4.29 -9.12
CA TYR B 5 -5.65 -3.03 -9.66
C TYR B 5 -4.77 -2.33 -8.63
N ARG B 6 -5.25 -2.21 -7.40
CA ARG B 6 -4.56 -1.45 -6.37
C ARG B 6 -3.19 -2.07 -6.07
N GLN B 7 -3.18 -3.39 -5.91
CA GLN B 7 -1.93 -4.09 -5.64
C GLN B 7 -0.98 -3.98 -6.81
N SER B 8 -1.50 -4.16 -8.02
CA SER B 8 -0.67 -4.09 -9.20
C SER B 8 0.00 -2.73 -9.32
N LEU B 9 -0.79 -1.66 -9.12
CA LEU B 9 -0.26 -0.29 -9.19
C LEU B 9 0.80 -0.05 -8.11
N GLU B 10 0.56 -0.52 -6.89
CA GLU B 10 1.55 -0.30 -5.83
C GLU B 10 2.88 -0.98 -6.19
N ILE B 11 2.81 -2.23 -6.64
CA ILE B 11 4.01 -2.97 -6.99
C ILE B 11 4.73 -2.31 -8.16
N ILE B 12 3.98 -2.03 -9.22
CA ILE B 12 4.61 -1.51 -10.43
C ILE B 12 5.19 -0.11 -10.16
N SER B 13 4.44 0.74 -9.46
CA SER B 13 4.92 2.08 -9.13
C SER B 13 6.19 2.02 -8.34
N ARG B 14 6.19 1.18 -7.32
CA ARG B 14 7.38 1.10 -6.48
C ARG B 14 8.57 0.58 -7.28
N TYR B 15 8.36 -0.43 -8.10
CA TYR B 15 9.47 -0.94 -8.85
C TYR B 15 10.04 0.13 -9.79
N LEU B 16 9.18 0.83 -10.52
CA LEU B 16 9.65 1.86 -11.47
C LEU B 16 10.36 3.01 -10.75
N ARG B 17 9.80 3.47 -9.63
CA ARG B 17 10.43 4.56 -8.88
C ARG B 17 11.78 4.13 -8.32
N GLU B 18 11.83 2.93 -7.76
CA GLU B 18 13.07 2.37 -7.22
C GLU B 18 14.14 2.21 -8.31
N GLN B 19 13.73 1.71 -9.45
CA GLN B 19 14.67 1.52 -10.54
C GLN B 19 15.18 2.86 -11.09
N ALA B 20 14.32 3.87 -11.18
CA ALA B 20 14.71 5.16 -11.74
C ALA B 20 15.68 5.89 -10.84
N THR B 21 15.40 5.83 -9.54
CA THR B 21 16.29 6.48 -8.59
C THR B 21 16.98 5.26 -8.01
N GLY B 22 17.35 5.30 -6.76
CA GLY B 22 17.91 4.10 -6.18
C GLY B 22 17.20 3.95 -4.86
N ALA B 23 16.07 4.66 -4.75
CA ALA B 23 15.41 4.80 -3.48
C ALA B 23 14.37 3.73 -3.35
N LYS B 24 14.48 3.03 -2.21
CA LYS B 24 13.54 1.99 -1.87
C LYS B 24 12.45 2.68 -1.02
N ASP B 25 11.21 2.58 -1.46
CA ASP B 25 10.13 3.20 -0.73
C ASP B 25 9.94 2.51 0.62
N THR B 26 9.89 3.31 1.68
CA THR B 26 9.74 2.76 3.02
C THR B 26 8.32 2.81 3.56
N LYS B 27 7.42 3.56 2.92
CA LYS B 27 6.06 3.63 3.45
C LYS B 27 5.50 2.22 3.51
N PRO B 28 4.73 1.90 4.55
CA PRO B 28 4.27 0.53 4.63
C PRO B 28 3.18 0.20 3.63
N MET B 29 3.02 -1.08 3.35
CA MET B 29 2.05 -1.55 2.37
C MET B 29 0.66 -1.74 2.95
N GLY B 30 -0.26 -2.15 2.09
CA GLY B 30 -1.61 -2.48 2.49
C GLY B 30 -1.69 -3.82 3.21
N ARG B 31 -2.90 -4.38 3.26
CA ARG B 31 -3.14 -5.63 3.95
C ARG B 31 -2.32 -6.74 3.34
N SER B 32 -2.27 -6.78 2.01
CA SER B 32 -1.56 -7.86 1.33
C SER B 32 -0.08 -7.50 1.14
N GLY B 33 0.48 -6.83 2.13
CA GLY B 33 1.85 -6.36 2.06
C GLY B 33 2.89 -7.45 1.93
N ALA B 34 2.66 -8.60 2.55
CA ALA B 34 3.64 -9.69 2.49
C ALA B 34 3.80 -10.11 1.04
N THR B 35 2.65 -10.24 0.37
CA THR B 35 2.64 -10.62 -1.02
C THR B 35 3.30 -9.55 -1.88
N SER B 36 2.96 -8.28 -1.67
CA SER B 36 3.55 -7.20 -2.47
C SER B 36 5.07 -7.08 -2.29
N ARG B 37 5.54 -7.22 -1.06
CA ARG B 37 6.98 -7.17 -0.79
C ARG B 37 7.67 -8.30 -1.52
N LYS B 38 7.11 -9.51 -1.44
CA LYS B 38 7.68 -10.65 -2.17
C LYS B 38 7.65 -10.44 -3.68
N ALA B 39 6.57 -9.85 -4.18
CA ALA B 39 6.47 -9.56 -5.60
C ALA B 39 7.57 -8.59 -6.00
N LEU B 40 7.79 -7.58 -5.18
CA LEU B 40 8.78 -6.56 -5.49
C LEU B 40 10.18 -7.19 -5.50
N GLU B 41 10.46 -8.06 -4.52
CA GLU B 41 11.77 -8.75 -4.49
C GLU B 41 11.94 -9.63 -5.74
N THR B 42 10.86 -10.29 -6.13
CA THR B 42 10.89 -11.15 -7.31
C THR B 42 11.20 -10.32 -8.55
N LEU B 43 10.58 -9.17 -8.60
CA LEU B 43 10.74 -8.25 -9.71
C LEU B 43 12.19 -7.75 -9.74
N ARG B 44 12.76 -7.52 -8.57
CA ARG B 44 14.14 -7.09 -8.48
C ARG B 44 15.04 -8.14 -9.12
N ARG B 45 14.75 -9.42 -8.87
CA ARG B 45 15.56 -10.46 -9.51
C ARG B 45 15.36 -10.53 -11.05
N VAL B 46 14.10 -10.82 -11.40
CA VAL B 46 13.73 -11.21 -12.75
C VAL B 46 13.70 -10.05 -13.72
N GLY B 47 13.23 -8.90 -13.23
CA GLY B 47 13.09 -7.71 -14.04
C GLY B 47 14.44 -7.18 -14.43
N ASP B 48 15.37 -7.18 -13.48
CA ASP B 48 16.71 -6.72 -13.76
C ASP B 48 17.38 -7.66 -14.76
N GLY B 49 17.14 -8.96 -14.61
CA GLY B 49 17.71 -9.87 -15.61
C GLY B 49 17.16 -9.58 -17.00
N VAL B 50 15.85 -9.38 -17.12
CA VAL B 50 15.22 -9.11 -18.41
C VAL B 50 15.75 -7.80 -19.04
N GLN B 51 15.96 -6.77 -18.22
CA GLN B 51 16.49 -5.50 -18.72
C GLN B 51 17.91 -5.71 -19.25
N ARG B 52 18.69 -6.53 -18.58
CA ARG B 52 20.04 -6.80 -19.08
C ARG B 52 20.01 -7.50 -20.43
N ASN B 53 19.23 -8.57 -20.52
CA ASN B 53 19.24 -9.40 -21.72
C ASN B 53 18.57 -8.77 -22.94
N HIS B 54 17.73 -7.75 -22.73
CA HIS B 54 16.96 -7.19 -23.83
C HIS B 54 17.35 -5.75 -24.15
N GLU B 55 18.56 -5.35 -23.77
CA GLU B 55 18.97 -3.96 -23.80
C GLU B 55 18.84 -3.38 -25.22
N THR B 56 19.21 -4.18 -26.23
CA THR B 56 19.13 -3.71 -27.61
C THR B 56 17.69 -3.50 -28.09
N ALA B 57 16.83 -4.48 -27.86
CA ALA B 57 15.45 -4.36 -28.30
C ALA B 57 14.74 -3.22 -27.55
N PHE B 58 15.07 -3.09 -26.27
CA PHE B 58 14.48 -2.04 -25.44
C PHE B 58 14.91 -0.67 -25.94
N GLN B 59 16.18 -0.53 -26.29
CA GLN B 59 16.66 0.74 -26.78
C GLN B 59 16.01 1.09 -28.10
N GLY B 60 15.89 0.12 -28.99
CA GLY B 60 15.15 0.27 -30.24
C GLY B 60 13.73 0.78 -30.04
N MET B 61 13.07 0.16 -29.07
CA MET B 61 11.71 0.51 -28.77
C MET B 61 11.66 1.93 -28.27
N LEU B 62 12.61 2.26 -27.41
CA LEU B 62 12.66 3.56 -26.76
C LEU B 62 12.85 4.64 -27.82
N ARG B 63 13.74 4.37 -28.77
CA ARG B 63 14.00 5.35 -29.80
C ARG B 63 12.75 5.53 -30.65
N LYS B 64 12.10 4.43 -31.03
CA LYS B 64 10.90 4.56 -31.86
C LYS B 64 9.82 5.37 -31.15
N LEU B 65 9.70 5.18 -29.85
CA LEU B 65 8.70 5.90 -29.06
C LEU B 65 8.96 7.40 -28.86
N ASP B 66 10.23 7.78 -28.75
CA ASP B 66 10.59 9.20 -28.64
C ASP B 66 9.90 9.93 -27.47
N ILE B 67 10.11 9.46 -26.24
CA ILE B 67 9.42 10.03 -25.07
C ILE B 67 10.25 11.18 -24.49
N LYS B 68 9.62 12.37 -24.44
CA LYS B 68 10.28 13.59 -24.01
C LYS B 68 9.57 14.22 -22.81
N ASN B 69 8.27 13.96 -22.72
CA ASN B 69 7.42 14.64 -21.74
C ASN B 69 6.21 13.79 -21.35
N GLU B 70 5.40 14.33 -20.45
CA GLU B 70 4.24 13.62 -19.95
C GLU B 70 3.18 13.36 -21.04
N ASP B 71 3.04 14.29 -21.98
CA ASP B 71 2.07 14.09 -23.06
C ASP B 71 2.40 12.87 -23.90
N ASP B 72 3.70 12.61 -24.10
CA ASP B 72 4.13 11.44 -24.85
C ASP B 72 3.75 10.16 -24.08
N VAL B 73 3.96 10.17 -22.77
CA VAL B 73 3.66 9.05 -21.90
C VAL B 73 2.17 8.73 -21.92
N LYS B 74 1.32 9.76 -21.91
CA LYS B 74 -0.12 9.52 -21.94
C LYS B 74 -0.64 8.95 -23.27
N SER B 75 0.17 9.01 -24.33
CA SER B 75 -0.27 8.55 -25.64
C SER B 75 0.21 7.14 -25.96
N LEU B 76 0.84 6.47 -24.98
CA LEU B 76 1.40 5.13 -25.18
C LEU B 76 0.42 3.94 -25.23
N SER B 77 -0.83 4.18 -24.81
CA SER B 77 -1.76 3.08 -24.54
C SER B 77 -1.97 2.18 -25.75
N ARG B 78 -2.20 2.77 -26.94
CA ARG B 78 -2.49 1.96 -28.13
C ARG B 78 -1.35 1.06 -28.59
N VAL B 79 -0.10 1.56 -28.61
CA VAL B 79 1.01 0.69 -28.98
C VAL B 79 1.19 -0.37 -27.95
N MET B 80 1.07 0.06 -26.69
CA MET B 80 1.34 -0.82 -25.58
C MET B 80 0.41 -2.02 -25.69
N ILE B 81 -0.87 -1.74 -25.87
CA ILE B 81 -1.89 -2.78 -26.00
C ILE B 81 -1.63 -3.60 -27.27
N HIS B 82 -1.22 -2.93 -28.33
CA HIS B 82 -1.02 -3.63 -29.61
C HIS B 82 0.09 -4.69 -29.47
N VAL B 83 1.19 -4.31 -28.84
CA VAL B 83 2.31 -5.23 -28.68
C VAL B 83 2.05 -6.32 -27.64
N PHE B 84 1.54 -5.90 -26.49
CA PHE B 84 1.32 -6.79 -25.36
C PHE B 84 0.20 -7.80 -25.61
N SER B 85 -0.85 -7.40 -26.31
CA SER B 85 -1.99 -8.30 -26.45
C SER B 85 -1.82 -9.25 -27.62
N ASP B 86 -0.73 -9.10 -28.35
CA ASP B 86 -0.45 -10.01 -29.45
C ASP B 86 0.32 -11.24 -28.94
N GLY B 87 -0.14 -12.43 -29.30
CA GLY B 87 0.61 -13.64 -29.01
C GLY B 87 0.23 -14.37 -27.73
N VAL B 88 1.18 -15.10 -27.15
CA VAL B 88 0.89 -15.95 -25.99
C VAL B 88 1.05 -15.15 -24.70
N THR B 89 0.25 -15.45 -23.70
CA THR B 89 0.37 -14.77 -22.42
C THR B 89 1.12 -15.67 -21.46
N ASN B 90 2.14 -15.13 -20.79
CA ASN B 90 2.82 -15.84 -19.73
C ASN B 90 3.45 -14.81 -18.81
N TRP B 91 3.90 -15.24 -17.65
CA TRP B 91 4.48 -14.30 -16.70
C TRP B 91 5.73 -13.62 -17.27
N GLY B 92 6.42 -14.30 -18.19
CA GLY B 92 7.61 -13.72 -18.79
C GLY B 92 7.27 -12.42 -19.52
N ARG B 93 6.17 -12.41 -20.25
CA ARG B 93 5.77 -11.21 -20.98
C ARG B 93 5.34 -10.07 -20.06
N ILE B 94 4.68 -10.42 -18.97
CA ILE B 94 4.33 -9.44 -17.96
C ILE B 94 5.57 -8.81 -17.35
N VAL B 95 6.58 -9.64 -17.09
CA VAL B 95 7.87 -9.12 -16.62
C VAL B 95 8.49 -8.22 -17.69
N THR B 96 8.37 -8.59 -18.97
CA THR B 96 8.89 -7.74 -20.04
C THR B 96 8.21 -6.38 -20.03
N LEU B 97 6.90 -6.39 -19.87
CA LEU B 97 6.14 -5.17 -19.81
C LEU B 97 6.61 -4.28 -18.66
N ILE B 98 6.67 -4.84 -17.46
CA ILE B 98 7.07 -4.05 -16.29
C ILE B 98 8.53 -3.61 -16.37
N SER B 99 9.39 -4.49 -16.87
CA SER B 99 10.82 -4.24 -17.04
C SER B 99 11.15 -3.12 -18.05
N PHE B 100 10.45 -3.12 -19.18
CA PHE B 100 10.58 -2.03 -20.11
C PHE B 100 10.03 -0.77 -19.48
N GLY B 101 9.00 -0.93 -18.65
CA GLY B 101 8.50 0.20 -17.91
C GLY B 101 9.63 0.80 -17.07
N ALA B 102 10.41 -0.06 -16.42
CA ALA B 102 11.53 0.44 -15.60
C ALA B 102 12.57 1.12 -16.48
N PHE B 103 12.83 0.53 -17.65
CA PHE B 103 13.78 1.06 -18.61
C PHE B 103 13.40 2.51 -18.98
N VAL B 104 12.11 2.69 -19.31
CA VAL B 104 11.58 3.99 -19.65
C VAL B 104 11.68 4.93 -18.45
N ALA B 105 11.43 4.43 -17.25
CA ALA B 105 11.50 5.27 -16.04
C ALA B 105 12.91 5.82 -15.84
N LYS B 106 13.92 4.97 -16.09
CA LYS B 106 15.31 5.40 -15.98
C LYS B 106 15.57 6.49 -16.99
N HIS B 107 15.06 6.29 -18.20
CA HIS B 107 15.22 7.30 -19.22
C HIS B 107 14.59 8.63 -18.81
N LEU B 108 13.41 8.56 -18.18
CA LEU B 108 12.72 9.76 -17.72
C LEU B 108 13.51 10.51 -16.65
N LYS B 109 14.15 9.77 -15.75
CA LYS B 109 15.00 10.41 -14.76
C LYS B 109 16.15 11.12 -15.45
N THR B 110 16.70 10.48 -16.48
CA THR B 110 17.86 11.04 -17.19
C THR B 110 17.52 12.41 -17.80
N ILE B 111 16.31 12.56 -18.33
CA ILE B 111 15.94 13.82 -18.97
C ILE B 111 15.14 14.71 -18.04
N ASN B 112 15.29 14.49 -16.74
CA ASN B 112 14.62 15.30 -15.72
C ASN B 112 13.11 15.34 -15.90
N GLN B 113 12.51 14.18 -16.14
CA GLN B 113 11.06 14.09 -16.24
C GLN B 113 10.57 13.06 -15.24
N GLU B 114 11.07 13.17 -14.02
CA GLU B 114 10.76 12.21 -12.96
C GLU B 114 9.25 12.19 -12.67
N SER B 115 8.62 13.36 -12.84
CA SER B 115 7.20 13.51 -12.57
C SER B 115 6.36 12.61 -13.48
N CYS B 116 6.95 12.17 -14.59
CA CYS B 116 6.27 11.28 -15.52
C CYS B 116 6.20 9.81 -15.07
N ILE B 117 6.98 9.42 -14.06
CA ILE B 117 7.06 8.01 -13.70
C ILE B 117 5.72 7.48 -13.16
N GLU B 118 5.05 8.22 -12.28
CA GLU B 118 3.74 7.78 -11.79
C GLU B 118 2.68 7.69 -12.89
N PRO B 119 2.63 8.67 -13.82
CA PRO B 119 1.72 8.47 -14.97
C PRO B 119 2.07 7.24 -15.83
N LEU B 120 3.35 6.94 -16.02
CA LEU B 120 3.78 5.75 -16.74
C LEU B 120 3.30 4.46 -16.03
N ALA B 121 3.54 4.40 -14.73
CA ALA B 121 3.15 3.23 -13.94
C ALA B 121 1.64 3.00 -14.02
N GLU B 122 0.87 4.09 -13.90
CA GLU B 122 -0.58 4.00 -13.98
C GLU B 122 -0.97 3.45 -15.32
N SER B 123 -0.32 3.94 -16.37
CA SER B 123 -0.68 3.49 -17.71
C SER B 123 -0.32 2.02 -17.90
N ILE B 124 0.86 1.63 -17.39
CA ILE B 124 1.27 0.22 -17.50
C ILE B 124 0.22 -0.61 -16.77
N THR B 125 -0.16 -0.15 -15.59
CA THR B 125 -1.09 -0.93 -14.79
C THR B 125 -2.41 -1.04 -15.53
N ASP B 126 -2.85 0.08 -16.12
CA ASP B 126 -4.16 0.03 -16.77
C ASP B 126 -4.12 -1.02 -17.88
N VAL B 127 -3.04 -1.00 -18.65
CA VAL B 127 -2.96 -1.91 -19.78
C VAL B 127 -2.95 -3.33 -19.25
N LEU B 128 -2.17 -3.54 -18.21
CA LEU B 128 -1.93 -4.90 -17.71
C LEU B 128 -3.25 -5.53 -17.29
N VAL B 129 -3.95 -4.81 -16.46
CA VAL B 129 -5.19 -5.29 -15.91
C VAL B 129 -6.27 -5.34 -16.97
N ARG B 130 -6.28 -4.41 -17.92
CA ARG B 130 -7.39 -4.53 -18.88
C ARG B 130 -7.23 -5.71 -19.83
N THR B 131 -6.03 -5.90 -20.36
CA THR B 131 -5.78 -6.97 -21.32
C THR B 131 -5.63 -8.35 -20.65
N LYS B 132 -5.16 -8.42 -19.40
CA LYS B 132 -4.90 -9.73 -18.80
C LYS B 132 -5.72 -10.07 -17.57
N ARG B 133 -6.82 -9.35 -17.32
CA ARG B 133 -7.52 -9.51 -16.05
C ARG B 133 -7.81 -10.97 -15.74
N ASP B 134 -8.52 -11.64 -16.65
CA ASP B 134 -9.00 -12.99 -16.40
C ASP B 134 -7.81 -13.94 -16.32
N TRP B 135 -6.80 -13.76 -17.17
CA TRP B 135 -5.62 -14.63 -17.08
C TRP B 135 -4.98 -14.44 -15.70
N LEU B 136 -4.86 -13.17 -15.30
CA LEU B 136 -4.23 -12.86 -14.04
C LEU B 136 -5.00 -13.55 -12.91
N VAL B 137 -6.32 -13.52 -12.99
CA VAL B 137 -7.12 -14.10 -11.92
C VAL B 137 -6.90 -15.62 -11.91
N LYS B 138 -6.85 -16.25 -13.08
CA LYS B 138 -6.68 -17.69 -13.16
C LYS B 138 -5.34 -18.09 -12.57
N GLN B 139 -4.32 -17.25 -12.77
CA GLN B 139 -2.97 -17.57 -12.32
C GLN B 139 -2.72 -17.14 -10.88
N ARG B 140 -3.80 -16.82 -10.17
CA ARG B 140 -3.74 -16.43 -8.76
C ARG B 140 -2.99 -15.13 -8.49
N GLY B 141 -3.05 -14.20 -9.44
CA GLY B 141 -2.52 -12.87 -9.22
C GLY B 141 -1.08 -12.82 -8.81
N TRP B 142 -0.76 -11.88 -7.92
CA TRP B 142 0.61 -11.68 -7.50
C TRP B 142 1.16 -12.85 -6.67
N ASP B 143 0.29 -13.57 -5.98
CA ASP B 143 0.73 -14.80 -5.31
C ASP B 143 1.28 -15.78 -6.34
N GLY B 144 0.54 -15.92 -7.43
CA GLY B 144 0.93 -16.79 -8.53
C GLY B 144 2.24 -16.31 -9.12
N PHE B 145 2.40 -14.99 -9.19
CA PHE B 145 3.62 -14.43 -9.73
C PHE B 145 4.80 -14.88 -8.86
N VAL B 146 4.64 -14.72 -7.56
CA VAL B 146 5.70 -15.05 -6.61
C VAL B 146 6.01 -16.54 -6.63
N GLU B 147 4.97 -17.38 -6.64
CA GLU B 147 5.19 -18.83 -6.70
C GLU B 147 5.88 -19.22 -8.02
N PHE B 148 5.48 -18.60 -9.11
CA PHE B 148 6.02 -18.99 -10.42
C PHE B 148 7.55 -18.83 -10.45
N PHE B 149 8.06 -17.75 -9.86
CA PHE B 149 9.49 -17.44 -9.91
C PHE B 149 10.27 -17.75 -8.63
N HIS B 150 9.67 -18.53 -7.75
CA HIS B 150 10.27 -18.91 -6.46
C HIS B 150 11.60 -19.63 -6.58
N VAL B 151 12.64 -19.11 -5.91
CA VAL B 151 13.93 -19.80 -5.84
C VAL B 151 14.20 -20.41 -4.44
N GLY C 1 9.98 16.58 -41.07
CA GLY C 1 10.94 17.65 -40.81
C GLY C 1 12.38 17.28 -40.95
N ASP C 2 12.75 16.17 -40.32
CA ASP C 2 14.12 15.65 -40.31
C ASP C 2 15.15 16.74 -40.03
N GLU C 3 16.20 16.84 -40.85
CA GLU C 3 17.37 17.65 -40.47
C GLU C 3 17.08 19.16 -40.32
N LEU C 4 16.30 19.72 -41.24
CA LEU C 4 15.90 21.12 -41.14
C LEU C 4 15.10 21.35 -39.85
N TYR C 5 14.19 20.43 -39.53
CA TYR C 5 13.46 20.57 -38.27
C TYR C 5 14.42 20.51 -37.08
N ARG C 6 15.29 19.51 -37.07
CA ARG C 6 16.17 19.31 -35.92
C ARG C 6 17.08 20.55 -35.67
N GLN C 7 17.68 21.07 -36.74
CA GLN C 7 18.56 22.24 -36.65
C GLN C 7 17.76 23.45 -36.19
N SER C 8 16.58 23.61 -36.77
CA SER C 8 15.72 24.74 -36.41
C SER C 8 15.33 24.69 -34.94
N LEU C 9 14.95 23.51 -34.45
CA LEU C 9 14.58 23.35 -33.04
C LEU C 9 15.77 23.66 -32.16
N GLU C 10 16.94 23.18 -32.54
CA GLU C 10 18.14 23.40 -31.75
C GLU C 10 18.41 24.91 -31.60
N ILE C 11 18.41 25.61 -32.73
CA ILE C 11 18.68 27.04 -32.74
C ILE C 11 17.66 27.84 -31.94
N ILE C 12 16.38 27.56 -32.19
CA ILE C 12 15.29 28.32 -31.56
C ILE C 12 15.20 28.07 -30.07
N SER C 13 15.33 26.81 -29.66
CA SER C 13 15.32 26.43 -28.24
C SER C 13 16.45 27.08 -27.50
N ARG C 14 17.64 27.05 -28.09
CA ARG C 14 18.78 27.67 -27.42
C ARG C 14 18.59 29.17 -27.33
N TYR C 15 18.13 29.83 -28.39
CA TYR C 15 17.95 31.27 -28.29
C TYR C 15 16.92 31.62 -27.21
N LEU C 16 15.78 30.92 -27.20
CA LEU C 16 14.74 31.21 -26.20
C LEU C 16 15.19 30.93 -24.76
N ARG C 17 15.82 29.79 -24.50
CA ARG C 17 16.26 29.53 -23.15
C ARG C 17 17.36 30.50 -22.69
N GLU C 18 18.27 30.82 -23.61
CA GLU C 18 19.32 31.79 -23.35
C GLU C 18 18.73 33.16 -23.00
N GLN C 19 17.69 33.58 -23.72
CA GLN C 19 17.01 34.84 -23.44
C GLN C 19 16.27 34.84 -22.12
N ALA C 20 15.64 33.72 -21.79
CA ALA C 20 14.83 33.61 -20.56
C ALA C 20 15.68 33.63 -19.30
N THR C 21 16.81 32.94 -19.35
CA THR C 21 17.67 32.88 -18.21
C THR C 21 18.76 33.82 -18.63
N GLY C 22 19.89 33.85 -17.95
CA GLY C 22 20.92 34.73 -18.46
C GLY C 22 22.05 33.88 -19.00
N ALA C 23 21.77 32.59 -19.16
CA ALA C 23 22.82 31.62 -19.43
C ALA C 23 22.92 31.20 -20.88
N LYS C 24 24.16 31.21 -21.37
CA LYS C 24 24.51 30.75 -22.69
C LYS C 24 24.85 29.28 -22.54
N ASP C 25 24.20 28.41 -23.33
CA ASP C 25 24.37 26.96 -23.23
C ASP C 25 25.77 26.45 -23.60
N THR C 26 26.31 25.54 -22.78
CA THR C 26 27.66 25.02 -22.99
C THR C 26 27.72 23.70 -23.77
N LYS C 27 26.61 22.96 -23.79
CA LYS C 27 26.61 21.65 -24.45
C LYS C 27 26.92 21.86 -25.94
N PRO C 28 27.61 20.91 -26.56
CA PRO C 28 27.98 21.05 -27.98
C PRO C 28 26.77 20.82 -28.88
N MET C 29 26.83 21.27 -30.13
CA MET C 29 25.70 21.10 -31.03
C MET C 29 25.70 19.69 -31.61
N GLY C 33 26.49 21.92 -37.40
CA GLY C 33 26.81 22.59 -36.15
C GLY C 33 27.52 23.93 -36.29
N ALA C 34 28.32 24.09 -37.33
CA ALA C 34 28.99 25.36 -37.58
C ALA C 34 27.91 26.42 -37.87
N THR C 35 26.98 26.02 -38.72
CA THR C 35 25.87 26.86 -39.14
C THR C 35 24.99 27.20 -37.93
N SER C 36 24.72 26.23 -37.06
CA SER C 36 23.89 26.49 -35.89
C SER C 36 24.53 27.53 -34.97
N ARG C 37 25.84 27.43 -34.72
CA ARG C 37 26.47 28.45 -33.88
C ARG C 37 26.41 29.82 -34.55
N LYS C 38 26.69 29.90 -35.85
CA LYS C 38 26.59 31.20 -36.55
C LYS C 38 25.15 31.78 -36.53
N ALA C 39 24.15 30.92 -36.73
CA ALA C 39 22.76 31.35 -36.70
C ALA C 39 22.43 31.91 -35.32
N LEU C 40 22.93 31.23 -34.29
CA LEU C 40 22.67 31.69 -32.93
C LEU C 40 23.30 33.03 -32.66
N GLU C 41 24.53 33.24 -33.11
CA GLU C 41 25.15 34.57 -32.87
C GLU C 41 24.37 35.64 -33.64
N THR C 42 23.93 35.30 -34.85
CA THR C 42 23.15 36.26 -35.62
C THR C 42 21.88 36.66 -34.87
N LEU C 43 21.23 35.69 -34.24
CA LEU C 43 20.02 35.94 -33.45
C LEU C 43 20.35 36.82 -32.24
N ARG C 44 21.49 36.57 -31.59
CA ARG C 44 21.88 37.39 -30.44
C ARG C 44 22.05 38.85 -30.84
N ARG C 45 22.67 39.04 -32.00
CA ARG C 45 22.96 40.36 -32.50
C ARG C 45 21.67 41.12 -32.85
N VAL C 46 20.85 40.54 -33.72
CA VAL C 46 19.66 41.23 -34.24
C VAL C 46 18.41 41.22 -33.33
N GLY C 47 18.24 40.12 -32.59
CA GLY C 47 17.02 39.87 -31.85
C GLY C 47 16.59 40.76 -30.69
N ASP C 48 17.55 41.17 -29.84
CA ASP C 48 17.20 42.06 -28.74
C ASP C 48 16.69 43.37 -29.30
N GLY C 49 17.36 43.82 -30.36
CA GLY C 49 16.99 45.03 -31.06
C GLY C 49 15.61 44.91 -31.64
N VAL C 50 15.31 43.73 -32.21
CA VAL C 50 13.99 43.51 -32.80
C VAL C 50 12.95 43.64 -31.71
N GLN C 51 13.26 43.09 -30.53
CA GLN C 51 12.35 43.15 -29.38
C GLN C 51 12.11 44.59 -28.87
N ARG C 52 13.15 45.42 -28.86
CA ARG C 52 12.97 46.82 -28.45
C ARG C 52 12.09 47.51 -29.50
N ASN C 53 12.37 47.27 -30.78
CA ASN C 53 11.68 48.00 -31.83
C ASN C 53 10.18 47.67 -31.87
N HIS C 54 9.82 46.48 -31.40
CA HIS C 54 8.43 46.04 -31.48
C HIS C 54 7.82 45.95 -30.09
N GLU C 55 8.42 46.63 -29.11
CA GLU C 55 8.04 46.33 -27.75
C GLU C 55 6.56 46.61 -27.44
N THR C 56 6.00 47.67 -28.01
CA THR C 56 4.59 47.99 -27.78
C THR C 56 3.69 46.94 -28.43
N ALA C 57 3.98 46.58 -29.68
CA ALA C 57 3.19 45.58 -30.39
C ALA C 57 3.34 44.21 -29.70
N PHE C 58 4.53 43.90 -29.23
CA PHE C 58 4.78 42.64 -28.54
C PHE C 58 4.00 42.60 -27.23
N GLN C 59 3.98 43.72 -26.53
CA GLN C 59 3.26 43.74 -25.26
C GLN C 59 1.75 43.60 -25.54
N GLY C 60 1.27 44.25 -26.60
CA GLY C 60 -0.10 44.06 -27.04
C GLY C 60 -0.48 42.61 -27.33
N MET C 61 0.40 41.95 -28.09
CA MET C 61 0.18 40.57 -28.47
C MET C 61 0.19 39.66 -27.24
N LEU C 62 1.16 39.88 -26.35
CA LEU C 62 1.30 39.06 -25.14
C LEU C 62 0.04 39.24 -24.27
N ARG C 63 -0.47 40.46 -24.21
CA ARG C 63 -1.70 40.78 -23.51
C ARG C 63 -2.88 39.98 -24.06
N LYS C 64 -3.04 40.00 -25.38
CA LYS C 64 -4.15 39.28 -25.99
C LYS C 64 -4.02 37.79 -25.75
N LEU C 65 -2.81 37.26 -25.81
CA LEU C 65 -2.59 35.82 -25.65
C LEU C 65 -2.88 35.34 -24.21
N ASP C 66 -2.57 36.17 -23.21
CA ASP C 66 -2.84 35.86 -21.80
C ASP C 66 -2.30 34.47 -21.41
N ILE C 67 -1.00 34.30 -21.55
CA ILE C 67 -0.38 33.01 -21.32
C ILE C 67 -0.03 32.85 -19.85
N LYS C 68 -0.61 31.85 -19.21
CA LYS C 68 -0.39 31.59 -17.79
C LYS C 68 0.18 30.19 -17.56
N ASN C 69 -0.08 29.27 -18.48
CA ASN C 69 0.25 27.85 -18.26
C ASN C 69 0.62 27.09 -19.53
N GLU C 70 0.94 25.82 -19.36
CA GLU C 70 1.38 24.98 -20.46
C GLU C 70 0.28 24.74 -21.48
N ASP C 71 -0.95 24.63 -21.01
CA ASP C 71 -2.07 24.44 -21.93
C ASP C 71 -2.21 25.66 -22.88
N ASP C 72 -1.94 26.85 -22.34
CA ASP C 72 -2.01 28.06 -23.14
C ASP C 72 -0.97 28.01 -24.23
N VAL C 73 0.23 27.55 -23.89
CA VAL C 73 1.33 27.46 -24.84
C VAL C 73 1.00 26.45 -25.90
N LYS C 74 0.36 25.36 -25.50
CA LYS C 74 0.03 24.29 -26.42
C LYS C 74 -1.07 24.74 -27.42
N SER C 75 -1.77 25.83 -27.10
CA SER C 75 -2.86 26.31 -27.97
C SER C 75 -2.51 27.48 -28.91
N LEU C 76 -1.24 27.86 -29.01
CA LEU C 76 -0.85 29.02 -29.81
C LEU C 76 -0.86 28.82 -31.32
N SER C 77 -0.90 27.56 -31.75
CA SER C 77 -0.56 27.22 -33.13
C SER C 77 -1.42 27.90 -34.20
N ARG C 78 -2.74 27.89 -34.03
CA ARG C 78 -3.60 28.46 -35.05
C ARG C 78 -3.42 29.98 -35.22
N VAL C 79 -3.30 30.79 -34.15
CA VAL C 79 -3.00 32.22 -34.31
C VAL C 79 -1.66 32.47 -34.93
N MET C 80 -0.69 31.69 -34.46
CA MET C 80 0.68 31.84 -34.90
C MET C 80 0.69 31.69 -36.40
N ILE C 81 0.09 30.61 -36.88
CA ILE C 81 0.03 30.38 -38.33
C ILE C 81 -0.78 31.48 -39.00
N HIS C 82 -1.87 31.92 -38.37
CA HIS C 82 -2.74 32.90 -39.01
C HIS C 82 -1.99 34.21 -39.28
N VAL C 83 -1.23 34.68 -38.30
CA VAL C 83 -0.43 35.89 -38.46
C VAL C 83 0.78 35.66 -39.37
N PHE C 84 1.55 34.62 -39.11
CA PHE C 84 2.81 34.39 -39.82
C PHE C 84 2.67 34.07 -41.32
N SER C 85 1.62 33.35 -41.69
CA SER C 85 1.47 32.91 -43.06
C SER C 85 0.70 33.96 -43.88
N ASP C 86 0.32 35.04 -43.22
CA ASP C 86 -0.27 36.16 -43.92
C ASP C 86 0.81 37.04 -44.49
N GLY C 87 0.67 37.41 -45.77
CA GLY C 87 1.56 38.38 -46.35
C GLY C 87 2.73 37.73 -47.04
N VAL C 88 3.81 38.50 -47.13
CA VAL C 88 4.99 38.10 -47.87
C VAL C 88 5.98 37.39 -46.94
N THR C 89 6.82 36.52 -47.50
CA THR C 89 7.81 35.79 -46.73
C THR C 89 9.21 36.40 -46.87
N ASN C 90 9.86 36.67 -45.73
CA ASN C 90 11.25 37.13 -45.75
C ASN C 90 11.92 36.81 -44.43
N TRP C 91 13.24 36.94 -44.37
CA TRP C 91 13.96 36.60 -43.14
C TRP C 91 13.56 37.52 -41.97
N GLY C 92 13.18 38.76 -42.28
CA GLY C 92 12.82 39.69 -41.23
C GLY C 92 11.65 39.21 -40.40
N ARG C 93 10.63 38.70 -41.08
CA ARG C 93 9.46 38.19 -40.38
C ARG C 93 9.81 36.95 -39.60
N ILE C 94 10.71 36.14 -40.14
CA ILE C 94 11.20 34.99 -39.39
C ILE C 94 11.91 35.42 -38.09
N VAL C 95 12.72 36.48 -38.16
CA VAL C 95 13.34 37.01 -36.96
C VAL C 95 12.27 37.53 -35.99
N THR C 96 11.24 38.17 -36.51
CA THR C 96 10.15 38.64 -35.65
C THR C 96 9.48 37.47 -34.92
N LEU C 97 9.27 36.37 -35.63
CA LEU C 97 8.66 35.17 -35.06
C LEU C 97 9.48 34.64 -33.88
N ILE C 98 10.76 34.46 -34.15
CA ILE C 98 11.66 33.96 -33.11
C ILE C 98 11.82 34.93 -31.95
N SER C 99 11.89 36.21 -32.30
CA SER C 99 12.07 37.29 -31.32
C SER C 99 10.91 37.40 -30.37
N PHE C 100 9.71 37.31 -30.90
CA PHE C 100 8.55 37.32 -30.04
C PHE C 100 8.59 36.07 -29.21
N GLY C 101 9.12 34.98 -29.78
CA GLY C 101 9.28 33.78 -29.00
C GLY C 101 10.14 34.03 -27.75
N ALA C 102 11.23 34.76 -27.93
CA ALA C 102 12.09 35.10 -26.79
C ALA C 102 11.32 35.98 -25.81
N PHE C 103 10.55 36.93 -26.34
CA PHE C 103 9.77 37.81 -25.49
C PHE C 103 8.81 36.98 -24.60
N VAL C 104 8.12 36.03 -25.21
CA VAL C 104 7.22 35.14 -24.48
C VAL C 104 8.02 34.30 -23.49
N ALA C 105 9.20 33.84 -23.88
CA ALA C 105 10.01 33.01 -22.99
C ALA C 105 10.36 33.76 -21.70
N LYS C 106 10.72 35.04 -21.85
CA LYS C 106 11.04 35.86 -20.67
C LYS C 106 9.79 35.99 -19.81
N HIS C 107 8.64 36.18 -20.44
CA HIS C 107 7.40 36.24 -19.65
C HIS C 107 7.15 34.96 -18.85
N LEU C 108 7.38 33.81 -19.48
CA LEU C 108 7.18 32.52 -18.84
C LEU C 108 8.12 32.34 -17.65
N LYS C 109 9.36 32.77 -17.79
CA LYS C 109 10.30 32.68 -16.69
C LYS C 109 9.78 33.54 -15.55
N THR C 110 9.25 34.72 -15.88
CA THR C 110 8.76 35.67 -14.87
C THR C 110 7.61 35.12 -14.01
N ILE C 111 6.72 34.36 -14.62
CA ILE C 111 5.57 33.82 -13.89
C ILE C 111 5.87 32.41 -13.43
N ASN C 112 7.16 32.12 -13.31
CA ASN C 112 7.62 30.86 -12.74
C ASN C 112 7.04 29.68 -13.53
N GLN C 113 7.07 29.79 -14.85
CA GLN C 113 6.62 28.72 -15.73
C GLN C 113 7.71 28.35 -16.70
N GLU C 114 8.94 28.26 -16.23
CA GLU C 114 10.07 28.06 -17.13
C GLU C 114 9.96 26.76 -17.93
N SER C 115 9.34 25.72 -17.37
CA SER C 115 9.20 24.43 -18.05
C SER C 115 8.42 24.55 -19.37
N CYS C 116 7.61 25.60 -19.50
CA CYS C 116 6.82 25.82 -20.71
C CYS C 116 7.67 26.29 -21.89
N ILE C 117 8.92 26.66 -21.64
CA ILE C 117 9.76 27.20 -22.71
C ILE C 117 10.02 26.19 -23.83
N GLU C 118 10.32 24.95 -23.49
CA GLU C 118 10.61 23.98 -24.53
C GLU C 118 9.37 23.68 -25.40
N PRO C 119 8.17 23.52 -24.79
CA PRO C 119 7.02 23.39 -25.69
C PRO C 119 6.84 24.61 -26.60
N LEU C 120 7.09 25.81 -26.08
CA LEU C 120 7.00 27.02 -26.87
C LEU C 120 7.97 26.90 -28.05
N ALA C 121 9.19 26.46 -27.79
CA ALA C 121 10.15 26.34 -28.88
C ALA C 121 9.66 25.34 -29.92
N GLU C 122 9.09 24.22 -29.45
CA GLU C 122 8.63 23.21 -30.37
C GLU C 122 7.51 23.76 -31.22
N SER C 123 6.62 24.52 -30.60
CA SER C 123 5.49 25.05 -31.35
C SER C 123 6.01 26.02 -32.41
N ILE C 124 6.95 26.85 -32.00
CA ILE C 124 7.48 27.82 -32.95
C ILE C 124 8.16 27.07 -34.12
N THR C 125 8.95 26.06 -33.79
CA THR C 125 9.67 25.38 -34.85
C THR C 125 8.65 24.76 -35.79
N ASP C 126 7.62 24.19 -35.16
CA ASP C 126 6.61 23.50 -35.94
C ASP C 126 5.97 24.44 -36.92
N VAL C 127 5.62 25.63 -36.46
CA VAL C 127 4.95 26.57 -37.35
C VAL C 127 5.93 26.98 -38.45
N LEU C 128 7.17 27.28 -38.05
CA LEU C 128 8.13 27.84 -38.99
C LEU C 128 8.35 26.91 -40.14
N VAL C 129 8.64 25.67 -39.81
CA VAL C 129 8.94 24.63 -40.77
C VAL C 129 7.69 24.21 -41.55
N ARG C 130 6.53 24.12 -40.90
CA ARG C 130 5.36 23.69 -41.68
C ARG C 130 4.94 24.78 -42.68
N THR C 131 4.97 26.06 -42.29
CA THR C 131 4.52 27.14 -43.20
C THR C 131 5.55 27.61 -44.23
N LYS C 132 6.84 27.56 -43.90
CA LYS C 132 7.86 28.13 -44.79
C LYS C 132 8.88 27.12 -45.36
N ARG C 133 8.55 25.83 -45.31
CA ARG C 133 9.52 24.77 -45.64
C ARG C 133 10.20 25.01 -46.97
N ASP C 134 9.40 25.15 -48.01
CA ASP C 134 9.93 25.26 -49.36
C ASP C 134 10.74 26.54 -49.46
N TRP C 135 10.23 27.64 -48.89
CA TRP C 135 10.97 28.89 -48.97
C TRP C 135 12.30 28.73 -48.27
N LEU C 136 12.26 28.08 -47.09
CA LEU C 136 13.48 27.89 -46.32
C LEU C 136 14.49 27.11 -47.16
N VAL C 137 14.01 26.09 -47.87
CA VAL C 137 14.89 25.27 -48.68
C VAL C 137 15.44 26.11 -49.83
N LYS C 138 14.59 26.92 -50.45
CA LYS C 138 15.02 27.71 -51.61
C LYS C 138 16.10 28.67 -51.19
N GLN C 139 16.03 29.13 -49.94
CA GLN C 139 16.99 30.09 -49.43
C GLN C 139 18.20 29.43 -48.75
N ARG C 140 18.38 28.13 -48.94
CA ARG C 140 19.55 27.42 -48.41
C ARG C 140 19.56 27.44 -46.85
N GLY C 141 18.37 27.47 -46.28
CA GLY C 141 18.20 27.31 -44.84
C GLY C 141 18.94 28.27 -43.95
N TRP C 142 19.46 27.73 -42.85
CA TRP C 142 20.12 28.54 -41.86
C TRP C 142 21.43 29.17 -42.38
N ASP C 143 22.08 28.51 -43.34
CA ASP C 143 23.24 29.11 -44.00
C ASP C 143 22.80 30.41 -44.66
N GLY C 144 21.66 30.33 -45.36
CA GLY C 144 21.08 31.48 -46.02
C GLY C 144 20.75 32.56 -45.02
N PHE C 145 20.29 32.13 -43.85
CA PHE C 145 19.91 33.07 -42.80
C PHE C 145 21.13 33.88 -42.38
N VAL C 146 22.22 33.18 -42.12
CA VAL C 146 23.46 33.80 -41.66
C VAL C 146 24.02 34.74 -42.73
N GLU C 147 24.03 34.29 -43.97
CA GLU C 147 24.53 35.13 -45.06
C GLU C 147 23.69 36.38 -45.23
N PHE C 148 22.38 36.27 -45.09
CA PHE C 148 21.49 37.38 -45.32
C PHE C 148 21.77 38.52 -44.35
N PHE C 149 22.10 38.17 -43.11
CA PHE C 149 22.24 39.16 -42.07
C PHE C 149 23.70 39.50 -41.83
N HIS C 150 24.55 39.11 -42.77
CA HIS C 150 25.96 39.36 -42.61
C HIS C 150 26.27 40.86 -42.53
N VAL C 151 25.49 41.68 -43.24
CA VAL C 151 25.74 43.13 -43.22
C VAL C 151 24.86 43.91 -42.24
N GLU C 152 23.99 43.19 -41.53
CA GLU C 152 23.09 43.67 -40.45
C GLU C 152 21.79 44.31 -40.95
N GLY D 1 18.88 18.24 28.64
CA GLY D 1 18.57 19.65 28.86
C GLY D 1 17.10 19.93 29.02
N ASP D 2 16.43 18.93 29.58
CA ASP D 2 15.00 18.94 29.88
C ASP D 2 14.13 19.50 28.79
N GLU D 3 13.24 20.42 29.17
CA GLU D 3 12.17 20.78 28.26
C GLU D 3 12.67 21.47 26.99
N LEU D 4 13.67 22.34 27.10
CA LEU D 4 14.23 22.96 25.92
C LEU D 4 14.80 21.89 24.99
N TYR D 5 15.50 20.93 25.56
CA TYR D 5 16.04 19.85 24.76
C TYR D 5 14.91 19.05 24.12
N ARG D 6 13.89 18.70 24.90
CA ARG D 6 12.79 17.84 24.42
C ARG D 6 12.08 18.49 23.25
N GLN D 7 11.77 19.78 23.42
CA GLN D 7 11.08 20.58 22.40
C GLN D 7 11.92 20.71 21.13
N SER D 8 13.20 21.01 21.34
CA SER D 8 14.10 21.21 20.20
C SER D 8 14.20 19.95 19.38
N LEU D 9 14.36 18.81 20.06
CA LEU D 9 14.46 17.52 19.39
C LEU D 9 13.17 17.22 18.63
N GLU D 10 12.04 17.52 19.25
CA GLU D 10 10.73 17.27 18.64
C GLU D 10 10.59 18.04 17.33
N ILE D 11 10.89 19.33 17.40
CA ILE D 11 10.77 20.22 16.26
C ILE D 11 11.72 19.81 15.15
N ILE D 12 12.99 19.59 15.48
CA ILE D 12 14.03 19.27 14.50
C ILE D 12 13.82 17.90 13.84
N SER D 13 13.44 16.91 14.64
CA SER D 13 13.13 15.59 14.13
C SER D 13 11.97 15.69 13.14
N ARG D 14 10.92 16.38 13.57
CA ARG D 14 9.77 16.45 12.71
C ARG D 14 10.06 17.20 11.42
N TYR D 15 10.80 18.31 11.49
CA TYR D 15 11.09 19.04 10.28
C TYR D 15 11.95 18.23 9.32
N LEU D 16 13.00 17.55 9.81
CA LEU D 16 13.87 16.76 8.93
C LEU D 16 13.10 15.59 8.31
N ARG D 17 12.28 14.90 9.11
CA ARG D 17 11.49 13.78 8.58
C ARG D 17 10.47 14.26 7.54
N GLU D 18 9.81 15.37 7.84
CA GLU D 18 8.84 15.97 6.92
C GLU D 18 9.49 16.34 5.59
N GLN D 19 10.66 16.96 5.67
CA GLN D 19 11.36 17.39 4.48
C GLN D 19 11.80 16.18 3.67
N ALA D 20 12.19 15.12 4.36
CA ALA D 20 12.66 13.90 3.68
C ALA D 20 11.53 13.11 2.99
N THR D 21 10.35 13.06 3.61
CA THR D 21 9.26 12.22 3.10
C THR D 21 8.05 12.88 2.45
N GLY D 22 7.98 14.21 2.43
CA GLY D 22 6.85 14.90 1.82
C GLY D 22 5.55 14.53 2.46
N ALA D 23 5.55 14.47 3.80
CA ALA D 23 4.40 14.00 4.55
C ALA D 23 4.39 14.63 5.93
N LYS D 24 3.24 15.09 6.38
CA LYS D 24 3.13 15.66 7.72
C LYS D 24 2.84 14.60 8.77
N ASP D 25 3.66 14.58 9.81
CA ASP D 25 3.48 13.66 10.92
C ASP D 25 2.16 14.04 11.57
N THR D 26 1.30 13.06 11.79
CA THR D 26 -0.02 13.34 12.32
C THR D 26 -0.05 13.16 13.83
N LYS D 27 0.94 12.46 14.38
CA LYS D 27 0.93 12.25 15.82
C LYS D 27 1.04 13.57 16.55
N PRO D 28 0.40 13.65 17.72
CA PRO D 28 0.31 14.89 18.52
C PRO D 28 1.63 15.25 19.23
N MET D 29 1.78 16.53 19.57
CA MET D 29 3.00 17.02 20.17
C MET D 29 3.05 16.80 21.67
N GLY D 33 0.78 22.20 22.85
CA GLY D 33 1.80 22.03 21.82
C GLY D 33 1.78 23.12 20.76
N ALA D 34 1.23 24.28 21.14
CA ALA D 34 1.11 25.42 20.24
C ALA D 34 2.47 25.90 19.74
N THR D 35 3.42 25.93 20.67
CA THR D 35 4.75 26.43 20.34
C THR D 35 5.43 25.60 19.28
N SER D 36 5.43 24.26 19.43
CA SER D 36 6.13 23.41 18.47
C SER D 36 5.53 23.53 17.08
N ARG D 37 4.19 23.52 16.99
CA ARG D 37 3.52 23.64 15.70
C ARG D 37 3.85 24.99 15.06
N LYS D 38 3.80 26.06 15.84
CA LYS D 38 4.13 27.39 15.29
C LYS D 38 5.59 27.43 14.81
N ALA D 39 6.49 26.83 15.58
CA ALA D 39 7.91 26.78 15.21
C ALA D 39 8.08 25.99 13.92
N LEU D 40 7.34 24.90 13.81
CA LEU D 40 7.40 24.02 12.67
C LEU D 40 6.89 24.72 11.39
N GLU D 41 5.80 25.50 11.52
CA GLU D 41 5.26 26.27 10.40
C GLU D 41 6.28 27.32 9.96
N THR D 42 6.87 27.99 10.96
CA THR D 42 7.85 29.03 10.73
C THR D 42 9.05 28.45 9.99
N LEU D 43 9.43 27.26 10.42
CA LEU D 43 10.55 26.53 9.88
C LEU D 43 10.25 26.14 8.44
N ARG D 44 9.02 25.72 8.18
CA ARG D 44 8.63 25.32 6.83
C ARG D 44 8.83 26.49 5.87
N ARG D 45 8.45 27.68 6.33
CA ARG D 45 8.60 28.90 5.53
C ARG D 45 10.08 29.32 5.32
N VAL D 46 10.75 29.64 6.43
CA VAL D 46 12.06 30.27 6.37
C VAL D 46 13.14 29.24 5.99
N GLY D 47 12.94 28.02 6.43
CA GLY D 47 13.90 26.95 6.20
C GLY D 47 13.96 26.58 4.73
N ASP D 48 12.78 26.47 4.12
CA ASP D 48 12.70 26.17 2.70
C ASP D 48 13.30 27.34 1.93
N GLY D 49 13.06 28.56 2.42
CA GLY D 49 13.67 29.70 1.75
C GLY D 49 15.19 29.62 1.74
N VAL D 50 15.77 29.28 2.89
CA VAL D 50 17.22 29.15 3.02
C VAL D 50 17.77 28.01 2.16
N GLN D 51 17.08 26.89 2.07
CA GLN D 51 17.58 25.81 1.25
C GLN D 51 17.61 26.27 -0.21
N ARG D 52 16.60 27.03 -0.64
CA ARG D 52 16.61 27.53 -2.02
C ARG D 52 17.75 28.52 -2.29
N ASN D 53 17.88 29.51 -1.42
CA ASN D 53 18.84 30.58 -1.63
C ASN D 53 20.29 30.20 -1.44
N HIS D 54 20.54 29.13 -0.69
CA HIS D 54 21.91 28.71 -0.38
C HIS D 54 22.24 27.36 -1.01
N GLU D 55 21.46 26.97 -2.02
CA GLU D 55 21.52 25.61 -2.52
C GLU D 55 22.91 25.26 -3.05
N THR D 56 23.58 26.25 -3.63
CA THR D 56 24.90 26.00 -4.19
C THR D 56 25.87 25.60 -3.08
N ALA D 57 25.88 26.40 -2.02
CA ALA D 57 26.75 26.15 -0.88
C ALA D 57 26.35 24.86 -0.16
N PHE D 58 25.05 24.60 -0.05
CA PHE D 58 24.59 23.39 0.59
C PHE D 58 25.03 22.15 -0.21
N GLN D 59 24.92 22.18 -1.54
CA GLN D 59 25.27 20.98 -2.30
C GLN D 59 26.78 20.80 -2.21
N GLY D 60 27.51 21.92 -2.20
CA GLY D 60 28.94 21.87 -1.94
C GLY D 60 29.34 21.23 -0.62
N MET D 61 28.69 21.66 0.46
CA MET D 61 29.01 21.14 1.79
C MET D 61 28.65 19.66 1.83
N LEU D 62 27.48 19.29 1.29
CA LEU D 62 27.06 17.90 1.26
C LEU D 62 28.05 17.01 0.48
N ARG D 63 28.49 17.51 -0.66
CA ARG D 63 29.38 16.76 -1.52
C ARG D 63 30.67 16.52 -0.73
N LYS D 64 31.11 17.58 -0.06
CA LYS D 64 32.30 17.52 0.77
C LYS D 64 32.24 16.55 1.94
N LEU D 65 31.08 16.50 2.60
CA LEU D 65 30.90 15.62 3.75
C LEU D 65 30.93 14.19 3.29
N ASP D 66 30.40 13.94 2.08
CA ASP D 66 30.47 12.64 1.42
C ASP D 66 29.96 11.52 2.32
N ILE D 67 28.69 11.64 2.68
CA ILE D 67 28.04 10.80 3.67
C ILE D 67 27.44 9.58 2.98
N LYS D 68 27.84 8.38 3.40
CA LYS D 68 27.40 7.14 2.77
C LYS D 68 26.68 6.18 3.74
N ASN D 69 26.98 6.29 5.02
CA ASN D 69 26.48 5.32 6.01
C ASN D 69 26.24 5.95 7.36
N GLU D 70 25.78 5.12 8.32
CA GLU D 70 25.47 5.66 9.64
C GLU D 70 26.71 6.20 10.33
N ASP D 71 27.85 5.56 10.10
CA ASP D 71 29.11 5.99 10.71
C ASP D 71 29.47 7.40 10.23
N ASP D 72 29.21 7.68 8.96
CA ASP D 72 29.47 9.01 8.40
C ASP D 72 28.58 10.06 9.10
N VAL D 73 27.35 9.69 9.42
CA VAL D 73 26.42 10.56 10.14
C VAL D 73 26.84 10.79 11.59
N LYS D 74 27.24 9.72 12.27
CA LYS D 74 27.60 9.80 13.68
C LYS D 74 28.88 10.56 13.94
N SER D 75 29.66 10.78 12.89
CA SER D 75 30.93 11.48 13.06
C SER D 75 30.85 12.96 12.71
N LEU D 76 29.66 13.44 12.36
CA LEU D 76 29.53 14.84 11.92
C LEU D 76 29.63 15.90 12.99
N SER D 77 29.54 15.50 14.25
CA SER D 77 29.30 16.46 15.31
C SER D 77 30.38 17.56 15.36
N ARG D 78 31.66 17.19 15.31
CA ARG D 78 32.68 18.20 15.41
C ARG D 78 32.68 19.11 14.18
N VAL D 79 32.34 18.58 13.01
CA VAL D 79 32.25 19.43 11.82
C VAL D 79 31.14 20.49 12.05
N MET D 80 30.03 20.08 12.64
CA MET D 80 28.92 21.01 12.89
C MET D 80 29.47 22.09 13.80
N ILE D 81 30.15 21.64 14.86
CA ILE D 81 30.68 22.58 15.84
C ILE D 81 31.69 23.48 15.16
N HIS D 82 32.44 22.91 14.23
CA HIS D 82 33.49 23.69 13.61
C HIS D 82 32.92 24.91 12.92
N VAL D 83 31.81 24.74 12.21
CA VAL D 83 31.20 25.88 11.53
C VAL D 83 30.35 26.72 12.46
N PHE D 84 29.50 26.06 13.25
CA PHE D 84 28.48 26.71 14.09
C PHE D 84 29.02 27.55 15.26
N SER D 85 30.12 27.12 15.88
CA SER D 85 30.62 27.79 17.08
C SER D 85 31.51 28.96 16.70
N ASP D 86 31.74 29.09 15.41
CA ASP D 86 32.48 30.25 14.91
C ASP D 86 31.51 31.42 14.70
N GLY D 87 31.84 32.59 15.22
CA GLY D 87 31.12 33.80 14.88
C GLY D 87 29.96 34.16 15.79
N VAL D 88 29.04 34.95 15.24
CA VAL D 88 27.97 35.48 16.05
C VAL D 88 26.77 34.57 16.02
N THR D 89 25.99 34.61 17.08
CA THR D 89 24.82 33.79 17.19
C THR D 89 23.56 34.58 16.86
N ASN D 90 22.75 34.03 15.97
CA ASN D 90 21.45 34.60 15.69
C ASN D 90 20.56 33.52 15.14
N TRP D 91 19.27 33.82 15.09
CA TRP D 91 18.30 32.85 14.65
C TRP D 91 18.54 32.43 13.21
N GLY D 92 19.11 33.34 12.40
CA GLY D 92 19.37 33.06 10.99
C GLY D 92 20.33 31.88 10.85
N ARG D 93 21.36 31.90 11.68
CA ARG D 93 22.35 30.83 11.70
C ARG D 93 21.75 29.52 12.20
N ILE D 94 20.88 29.60 13.19
CA ILE D 94 20.14 28.42 13.68
C ILE D 94 19.25 27.81 12.59
N VAL D 95 18.61 28.67 11.80
CA VAL D 95 17.85 28.19 10.64
C VAL D 95 18.80 27.55 9.64
N THR D 96 19.96 28.16 9.45
CA THR D 96 20.92 27.58 8.50
C THR D 96 21.29 26.16 8.94
N LEU D 97 21.53 25.98 10.24
CA LEU D 97 21.88 24.68 10.82
C LEU D 97 20.77 23.65 10.58
N ILE D 98 19.54 24.01 10.94
CA ILE D 98 18.44 23.06 10.79
C ILE D 98 18.09 22.78 9.31
N SER D 99 18.07 23.82 8.49
CA SER D 99 17.72 23.70 7.07
C SER D 99 18.75 22.88 6.34
N PHE D 100 20.03 23.06 6.68
CA PHE D 100 21.02 22.17 6.11
C PHE D 100 20.82 20.75 6.61
N GLY D 101 20.37 20.60 7.84
CA GLY D 101 20.03 19.28 8.32
C GLY D 101 18.95 18.63 7.44
N ALA D 102 17.93 19.40 7.04
CA ALA D 102 16.87 18.87 6.17
C ALA D 102 17.44 18.50 4.82
N PHE D 103 18.34 19.34 4.33
CA PHE D 103 19.02 19.10 3.07
C PHE D 103 19.73 17.72 3.13
N VAL D 104 20.45 17.49 4.21
CA VAL D 104 21.16 16.23 4.42
C VAL D 104 20.17 15.06 4.54
N ALA D 105 19.08 15.29 5.26
CA ALA D 105 18.10 14.24 5.51
C ALA D 105 17.50 13.76 4.20
N LYS D 106 17.23 14.70 3.30
CA LYS D 106 16.71 14.37 1.97
C LYS D 106 17.72 13.55 1.24
N HIS D 107 18.98 13.96 1.35
CA HIS D 107 20.01 13.16 0.70
C HIS D 107 20.05 11.73 1.27
N LEU D 108 19.92 11.60 2.58
CA LEU D 108 19.97 10.28 3.21
C LEU D 108 18.81 9.42 2.70
N LYS D 109 17.66 10.05 2.51
CA LYS D 109 16.49 9.34 2.01
C LYS D 109 16.83 8.82 0.61
N THR D 110 17.53 9.64 -0.17
CA THR D 110 17.91 9.25 -1.53
C THR D 110 18.77 7.98 -1.61
N ILE D 111 19.71 7.82 -0.68
CA ILE D 111 20.65 6.69 -0.71
C ILE D 111 20.24 5.56 0.25
N ASN D 112 18.95 5.50 0.54
CA ASN D 112 18.38 4.46 1.39
C ASN D 112 19.02 4.45 2.78
N GLN D 113 19.21 5.62 3.35
CA GLN D 113 19.72 5.67 4.71
C GLN D 113 18.77 6.46 5.57
N GLU D 114 17.48 6.22 5.37
CA GLU D 114 16.43 6.95 6.06
C GLU D 114 16.54 6.75 7.56
N SER D 115 17.04 5.58 7.95
CA SER D 115 17.21 5.25 9.36
C SER D 115 18.18 6.22 10.05
N CYS D 116 19.03 6.87 9.25
CA CYS D 116 19.98 7.84 9.77
C CYS D 116 19.36 9.19 10.10
N ILE D 117 18.13 9.45 9.68
CA ILE D 117 17.57 10.77 9.88
C ILE D 117 17.37 11.13 11.37
N GLU D 118 16.88 10.20 12.17
CA GLU D 118 16.67 10.49 13.58
C GLU D 118 17.99 10.70 14.36
N PRO D 119 19.01 9.85 14.15
CA PRO D 119 20.29 10.19 14.76
C PRO D 119 20.82 11.56 14.28
N LEU D 120 20.65 11.87 13.00
CA LEU D 120 21.08 13.17 12.51
C LEU D 120 20.39 14.28 13.31
N ALA D 121 19.10 14.13 13.51
CA ALA D 121 18.34 15.11 14.25
C ALA D 121 18.89 15.22 15.68
N GLU D 122 19.20 14.07 16.27
CA GLU D 122 19.72 13.99 17.62
C GLU D 122 21.03 14.75 17.67
N SER D 123 21.83 14.56 16.63
CA SER D 123 23.14 15.20 16.65
C SER D 123 22.96 16.71 16.55
N ILE D 124 22.04 17.14 15.69
CA ILE D 124 21.85 18.58 15.48
C ILE D 124 21.38 19.24 16.78
N THR D 125 20.40 18.61 17.39
CA THR D 125 19.84 19.12 18.63
C THR D 125 20.94 19.18 19.69
N ASP D 126 21.77 18.14 19.76
CA ASP D 126 22.81 18.14 20.78
C ASP D 126 23.74 19.34 20.55
N VAL D 127 24.11 19.57 19.30
CA VAL D 127 24.98 20.68 19.01
C VAL D 127 24.31 21.99 19.37
N LEU D 128 23.03 22.10 19.01
CA LEU D 128 22.33 23.36 19.19
C LEU D 128 22.16 23.72 20.66
N VAL D 129 21.59 22.78 21.40
CA VAL D 129 21.26 23.01 22.79
C VAL D 129 22.50 23.08 23.71
N ARG D 130 23.50 22.23 23.48
CA ARG D 130 24.71 22.32 24.28
C ARG D 130 25.47 23.61 24.07
N THR D 131 25.71 24.00 22.82
CA THR D 131 26.51 25.20 22.57
C THR D 131 25.79 26.53 22.70
N LYS D 132 24.48 26.59 22.48
CA LYS D 132 23.80 27.87 22.49
C LYS D 132 22.74 27.96 23.61
N ARG D 133 22.89 27.15 24.64
CA ARG D 133 21.88 27.02 25.68
C ARG D 133 21.48 28.36 26.30
N ASP D 134 22.44 29.13 26.76
CA ASP D 134 22.12 30.38 27.43
C ASP D 134 21.53 31.44 26.48
N TRP D 135 22.03 31.50 25.25
CA TRP D 135 21.49 32.42 24.26
C TRP D 135 20.04 32.04 23.97
N LEU D 136 19.79 30.75 23.81
CA LEU D 136 18.44 30.26 23.55
C LEU D 136 17.51 30.59 24.72
N VAL D 137 18.02 30.44 25.94
CA VAL D 137 17.15 30.74 27.09
C VAL D 137 16.84 32.22 27.07
N LYS D 138 17.86 33.04 26.80
CA LYS D 138 17.68 34.50 26.77
C LYS D 138 16.71 34.95 25.69
N GLN D 139 16.69 34.27 24.56
CA GLN D 139 15.82 34.65 23.46
C GLN D 139 14.43 34.02 23.58
N ARG D 140 14.11 33.48 24.75
CA ARG D 140 12.82 32.88 25.02
C ARG D 140 12.57 31.62 24.21
N GLY D 141 13.64 30.93 23.83
CA GLY D 141 13.51 29.65 23.16
C GLY D 141 12.70 29.69 21.87
N TRP D 142 11.89 28.67 21.66
CA TRP D 142 11.12 28.52 20.42
C TRP D 142 9.99 29.53 20.26
N ASP D 143 9.43 29.98 21.38
CA ASP D 143 8.47 31.08 21.33
C ASP D 143 9.19 32.32 20.75
N GLY D 144 10.40 32.57 21.21
CA GLY D 144 11.22 33.67 20.69
C GLY D 144 11.54 33.51 19.21
N PHE D 145 11.77 32.28 18.78
CA PHE D 145 12.04 31.96 17.37
C PHE D 145 10.83 32.33 16.48
N VAL D 146 9.66 31.90 16.94
CA VAL D 146 8.40 32.15 16.24
C VAL D 146 8.14 33.65 16.16
N GLU D 147 8.32 34.33 17.29
CA GLU D 147 8.10 35.78 17.37
C GLU D 147 9.09 36.52 16.45
N PHE D 148 10.32 36.04 16.42
CA PHE D 148 11.34 36.66 15.59
C PHE D 148 10.99 36.60 14.10
N PHE D 149 10.37 35.51 13.65
CA PHE D 149 10.07 35.39 12.21
C PHE D 149 8.57 35.66 11.90
N HIS D 150 7.86 36.18 12.88
CA HIS D 150 6.44 36.47 12.75
C HIS D 150 6.17 37.53 11.67
N VAL D 151 5.41 37.16 10.63
CA VAL D 151 5.03 38.08 9.57
C VAL D 151 3.58 38.58 9.74
N GLY E 1 12.90 -41.00 -1.82
CA GLY E 1 13.19 -41.49 -0.49
C GLY E 1 14.64 -41.56 -0.12
N ASP E 2 15.32 -42.51 -0.77
CA ASP E 2 16.76 -42.79 -0.58
C ASP E 2 17.19 -42.76 0.87
N GLU E 3 18.28 -42.07 1.19
CA GLU E 3 18.91 -42.30 2.49
C GLU E 3 18.02 -41.98 3.69
N LEU E 4 17.25 -40.90 3.62
CA LEU E 4 16.31 -40.58 4.68
C LEU E 4 15.27 -41.69 4.80
N TYR E 5 14.76 -42.15 3.66
CA TYR E 5 13.82 -43.25 3.70
C TYR E 5 14.45 -44.50 4.33
N ARG E 6 15.64 -44.86 3.88
CA ARG E 6 16.29 -46.09 4.33
C ARG E 6 16.57 -46.05 5.81
N GLN E 7 17.12 -44.93 6.28
CA GLN E 7 17.42 -44.82 7.70
C GLN E 7 16.15 -44.83 8.54
N SER E 8 15.12 -44.13 8.05
CA SER E 8 13.86 -44.08 8.78
C SER E 8 13.24 -45.47 8.90
N LEU E 9 13.26 -46.22 7.80
CA LEU E 9 12.72 -47.58 7.79
C LEU E 9 13.48 -48.46 8.75
N GLU E 10 14.81 -48.31 8.80
CA GLU E 10 15.64 -49.12 9.69
C GLU E 10 15.28 -48.85 11.15
N ILE E 11 15.22 -47.58 11.52
CA ILE E 11 14.90 -47.18 12.88
C ILE E 11 13.49 -47.62 13.28
N ILE E 12 12.51 -47.33 12.43
CA ILE E 12 11.12 -47.62 12.77
C ILE E 12 10.87 -49.14 12.83
N SER E 13 11.38 -49.87 11.84
CA SER E 13 11.25 -51.31 11.82
C SER E 13 11.90 -51.95 13.05
N ARG E 14 13.12 -51.52 13.38
CA ARG E 14 13.78 -52.11 14.55
C ARG E 14 13.01 -51.78 15.83
N TYR E 15 12.55 -50.55 15.96
CA TYR E 15 11.81 -50.20 17.17
C TYR E 15 10.54 -51.04 17.32
N LEU E 16 9.78 -51.17 16.25
CA LEU E 16 8.54 -51.96 16.35
C LEU E 16 8.80 -53.45 16.63
N ARG E 17 9.76 -54.04 15.92
CA ARG E 17 10.07 -55.45 16.09
C ARG E 17 10.56 -55.70 17.52
N GLU E 18 11.40 -54.78 18.00
CA GLU E 18 11.92 -54.84 19.34
C GLU E 18 10.80 -54.74 20.37
N GLN E 19 9.87 -53.80 20.16
CA GLN E 19 8.79 -53.59 21.11
C GLN E 19 7.87 -54.80 21.20
N ALA E 20 7.65 -55.41 20.05
CA ALA E 20 6.77 -56.57 19.97
C ALA E 20 7.38 -57.82 20.58
N THR E 21 8.68 -58.03 20.41
CA THR E 21 9.26 -59.28 20.88
C THR E 21 10.08 -59.19 22.17
N GLY E 22 10.65 -58.03 22.46
CA GLY E 22 11.44 -57.82 23.67
C GLY E 22 12.91 -58.13 23.41
N ALA E 23 13.23 -58.33 22.13
CA ALA E 23 14.58 -58.68 21.70
C ALA E 23 15.22 -57.49 20.99
N LYS E 24 16.49 -57.19 21.32
CA LYS E 24 17.23 -56.14 20.63
C LYS E 24 17.98 -56.76 19.45
N ASP E 25 17.78 -56.20 18.26
CA ASP E 25 18.43 -56.74 17.08
C ASP E 25 19.93 -56.51 17.21
N THR E 26 20.71 -57.56 17.00
CA THR E 26 22.16 -57.49 17.16
C THR E 26 22.84 -57.26 15.82
N LYS E 27 22.10 -57.45 14.73
CA LYS E 27 22.66 -57.28 13.40
C LYS E 27 23.17 -55.84 13.38
N PRO E 28 24.26 -55.59 12.66
CA PRO E 28 24.81 -54.24 12.70
C PRO E 28 23.95 -53.26 11.90
N MET E 29 24.08 -51.98 12.18
CA MET E 29 23.31 -51.01 11.40
C MET E 29 24.06 -50.71 10.12
N GLY E 30 23.32 -50.47 9.04
CA GLY E 30 23.92 -50.07 7.79
C GLY E 30 24.44 -48.64 7.83
N ARG E 31 25.67 -48.46 7.35
CA ARG E 31 26.43 -47.20 7.32
C ARG E 31 26.31 -46.12 8.43
N SER E 32 25.09 -45.73 8.81
CA SER E 32 24.87 -44.65 9.77
C SER E 32 24.56 -45.14 11.16
N GLY E 33 25.28 -46.16 11.61
CA GLY E 33 24.94 -46.81 12.85
C GLY E 33 24.89 -45.90 14.06
N ALA E 34 25.73 -44.87 14.13
CA ALA E 34 25.73 -44.02 15.32
C ALA E 34 24.41 -43.28 15.49
N THR E 35 23.93 -42.66 14.41
CA THR E 35 22.67 -41.94 14.46
C THR E 35 21.48 -42.88 14.66
N SER E 36 21.43 -43.97 13.93
CA SER E 36 20.31 -44.90 14.08
C SER E 36 20.27 -45.48 15.49
N ARG E 37 21.44 -45.80 16.04
CA ARG E 37 21.50 -46.31 17.42
C ARG E 37 21.00 -45.26 18.39
N LYS E 38 21.45 -44.02 18.21
CA LYS E 38 21.03 -42.96 19.11
C LYS E 38 19.54 -42.75 19.01
N ALA E 39 19.03 -42.81 17.79
CA ALA E 39 17.62 -42.63 17.52
C ALA E 39 16.82 -43.74 18.20
N LEU E 40 17.31 -44.97 18.12
CA LEU E 40 16.64 -46.08 18.79
C LEU E 40 16.63 -45.90 20.29
N GLU E 41 17.74 -45.46 20.86
CA GLU E 41 17.80 -45.22 22.30
C GLU E 41 16.77 -44.17 22.71
N THR E 42 16.74 -43.12 21.90
CA THR E 42 15.84 -42.01 22.15
C THR E 42 14.42 -42.51 22.09
N LEU E 43 14.17 -43.33 21.09
CA LEU E 43 12.84 -43.85 20.82
C LEU E 43 12.40 -44.76 22.00
N ARG E 44 13.35 -45.51 22.55
CA ARG E 44 13.08 -46.39 23.68
C ARG E 44 12.62 -45.53 24.86
N ARG E 45 13.28 -44.39 25.04
CA ARG E 45 12.91 -43.51 26.15
C ARG E 45 11.54 -42.83 25.93
N VAL E 46 11.47 -42.04 24.86
CA VAL E 46 10.33 -41.16 24.65
C VAL E 46 9.12 -41.95 24.20
N GLY E 47 9.38 -42.97 23.39
CA GLY E 47 8.31 -43.78 22.81
C GLY E 47 7.57 -44.61 23.85
N ASP E 48 8.33 -45.23 24.76
CA ASP E 48 7.71 -46.01 25.82
C ASP E 48 6.93 -45.05 26.70
N GLY E 49 7.52 -43.86 26.93
CA GLY E 49 6.80 -42.88 27.74
C GLY E 49 5.46 -42.49 27.12
N VAL E 50 5.46 -42.26 25.81
CA VAL E 50 4.23 -41.89 25.11
C VAL E 50 3.23 -43.02 25.17
N GLN E 51 3.69 -44.26 25.05
CA GLN E 51 2.75 -45.38 25.14
C GLN E 51 2.07 -45.49 26.49
N ARG E 52 2.80 -45.26 27.59
CA ARG E 52 2.08 -45.24 28.88
C ARG E 52 1.15 -44.02 29.04
N ASN E 53 1.62 -42.82 28.68
CA ASN E 53 0.86 -41.60 28.97
C ASN E 53 -0.42 -41.56 28.16
N HIS E 54 -0.42 -42.26 27.04
CA HIS E 54 -1.49 -42.23 26.06
C HIS E 54 -2.24 -43.56 25.87
N GLU E 55 -2.14 -44.46 26.84
CA GLU E 55 -2.64 -45.83 26.65
C GLU E 55 -4.14 -45.87 26.31
N THR E 56 -4.91 -44.98 26.91
CA THR E 56 -6.36 -44.93 26.65
C THR E 56 -6.70 -44.51 25.22
N ALA E 57 -6.05 -43.46 24.73
CA ALA E 57 -6.31 -42.98 23.37
C ALA E 57 -5.87 -44.03 22.38
N PHE E 58 -4.75 -44.67 22.66
CA PHE E 58 -4.22 -45.73 21.81
C PHE E 58 -5.14 -46.95 21.78
N GLN E 59 -5.71 -47.30 22.93
CA GLN E 59 -6.61 -48.45 22.98
C GLN E 59 -7.82 -48.13 22.15
N GLY E 60 -8.36 -46.94 22.35
CA GLY E 60 -9.48 -46.47 21.54
C GLY E 60 -9.25 -46.56 20.04
N MET E 61 -8.08 -46.06 19.63
CA MET E 61 -7.71 -46.03 18.22
C MET E 61 -7.56 -47.44 17.69
N LEU E 62 -6.93 -48.30 18.50
CA LEU E 62 -6.70 -49.67 18.07
C LEU E 62 -8.03 -50.37 17.86
N ARG E 63 -8.96 -50.18 18.80
CA ARG E 63 -10.25 -50.86 18.69
C ARG E 63 -10.98 -50.33 17.45
N LYS E 64 -10.95 -49.02 17.19
CA LYS E 64 -11.59 -48.52 15.98
C LYS E 64 -10.97 -49.13 14.72
N LEU E 65 -9.64 -49.26 14.71
CA LEU E 65 -8.94 -49.80 13.53
C LEU E 65 -9.22 -51.28 13.29
N ASP E 66 -9.41 -52.04 14.37
CA ASP E 66 -9.82 -53.44 14.25
C ASP E 66 -8.89 -54.24 13.34
N ILE E 67 -7.61 -54.26 13.69
CA ILE E 67 -6.61 -54.87 12.82
C ILE E 67 -6.44 -56.34 13.13
N LYS E 68 -6.66 -57.17 12.11
CA LYS E 68 -6.56 -58.62 12.26
C LYS E 68 -5.56 -59.27 11.30
N ASN E 69 -5.30 -58.64 10.15
CA ASN E 69 -4.50 -59.30 9.12
C ASN E 69 -3.65 -58.35 8.27
N GLU E 70 -2.95 -58.92 7.29
CA GLU E 70 -2.09 -58.13 6.41
C GLU E 70 -2.91 -57.13 5.59
N ASP E 71 -4.10 -57.53 5.18
CA ASP E 71 -4.95 -56.63 4.39
C ASP E 71 -5.36 -55.39 5.18
N ASP E 72 -5.63 -55.60 6.47
CA ASP E 72 -6.03 -54.54 7.38
C ASP E 72 -4.87 -53.54 7.55
N VAL E 73 -3.66 -54.06 7.68
CA VAL E 73 -2.47 -53.25 7.81
C VAL E 73 -2.22 -52.46 6.51
N LYS E 74 -2.40 -53.13 5.38
CA LYS E 74 -2.18 -52.51 4.08
C LYS E 74 -3.22 -51.47 3.72
N SER E 75 -4.34 -51.45 4.44
CA SER E 75 -5.39 -50.47 4.16
C SER E 75 -5.39 -49.24 5.08
N LEU E 76 -4.36 -49.10 5.92
CA LEU E 76 -4.29 -47.99 6.91
C LEU E 76 -3.89 -46.60 6.36
N SER E 77 -3.39 -46.55 5.14
CA SER E 77 -2.70 -45.36 4.65
C SER E 77 -3.53 -44.10 4.71
N ARG E 78 -4.77 -44.20 4.26
CA ARG E 78 -5.61 -43.03 4.19
C ARG E 78 -5.90 -42.39 5.55
N VAL E 79 -6.28 -43.17 6.56
CA VAL E 79 -6.52 -42.58 7.89
C VAL E 79 -5.25 -42.04 8.47
N MET E 80 -4.17 -42.78 8.28
CA MET E 80 -2.88 -42.41 8.85
C MET E 80 -2.50 -41.03 8.33
N ILE E 81 -2.62 -40.84 7.02
CA ILE E 81 -2.29 -39.56 6.40
C ILE E 81 -3.27 -38.47 6.87
N HIS E 82 -4.54 -38.82 6.98
CA HIS E 82 -5.58 -37.87 7.35
C HIS E 82 -5.35 -37.33 8.76
N VAL E 83 -5.02 -38.20 9.70
CA VAL E 83 -4.77 -37.76 11.07
C VAL E 83 -3.41 -37.05 11.19
N PHE E 84 -2.39 -37.65 10.63
CA PHE E 84 -1.03 -37.15 10.77
C PHE E 84 -0.77 -35.78 10.08
N SER E 85 -1.40 -35.54 8.94
CA SER E 85 -1.10 -34.35 8.17
C SER E 85 -1.94 -33.14 8.54
N ASP E 86 -2.92 -33.36 9.40
CA ASP E 86 -3.73 -32.24 9.83
C ASP E 86 -3.06 -31.61 11.04
N GLY E 87 -2.94 -30.28 11.02
CA GLY E 87 -2.45 -29.56 12.18
C GLY E 87 -0.98 -29.25 12.11
N VAL E 88 -0.36 -29.07 13.27
CA VAL E 88 1.01 -28.60 13.28
C VAL E 88 1.97 -29.77 13.26
N THR E 89 3.15 -29.55 12.68
CA THR E 89 4.16 -30.59 12.69
C THR E 89 5.18 -30.29 13.80
N ASN E 90 5.46 -31.29 14.61
CA ASN E 90 6.51 -31.20 15.59
C ASN E 90 6.99 -32.60 15.88
N TRP E 91 8.13 -32.74 16.55
CA TRP E 91 8.69 -34.08 16.79
C TRP E 91 7.79 -34.95 17.68
N GLY E 92 7.00 -34.34 18.53
CA GLY E 92 6.09 -35.07 19.42
C GLY E 92 5.11 -35.88 18.61
N ARG E 93 4.60 -35.29 17.54
CA ARG E 93 3.66 -35.97 16.69
C ARG E 93 4.34 -37.14 15.94
N ILE E 94 5.58 -36.95 15.54
CA ILE E 94 6.32 -38.03 14.89
C ILE E 94 6.51 -39.20 15.86
N VAL E 95 6.82 -38.87 17.12
CA VAL E 95 6.91 -39.89 18.16
C VAL E 95 5.55 -40.59 18.35
N THR E 96 4.45 -39.84 18.37
CA THR E 96 3.14 -40.45 18.53
C THR E 96 2.87 -41.44 17.39
N LEU E 97 3.22 -41.04 16.18
CA LEU E 97 3.03 -41.90 15.02
C LEU E 97 3.76 -43.21 15.22
N ILE E 98 5.05 -43.10 15.53
CA ILE E 98 5.85 -44.30 15.66
C ILE E 98 5.49 -45.18 16.87
N SER E 99 5.22 -44.55 18.00
CA SER E 99 4.89 -45.30 19.21
C SER E 99 3.54 -45.99 19.04
N PHE E 100 2.59 -45.33 18.39
CA PHE E 100 1.36 -46.03 18.14
C PHE E 100 1.66 -47.19 17.21
N GLY E 101 2.64 -47.01 16.33
CA GLY E 101 3.08 -48.12 15.50
C GLY E 101 3.54 -49.31 16.36
N ALA E 102 4.30 -49.02 17.42
CA ALA E 102 4.75 -50.05 18.33
C ALA E 102 3.57 -50.70 19.03
N PHE E 103 2.60 -49.88 19.42
CA PHE E 103 1.42 -50.35 20.12
C PHE E 103 0.70 -51.40 19.27
N VAL E 104 0.51 -51.04 18.00
CA VAL E 104 -0.11 -51.95 17.05
C VAL E 104 0.75 -53.20 16.85
N ALA E 105 2.07 -53.05 16.83
CA ALA E 105 2.96 -54.19 16.63
C ALA E 105 2.82 -55.21 17.75
N LYS E 106 2.73 -54.73 18.99
CA LYS E 106 2.54 -55.63 20.12
C LYS E 106 1.20 -56.33 19.96
N HIS E 107 0.19 -55.58 19.54
CA HIS E 107 -1.11 -56.20 19.31
C HIS E 107 -1.03 -57.29 18.24
N LEU E 108 -0.29 -57.04 17.18
CA LEU E 108 -0.13 -58.01 16.11
C LEU E 108 0.57 -59.26 16.61
N LYS E 109 1.53 -59.09 17.52
CA LYS E 109 2.22 -60.22 18.13
C LYS E 109 1.23 -61.04 18.93
N THR E 110 0.35 -60.35 19.63
CA THR E 110 -0.63 -60.98 20.49
C THR E 110 -1.52 -61.94 19.69
N ILE E 111 -1.91 -61.54 18.47
CA ILE E 111 -2.82 -62.36 17.66
C ILE E 111 -2.06 -63.18 16.62
N ASN E 112 -0.78 -63.43 16.87
CA ASN E 112 0.02 -64.27 16.00
C ASN E 112 0.01 -63.77 14.55
N GLN E 113 0.21 -62.46 14.41
CA GLN E 113 0.35 -61.83 13.11
C GLN E 113 1.68 -61.07 13.08
N GLU E 114 2.74 -61.74 13.53
CA GLU E 114 4.07 -61.14 13.63
C GLU E 114 4.55 -60.72 12.24
N SER E 115 4.15 -61.48 11.24
CA SER E 115 4.57 -61.28 9.86
C SER E 115 4.11 -59.91 9.32
N CYS E 116 3.08 -59.35 9.94
CA CYS E 116 2.52 -58.07 9.59
C CYS E 116 3.35 -56.87 10.08
N ILE E 117 4.29 -57.12 10.99
CA ILE E 117 5.03 -55.99 11.56
C ILE E 117 5.88 -55.27 10.54
N GLU E 118 6.59 -55.99 9.68
CA GLU E 118 7.41 -55.30 8.68
C GLU E 118 6.57 -54.49 7.65
N PRO E 119 5.43 -55.05 7.16
CA PRO E 119 4.62 -54.17 6.31
C PRO E 119 4.15 -52.90 7.03
N LEU E 120 3.83 -53.05 8.31
CA LEU E 120 3.38 -51.93 9.11
C LEU E 120 4.44 -50.81 9.13
N ALA E 121 5.68 -51.21 9.37
CA ALA E 121 6.78 -50.26 9.44
C ALA E 121 6.91 -49.56 8.09
N GLU E 122 6.76 -50.34 7.02
CA GLU E 122 6.90 -49.80 5.67
C GLU E 122 5.84 -48.75 5.47
N SER E 123 4.64 -49.03 5.97
CA SER E 123 3.53 -48.11 5.81
C SER E 123 3.77 -46.84 6.63
N ILE E 124 4.27 -47.01 7.84
CA ILE E 124 4.52 -45.84 8.69
C ILE E 124 5.59 -44.96 8.05
N THR E 125 6.68 -45.59 7.60
CA THR E 125 7.79 -44.85 7.01
C THR E 125 7.31 -44.09 5.77
N ASP E 126 6.53 -44.77 4.92
CA ASP E 126 6.06 -44.15 3.69
C ASP E 126 5.27 -42.89 4.02
N VAL E 127 4.41 -42.99 5.03
CA VAL E 127 3.55 -41.89 5.42
C VAL E 127 4.40 -40.76 5.94
N LEU E 128 5.38 -41.11 6.78
CA LEU E 128 6.19 -40.11 7.46
C LEU E 128 6.99 -39.32 6.44
N VAL E 129 7.68 -40.06 5.58
CA VAL E 129 8.56 -39.46 4.61
C VAL E 129 7.82 -38.74 3.48
N ARG E 130 6.70 -39.26 3.01
CA ARG E 130 5.96 -38.52 1.99
C ARG E 130 5.32 -37.23 2.54
N THR E 131 4.66 -37.31 3.70
CA THR E 131 3.96 -36.14 4.26
C THR E 131 4.87 -35.11 4.95
N LYS E 132 5.99 -35.54 5.51
CA LYS E 132 6.84 -34.60 6.27
C LYS E 132 8.25 -34.45 5.71
N ARG E 133 8.48 -34.83 4.46
CA ARG E 133 9.85 -34.88 3.91
C ARG E 133 10.62 -33.57 4.13
N ASP E 134 10.05 -32.46 3.67
CA ASP E 134 10.78 -31.18 3.72
C ASP E 134 10.96 -30.71 5.16
N TRP E 135 9.96 -30.91 6.00
CA TRP E 135 10.09 -30.57 7.41
C TRP E 135 11.21 -31.37 8.03
N LEU E 136 11.26 -32.68 7.77
CA LEU E 136 12.29 -33.55 8.34
C LEU E 136 13.70 -33.13 7.91
N VAL E 137 13.87 -32.82 6.64
CA VAL E 137 15.19 -32.39 6.16
C VAL E 137 15.56 -31.05 6.83
N LYS E 138 14.60 -30.14 6.95
CA LYS E 138 14.83 -28.83 7.57
C LYS E 138 15.21 -29.00 9.03
N GLN E 139 14.64 -29.99 9.70
CA GLN E 139 14.92 -30.20 11.12
C GLN E 139 16.15 -31.07 11.34
N ARG E 140 16.93 -31.30 10.28
CA ARG E 140 18.18 -32.09 10.30
C ARG E 140 18.01 -33.59 10.56
N GLY E 141 16.89 -34.14 10.11
CA GLY E 141 16.66 -35.57 10.14
C GLY E 141 16.78 -36.22 11.49
N TRP E 142 17.32 -37.44 11.49
CA TRP E 142 17.40 -38.20 12.73
C TRP E 142 18.42 -37.63 13.71
N ASP E 143 19.48 -36.99 13.20
CA ASP E 143 20.40 -36.25 14.07
C ASP E 143 19.60 -35.16 14.79
N GLY E 144 18.72 -34.48 14.06
CA GLY E 144 17.86 -33.48 14.65
C GLY E 144 16.96 -34.06 15.71
N PHE E 145 16.43 -35.25 15.44
CA PHE E 145 15.54 -35.94 16.36
C PHE E 145 16.26 -36.25 17.69
N VAL E 146 17.46 -36.81 17.56
CA VAL E 146 18.25 -37.21 18.71
C VAL E 146 18.63 -35.97 19.53
N GLU E 147 19.09 -34.92 18.86
CA GLU E 147 19.43 -33.67 19.55
C GLU E 147 18.23 -33.07 20.25
N PHE E 148 17.08 -33.15 19.62
CA PHE E 148 15.88 -32.56 20.15
C PHE E 148 15.53 -33.20 21.49
N PHE E 149 15.73 -34.51 21.58
CA PHE E 149 15.31 -35.18 22.80
C PHE E 149 16.49 -35.47 23.71
N HIS E 150 17.62 -34.84 23.44
CA HIS E 150 18.84 -35.13 24.18
C HIS E 150 18.77 -34.94 25.68
N VAL E 151 18.98 -36.03 26.41
CA VAL E 151 19.23 -35.97 27.83
C VAL E 151 20.73 -36.21 28.00
N GLY F 1 -14.92 37.16 -16.95
CA GLY F 1 -15.93 38.00 -16.33
C GLY F 1 -15.45 39.37 -15.92
N ASP F 2 -14.49 39.89 -16.70
CA ASP F 2 -13.89 41.21 -16.55
C ASP F 2 -13.59 41.54 -15.10
N GLU F 3 -14.02 42.71 -14.60
CA GLU F 3 -13.52 43.17 -13.32
C GLU F 3 -13.90 42.24 -12.15
N LEU F 4 -15.12 41.72 -12.14
CA LEU F 4 -15.51 40.78 -11.09
C LEU F 4 -14.63 39.52 -11.09
N TYR F 5 -14.38 38.96 -12.27
CA TYR F 5 -13.48 37.82 -12.35
C TYR F 5 -12.06 38.19 -11.92
N ARG F 6 -11.56 39.33 -12.38
CA ARG F 6 -10.16 39.72 -12.11
C ARG F 6 -9.91 39.87 -10.61
N GLN F 7 -10.84 40.56 -9.98
CA GLN F 7 -10.81 40.83 -8.57
C GLN F 7 -10.92 39.54 -7.76
N SER F 8 -11.85 38.70 -8.18
CA SER F 8 -12.05 37.44 -7.49
C SER F 8 -10.80 36.57 -7.56
N LEU F 9 -10.20 36.47 -8.75
CA LEU F 9 -8.98 35.66 -8.87
C LEU F 9 -7.86 36.24 -8.02
N GLU F 10 -7.69 37.57 -8.01
CA GLU F 10 -6.63 38.20 -7.23
C GLU F 10 -6.77 37.88 -5.75
N ILE F 11 -8.00 38.04 -5.26
CA ILE F 11 -8.30 37.79 -3.86
C ILE F 11 -8.11 36.31 -3.48
N ILE F 12 -8.68 35.41 -4.27
CA ILE F 12 -8.65 33.98 -3.97
C ILE F 12 -7.23 33.42 -4.08
N SER F 13 -6.51 33.83 -5.11
CA SER F 13 -5.12 33.45 -5.31
C SER F 13 -4.21 33.94 -4.16
N ARG F 14 -4.35 35.20 -3.78
CA ARG F 14 -3.50 35.73 -2.71
C ARG F 14 -3.81 35.01 -1.42
N TYR F 15 -5.09 34.77 -1.16
CA TYR F 15 -5.43 34.07 0.07
C TYR F 15 -4.93 32.64 0.12
N LEU F 16 -5.13 31.88 -0.94
CA LEU F 16 -4.69 30.48 -0.96
C LEU F 16 -3.17 30.40 -0.85
N ARG F 17 -2.47 31.26 -1.59
CA ARG F 17 -1.02 31.20 -1.55
C ARG F 17 -0.51 31.58 -0.16
N GLU F 18 -1.15 32.58 0.45
CA GLU F 18 -0.79 33.01 1.79
C GLU F 18 -0.96 31.90 2.77
N GLN F 19 -2.08 31.20 2.66
CA GLN F 19 -2.39 30.12 3.57
C GLN F 19 -1.46 28.93 3.44
N ALA F 20 -1.11 28.61 2.21
CA ALA F 20 -0.23 27.49 1.94
C ALA F 20 1.22 27.77 2.37
N THR F 21 1.72 28.98 2.14
CA THR F 21 3.12 29.26 2.44
C THR F 21 3.44 30.19 3.60
N GLY F 22 2.42 30.85 4.15
CA GLY F 22 2.58 31.78 5.25
C GLY F 22 3.31 33.10 4.98
N ALA F 23 3.61 33.36 3.71
CA ALA F 23 4.27 34.60 3.26
C ALA F 23 3.18 35.44 2.57
N LYS F 24 3.13 36.74 2.87
CA LYS F 24 2.13 37.63 2.28
C LYS F 24 2.61 38.27 0.99
N ASP F 25 1.82 38.14 -0.09
CA ASP F 25 2.23 38.68 -1.38
C ASP F 25 2.41 40.18 -1.24
N THR F 26 3.55 40.67 -1.73
CA THR F 26 3.95 42.06 -1.53
C THR F 26 3.56 42.94 -2.70
N LYS F 27 3.24 42.32 -3.84
CA LYS F 27 2.88 43.08 -5.03
C LYS F 27 1.68 43.96 -4.68
N PRO F 28 1.64 45.17 -5.23
CA PRO F 28 0.53 46.08 -4.90
C PRO F 28 -0.74 45.64 -5.63
N MET F 29 -1.91 46.09 -5.18
CA MET F 29 -3.14 45.71 -5.86
C MET F 29 -3.41 46.58 -7.08
N GLY F 33 -9.06 47.36 -5.64
CA GLY F 33 -7.84 47.85 -5.00
C GLY F 33 -7.99 47.89 -3.49
N ALA F 34 -8.64 48.94 -3.01
CA ALA F 34 -8.95 49.09 -1.58
C ALA F 34 -9.88 47.95 -1.23
N THR F 35 -10.79 47.66 -2.16
CA THR F 35 -11.77 46.60 -1.97
C THR F 35 -11.05 45.26 -1.84
N SER F 36 -10.10 44.96 -2.71
CA SER F 36 -9.39 43.68 -2.65
C SER F 36 -8.64 43.54 -1.32
N ARG F 37 -8.01 44.62 -0.85
CA ARG F 37 -7.27 44.59 0.42
C ARG F 37 -8.20 44.26 1.58
N LYS F 38 -9.35 44.93 1.61
CA LYS F 38 -10.33 44.73 2.66
C LYS F 38 -10.92 43.33 2.64
N ALA F 39 -11.21 42.86 1.44
CA ALA F 39 -11.79 41.56 1.24
C ALA F 39 -10.80 40.52 1.72
N LEU F 40 -9.53 40.71 1.40
CA LEU F 40 -8.49 39.80 1.85
C LEU F 40 -8.34 39.79 3.38
N GLU F 41 -8.35 40.97 4.03
CA GLU F 41 -8.26 40.98 5.49
C GLU F 41 -9.49 40.25 6.10
N THR F 42 -10.65 40.50 5.50
CA THR F 42 -11.89 39.88 5.94
C THR F 42 -11.83 38.37 5.83
N LEU F 43 -11.25 37.91 4.72
CA LEU F 43 -11.07 36.50 4.41
C LEU F 43 -10.14 35.92 5.45
N ARG F 44 -9.13 36.67 5.84
CA ARG F 44 -8.22 36.16 6.83
C ARG F 44 -9.00 35.84 8.11
N ARG F 45 -9.85 36.78 8.53
CA ARG F 45 -10.60 36.52 9.76
C ARG F 45 -11.61 35.36 9.66
N VAL F 46 -12.55 35.49 8.73
CA VAL F 46 -13.68 34.57 8.67
C VAL F 46 -13.25 33.22 8.08
N GLY F 47 -12.34 33.26 7.12
CA GLY F 47 -11.84 32.06 6.47
C GLY F 47 -11.01 31.21 7.41
N ASP F 48 -10.12 31.84 8.19
CA ASP F 48 -9.33 31.06 9.13
C ASP F 48 -10.26 30.44 10.17
N GLY F 49 -11.29 31.20 10.56
CA GLY F 49 -12.28 30.64 11.49
C GLY F 49 -13.00 29.42 10.94
N VAL F 50 -13.42 29.49 9.68
CA VAL F 50 -14.17 28.40 9.05
C VAL F 50 -13.30 27.15 8.95
N GLN F 51 -12.02 27.32 8.65
CA GLN F 51 -11.12 26.17 8.60
C GLN F 51 -10.92 25.52 9.97
N ARG F 52 -10.84 26.33 11.03
CA ARG F 52 -10.73 25.75 12.37
C ARG F 52 -12.00 24.98 12.71
N ASN F 53 -13.17 25.59 12.51
CA ASN F 53 -14.43 24.96 12.92
C ASN F 53 -14.91 23.76 12.10
N HIS F 54 -14.48 23.69 10.85
CA HIS F 54 -14.96 22.66 9.92
C HIS F 54 -13.84 21.67 9.62
N GLU F 55 -12.85 21.63 10.49
CA GLU F 55 -11.60 20.91 10.24
C GLU F 55 -11.82 19.42 9.95
N THR F 56 -12.75 18.84 10.71
CA THR F 56 -13.03 17.42 10.57
C THR F 56 -13.61 17.17 9.21
N ALA F 57 -14.57 17.98 8.78
CA ALA F 57 -15.19 17.80 7.46
C ALA F 57 -14.22 18.05 6.30
N PHE F 58 -13.37 19.05 6.47
CA PHE F 58 -12.42 19.39 5.43
C PHE F 58 -11.45 18.23 5.22
N GLN F 59 -10.91 17.67 6.31
CA GLN F 59 -10.12 16.45 6.16
C GLN F 59 -11.19 15.41 5.82
N GLY F 60 -11.01 14.58 4.82
CA GLY F 60 -12.11 13.68 4.57
C GLY F 60 -12.87 14.10 3.33
N MET F 61 -13.19 15.39 3.19
CA MET F 61 -13.51 15.80 1.82
C MET F 61 -12.19 15.64 1.08
N LEU F 62 -11.13 16.14 1.72
CA LEU F 62 -9.77 16.09 1.18
C LEU F 62 -9.27 14.65 0.98
N ARG F 63 -9.57 13.80 1.95
CA ARG F 63 -9.13 12.40 1.93
C ARG F 63 -9.77 11.75 0.71
N LYS F 64 -11.06 12.01 0.56
CA LYS F 64 -11.80 11.50 -0.58
C LYS F 64 -11.27 11.96 -1.93
N LEU F 65 -10.90 13.23 -2.03
CA LEU F 65 -10.43 13.77 -3.30
C LEU F 65 -9.09 13.16 -3.75
N ASP F 66 -8.21 12.81 -2.81
CA ASP F 66 -6.94 12.15 -3.14
C ASP F 66 -6.12 12.92 -4.17
N ILE F 67 -5.80 14.15 -3.82
CA ILE F 67 -5.13 15.05 -4.75
C ILE F 67 -3.65 14.82 -4.64
N LYS F 68 -3.05 14.46 -5.77
CA LYS F 68 -1.67 14.03 -5.79
C LYS F 68 -0.88 14.92 -6.70
N ASN F 69 -1.57 15.42 -7.73
CA ASN F 69 -0.96 16.13 -8.86
C ASN F 69 -1.87 17.14 -9.57
N GLU F 70 -1.31 17.78 -10.60
CA GLU F 70 -2.01 18.81 -11.36
C GLU F 70 -3.26 18.31 -12.09
N ASP F 71 -3.19 17.10 -12.66
CA ASP F 71 -4.36 16.52 -13.32
C ASP F 71 -5.49 16.27 -12.31
N ASP F 72 -5.13 15.97 -11.07
CA ASP F 72 -6.14 15.83 -10.00
C ASP F 72 -6.81 17.18 -9.69
N VAL F 73 -6.04 18.26 -9.70
CA VAL F 73 -6.64 19.58 -9.48
C VAL F 73 -7.52 19.97 -10.66
N LYS F 74 -7.08 19.70 -11.89
CA LYS F 74 -7.84 20.16 -13.06
C LYS F 74 -9.20 19.47 -13.19
N SER F 75 -9.35 18.33 -12.54
CA SER F 75 -10.59 17.59 -12.65
C SER F 75 -11.58 17.82 -11.50
N LEU F 76 -11.27 18.70 -10.55
CA LEU F 76 -12.16 18.92 -9.41
C LEU F 76 -13.43 19.70 -9.71
N SER F 77 -13.43 20.36 -10.86
CA SER F 77 -14.38 21.45 -11.09
C SER F 77 -15.84 20.99 -10.92
N ARG F 78 -16.12 19.85 -11.52
CA ARG F 78 -17.45 19.24 -11.50
C ARG F 78 -17.85 18.78 -10.08
N VAL F 79 -16.90 18.33 -9.28
CA VAL F 79 -17.19 18.00 -7.88
C VAL F 79 -17.54 19.29 -7.12
N MET F 80 -16.76 20.33 -7.37
CA MET F 80 -17.00 21.63 -6.74
C MET F 80 -18.42 22.08 -7.02
N ILE F 81 -18.80 21.98 -8.29
CA ILE F 81 -20.14 22.37 -8.72
C ILE F 81 -21.21 21.49 -8.09
N HIS F 82 -20.93 20.19 -8.00
CA HIS F 82 -21.93 19.28 -7.47
C HIS F 82 -22.28 19.67 -6.02
N VAL F 83 -21.28 20.01 -5.22
CA VAL F 83 -21.62 20.46 -3.87
C VAL F 83 -22.18 21.89 -3.83
N PHE F 84 -21.49 22.82 -4.49
CA PHE F 84 -21.79 24.26 -4.42
C PHE F 84 -23.12 24.73 -5.05
N SER F 85 -23.54 24.14 -6.15
CA SER F 85 -24.73 24.60 -6.87
C SER F 85 -26.00 23.99 -6.31
N ASP F 86 -25.86 23.14 -5.31
CA ASP F 86 -27.01 22.62 -4.60
C ASP F 86 -27.40 23.56 -3.46
N GLY F 87 -28.67 23.95 -3.41
CA GLY F 87 -29.19 24.68 -2.27
C GLY F 87 -29.14 26.19 -2.36
N VAL F 88 -29.14 26.84 -1.20
CA VAL F 88 -29.24 28.29 -1.15
C VAL F 88 -27.83 28.92 -1.17
N THR F 89 -27.75 30.11 -1.75
CA THR F 89 -26.49 30.81 -1.90
C THR F 89 -26.38 31.87 -0.82
N ASN F 90 -25.25 31.94 -0.13
CA ASN F 90 -25.00 33.03 0.81
C ASN F 90 -23.51 33.19 0.96
N TRP F 91 -23.08 34.27 1.59
CA TRP F 91 -21.67 34.54 1.73
C TRP F 91 -20.96 33.47 2.56
N GLY F 92 -21.69 32.84 3.47
CA GLY F 92 -21.10 31.81 4.31
C GLY F 92 -20.60 30.64 3.46
N ARG F 93 -21.42 30.23 2.50
CA ARG F 93 -21.05 29.15 1.61
C ARG F 93 -19.89 29.52 0.69
N ILE F 94 -19.86 30.78 0.25
CA ILE F 94 -18.75 31.27 -0.54
C ILE F 94 -17.46 31.20 0.28
N VAL F 95 -17.57 31.54 1.56
CA VAL F 95 -16.44 31.41 2.48
C VAL F 95 -16.03 29.94 2.61
N THR F 96 -17.01 29.02 2.69
CA THR F 96 -16.70 27.59 2.80
C THR F 96 -15.90 27.14 1.60
N LEU F 97 -16.36 27.58 0.43
CA LEU F 97 -15.69 27.23 -0.82
C LEU F 97 -14.24 27.70 -0.82
N ILE F 98 -14.03 28.96 -0.50
CA ILE F 98 -12.68 29.51 -0.55
C ILE F 98 -11.76 28.97 0.56
N SER F 99 -12.32 28.80 1.74
CA SER F 99 -11.57 28.30 2.90
C SER F 99 -11.11 26.89 2.66
N PHE F 100 -12.02 26.07 2.12
CA PHE F 100 -11.61 24.72 1.77
C PHE F 100 -10.55 24.79 0.70
N GLY F 101 -10.64 25.77 -0.20
CA GLY F 101 -9.57 25.94 -1.16
C GLY F 101 -8.23 26.15 -0.46
N ALA F 102 -8.25 26.94 0.61
CA ALA F 102 -7.03 27.20 1.37
C ALA F 102 -6.48 25.92 2.01
N PHE F 103 -7.40 25.11 2.52
CA PHE F 103 -7.08 23.83 3.15
C PHE F 103 -6.36 22.92 2.13
N VAL F 104 -6.93 22.84 0.92
CA VAL F 104 -6.33 22.06 -0.14
C VAL F 104 -4.96 22.63 -0.51
N ALA F 105 -4.85 23.96 -0.57
CA ALA F 105 -3.58 24.58 -0.95
C ALA F 105 -2.50 24.18 0.05
N LYS F 106 -2.85 24.15 1.33
CA LYS F 106 -1.89 23.73 2.36
C LYS F 106 -1.44 22.29 2.11
N HIS F 107 -2.40 21.42 1.79
CA HIS F 107 -2.03 20.05 1.47
C HIS F 107 -1.08 19.99 0.28
N LEU F 108 -1.36 20.79 -0.74
CA LEU F 108 -0.55 20.83 -1.93
C LEU F 108 0.90 21.26 -1.58
N LYS F 109 1.05 22.23 -0.68
CA LYS F 109 2.40 22.62 -0.26
C LYS F 109 3.10 21.46 0.41
N THR F 110 2.35 20.73 1.24
CA THR F 110 2.92 19.65 2.03
C THR F 110 3.53 18.55 1.11
N ILE F 111 2.87 18.26 -0.01
CA ILE F 111 3.34 17.20 -0.89
C ILE F 111 4.17 17.76 -2.06
N ASN F 112 4.69 18.97 -1.87
CA ASN F 112 5.56 19.63 -2.85
C ASN F 112 4.92 19.76 -4.21
N GLN F 113 3.67 20.17 -4.21
CA GLN F 113 2.95 20.41 -5.44
C GLN F 113 2.44 21.84 -5.47
N GLU F 114 3.30 22.79 -5.08
CA GLU F 114 2.92 24.19 -4.98
C GLU F 114 2.43 24.73 -6.31
N SER F 115 2.99 24.19 -7.37
CA SER F 115 2.71 24.61 -8.72
C SER F 115 1.21 24.46 -9.03
N CYS F 116 0.55 23.59 -8.27
CA CYS F 116 -0.88 23.33 -8.42
C CYS F 116 -1.80 24.37 -7.76
N ILE F 117 -1.25 25.23 -6.91
CA ILE F 117 -2.09 26.17 -6.16
C ILE F 117 -2.77 27.20 -7.08
N GLU F 118 -2.03 27.76 -8.02
CA GLU F 118 -2.63 28.74 -8.92
C GLU F 118 -3.70 28.12 -9.84
N PRO F 119 -3.43 26.93 -10.43
CA PRO F 119 -4.55 26.28 -11.14
C PRO F 119 -5.74 26.05 -10.22
N LEU F 120 -5.50 25.65 -8.97
CA LEU F 120 -6.59 25.46 -8.02
C LEU F 120 -7.37 26.78 -7.81
N ALA F 121 -6.64 27.87 -7.61
CA ALA F 121 -7.26 29.15 -7.39
C ALA F 121 -8.10 29.52 -8.61
N GLU F 122 -7.55 29.26 -9.79
CA GLU F 122 -8.27 29.61 -11.03
C GLU F 122 -9.57 28.82 -11.09
N SER F 123 -9.46 27.55 -10.74
CA SER F 123 -10.59 26.68 -10.83
C SER F 123 -11.70 27.12 -9.86
N ILE F 124 -11.30 27.54 -8.66
CA ILE F 124 -12.29 28.01 -7.70
C ILE F 124 -12.99 29.27 -8.23
N THR F 125 -12.19 30.19 -8.76
CA THR F 125 -12.76 31.49 -9.23
C THR F 125 -13.74 31.22 -10.33
N ASP F 126 -13.32 30.35 -11.23
CA ASP F 126 -14.15 30.02 -12.37
C ASP F 126 -15.49 29.47 -11.87
N VAL F 127 -15.45 28.54 -10.90
CA VAL F 127 -16.68 27.96 -10.42
C VAL F 127 -17.53 29.06 -9.78
N LEU F 128 -16.87 29.90 -8.99
CA LEU F 128 -17.60 30.89 -8.20
C LEU F 128 -18.30 31.90 -9.11
N VAL F 129 -17.53 32.47 -10.04
CA VAL F 129 -18.04 33.52 -10.88
C VAL F 129 -19.05 33.02 -11.91
N ARG F 130 -18.82 31.85 -12.48
CA ARG F 130 -19.72 31.28 -13.50
C ARG F 130 -21.09 30.86 -12.97
N THR F 131 -21.10 30.14 -11.86
CA THR F 131 -22.36 29.67 -11.27
C THR F 131 -23.10 30.74 -10.47
N LYS F 132 -22.39 31.69 -9.86
CA LYS F 132 -23.04 32.70 -8.99
C LYS F 132 -22.96 34.17 -9.45
N ARG F 133 -22.67 34.39 -10.74
CA ARG F 133 -22.37 35.72 -11.26
C ARG F 133 -23.45 36.74 -10.88
N ASP F 134 -24.69 36.44 -11.23
CA ASP F 134 -25.77 37.38 -11.00
C ASP F 134 -25.98 37.60 -9.52
N TRP F 135 -25.89 36.52 -8.75
CA TRP F 135 -26.10 36.65 -7.33
C TRP F 135 -25.04 37.59 -6.82
N LEU F 136 -23.81 37.36 -7.26
CA LEU F 136 -22.69 38.15 -6.80
C LEU F 136 -22.92 39.59 -7.15
N VAL F 137 -23.43 39.84 -8.34
CA VAL F 137 -23.62 41.21 -8.78
C VAL F 137 -24.71 41.87 -7.94
N LYS F 138 -25.78 41.12 -7.65
CA LYS F 138 -26.87 41.70 -6.87
C LYS F 138 -26.39 42.11 -5.48
N GLN F 139 -25.47 41.32 -4.92
CA GLN F 139 -24.96 41.54 -3.55
C GLN F 139 -23.79 42.48 -3.48
N ARG F 140 -23.54 43.20 -4.56
CA ARG F 140 -22.50 44.23 -4.62
C ARG F 140 -21.08 43.65 -4.50
N GLY F 141 -20.90 42.43 -4.96
CA GLY F 141 -19.58 41.85 -5.07
C GLY F 141 -18.75 41.84 -3.80
N TRP F 142 -17.47 42.12 -3.96
CA TRP F 142 -16.57 42.06 -2.82
C TRP F 142 -16.84 43.15 -1.79
N ASP F 143 -17.33 44.31 -2.22
CA ASP F 143 -17.77 45.35 -1.29
C ASP F 143 -18.92 44.82 -0.44
N GLY F 144 -19.86 44.11 -1.08
CA GLY F 144 -20.95 43.48 -0.35
C GLY F 144 -20.44 42.45 0.64
N PHE F 145 -19.41 41.74 0.22
CA PHE F 145 -18.78 40.71 1.05
C PHE F 145 -18.18 41.35 2.30
N VAL F 146 -17.44 42.42 2.10
CA VAL F 146 -16.80 43.09 3.21
C VAL F 146 -17.86 43.66 4.15
N GLU F 147 -18.90 44.26 3.60
CA GLU F 147 -19.93 44.82 4.47
C GLU F 147 -20.57 43.70 5.29
N PHE F 148 -20.79 42.56 4.66
CA PHE F 148 -21.52 41.47 5.31
C PHE F 148 -20.81 40.99 6.58
N PHE F 149 -19.49 40.96 6.56
CA PHE F 149 -18.74 40.41 7.67
C PHE F 149 -18.11 41.50 8.54
N HIS F 150 -18.54 42.74 8.35
CA HIS F 150 -18.00 43.89 9.10
C HIS F 150 -18.22 43.83 10.60
N VAL F 151 -17.12 43.84 11.35
CA VAL F 151 -17.16 43.92 12.81
C VAL F 151 -16.80 45.33 13.27
N GLY G 1 -10.21 -5.74 -16.27
CA GLY G 1 -11.49 -5.64 -16.96
C GLY G 1 -11.99 -6.93 -17.49
N ASP G 2 -11.49 -7.26 -18.69
CA ASP G 2 -11.80 -8.46 -19.49
C ASP G 2 -13.29 -8.77 -19.51
N GLU G 3 -13.67 -10.00 -19.19
CA GLU G 3 -15.02 -10.48 -19.47
C GLU G 3 -16.09 -9.68 -18.77
N LEU G 4 -15.88 -9.36 -17.50
CA LEU G 4 -16.83 -8.54 -16.76
C LEU G 4 -16.93 -7.17 -17.42
N TYR G 5 -15.79 -6.59 -17.84
CA TYR G 5 -15.86 -5.33 -18.55
C TYR G 5 -16.63 -5.42 -19.87
N ARG G 6 -16.29 -6.41 -20.70
CA ARG G 6 -16.87 -6.53 -22.05
C ARG G 6 -18.38 -6.77 -21.97
N GLN G 7 -18.78 -7.68 -21.10
CA GLN G 7 -20.19 -7.98 -20.86
C GLN G 7 -20.94 -6.75 -20.34
N SER G 8 -20.35 -6.04 -19.37
CA SER G 8 -21.00 -4.88 -18.79
C SER G 8 -21.20 -3.79 -19.85
N LEU G 9 -20.17 -3.57 -20.66
CA LEU G 9 -20.25 -2.58 -21.72
C LEU G 9 -21.36 -2.95 -22.68
N GLU G 10 -21.45 -4.24 -23.01
CA GLU G 10 -22.47 -4.71 -23.96
C GLU G 10 -23.89 -4.41 -23.43
N ILE G 11 -24.14 -4.79 -22.19
CA ILE G 11 -25.43 -4.58 -21.56
C ILE G 11 -25.78 -3.09 -21.45
N ILE G 12 -24.85 -2.30 -20.93
CA ILE G 12 -25.06 -0.89 -20.68
C ILE G 12 -25.24 -0.08 -21.97
N SER G 13 -24.42 -0.37 -22.97
CA SER G 13 -24.54 0.30 -24.25
C SER G 13 -25.90 0.01 -24.85
N ARG G 14 -26.29 -1.25 -24.85
CA ARG G 14 -27.56 -1.59 -25.49
C ARG G 14 -28.73 -0.95 -24.77
N TYR G 15 -28.70 -0.93 -23.44
CA TYR G 15 -29.79 -0.31 -22.71
C TYR G 15 -29.86 1.20 -22.99
N LEU G 16 -28.71 1.87 -23.01
CA LEU G 16 -28.69 3.31 -23.24
C LEU G 16 -29.23 3.63 -24.64
N ARG G 17 -28.79 2.86 -25.63
CA ARG G 17 -29.25 3.07 -27.00
C ARG G 17 -30.74 2.75 -27.16
N GLU G 18 -31.23 1.69 -26.51
CA GLU G 18 -32.65 1.37 -26.58
C GLU G 18 -33.49 2.52 -26.01
N GLN G 19 -33.10 2.99 -24.82
CA GLN G 19 -33.88 4.02 -24.13
C GLN G 19 -33.85 5.30 -24.96
N ALA G 20 -32.71 5.57 -25.59
CA ALA G 20 -32.62 6.75 -26.42
C ALA G 20 -33.43 6.65 -27.71
N THR G 21 -33.32 5.53 -28.43
CA THR G 21 -33.98 5.36 -29.74
C THR G 21 -35.10 4.32 -29.93
N GLY G 22 -35.50 3.62 -28.88
CA GLY G 22 -36.54 2.60 -29.01
C GLY G 22 -36.16 1.43 -29.90
N ALA G 23 -34.87 1.33 -30.25
CA ALA G 23 -34.42 0.30 -31.17
C ALA G 23 -33.70 -0.83 -30.42
N LYS G 24 -34.14 -2.05 -30.68
CA LYS G 24 -33.49 -3.22 -30.08
C LYS G 24 -32.43 -3.82 -30.99
N ASP G 25 -31.19 -3.83 -30.53
CA ASP G 25 -30.07 -4.41 -31.27
C ASP G 25 -30.21 -5.93 -31.24
N THR G 26 -30.21 -6.58 -32.40
CA THR G 26 -30.37 -8.03 -32.45
C THR G 26 -29.04 -8.74 -32.60
N LYS G 27 -27.99 -8.00 -32.98
CA LYS G 27 -26.67 -8.57 -33.15
C LYS G 27 -26.29 -9.27 -31.87
N PRO G 28 -25.47 -10.33 -31.97
CA PRO G 28 -25.15 -11.14 -30.78
C PRO G 28 -24.31 -10.48 -29.73
N MET G 29 -24.55 -10.94 -28.50
CA MET G 29 -23.93 -10.43 -27.29
C MET G 29 -22.62 -11.10 -26.92
N GLY G 30 -22.20 -12.10 -27.67
CA GLY G 30 -20.94 -12.75 -27.31
C GLY G 30 -21.11 -13.64 -26.09
N ARG G 31 -20.03 -13.84 -25.35
CA ARG G 31 -20.03 -14.73 -24.18
C ARG G 31 -21.10 -14.36 -23.17
N SER G 32 -21.72 -15.39 -22.64
CA SER G 32 -22.72 -15.25 -21.62
C SER G 32 -23.90 -14.42 -22.08
N GLY G 33 -24.23 -14.56 -23.35
CA GLY G 33 -25.29 -13.79 -23.97
C GLY G 33 -26.64 -14.05 -23.32
N ALA G 34 -26.88 -15.28 -22.88
CA ALA G 34 -28.17 -15.62 -22.26
C ALA G 34 -28.36 -14.78 -21.00
N THR G 35 -27.30 -14.67 -20.19
CA THR G 35 -27.35 -13.86 -18.99
C THR G 35 -27.52 -12.39 -19.35
N SER G 36 -26.77 -11.92 -20.36
CA SER G 36 -26.86 -10.51 -20.77
C SER G 36 -28.26 -10.15 -21.25
N ARG G 37 -28.91 -11.05 -22.00
CA ARG G 37 -30.26 -10.78 -22.47
C ARG G 37 -31.17 -10.65 -21.26
N LYS G 38 -31.01 -11.55 -20.29
CA LYS G 38 -31.81 -11.43 -19.07
C LYS G 38 -31.54 -10.14 -18.28
N ALA G 39 -30.28 -9.72 -18.23
CA ALA G 39 -29.92 -8.50 -17.53
C ALA G 39 -30.57 -7.31 -18.21
N LEU G 40 -30.58 -7.35 -19.54
CA LEU G 40 -31.21 -6.29 -20.32
C LEU G 40 -32.74 -6.26 -20.04
N GLU G 41 -33.34 -7.44 -19.93
CA GLU G 41 -34.78 -7.53 -19.61
C GLU G 41 -35.06 -6.93 -18.22
N THR G 42 -34.19 -7.25 -17.27
CA THR G 42 -34.34 -6.72 -15.93
C THR G 42 -34.19 -5.21 -15.90
N LEU G 43 -33.21 -4.72 -16.64
CA LEU G 43 -32.90 -3.31 -16.72
C LEU G 43 -34.09 -2.55 -17.31
N ARG G 44 -34.73 -3.14 -18.30
CA ARG G 44 -35.94 -2.55 -18.88
C ARG G 44 -37.02 -2.45 -17.84
N ARG G 45 -37.18 -3.52 -17.04
CA ARG G 45 -38.24 -3.49 -16.03
C ARG G 45 -37.97 -2.44 -14.94
N VAL G 46 -36.84 -2.60 -14.27
CA VAL G 46 -36.46 -1.86 -13.07
C VAL G 46 -36.03 -0.42 -13.36
N GLY G 47 -35.33 -0.26 -14.47
CA GLY G 47 -34.73 1.01 -14.82
C GLY G 47 -35.75 2.08 -15.09
N ASP G 48 -36.83 1.70 -15.78
CA ASP G 48 -37.90 2.61 -16.09
C ASP G 48 -38.57 3.08 -14.78
N GLY G 49 -38.66 2.14 -13.85
CA GLY G 49 -39.20 2.45 -12.54
C GLY G 49 -38.33 3.49 -11.86
N VAL G 50 -37.01 3.32 -11.91
CA VAL G 50 -36.09 4.28 -11.28
C VAL G 50 -36.11 5.66 -11.94
N GLN G 51 -36.19 5.69 -13.27
CA GLN G 51 -36.22 6.96 -13.97
C GLN G 51 -37.51 7.74 -13.63
N ARG G 52 -38.64 7.03 -13.55
CA ARG G 52 -39.88 7.67 -13.10
C ARG G 52 -39.80 8.08 -11.62
N ASN G 53 -39.29 7.17 -10.80
CA ASN G 53 -39.25 7.28 -9.35
C ASN G 53 -38.29 8.40 -8.89
N HIS G 54 -37.31 8.72 -9.72
CA HIS G 54 -36.28 9.72 -9.40
C HIS G 54 -36.22 10.91 -10.33
N GLU G 55 -37.28 11.19 -11.07
CA GLU G 55 -37.19 12.16 -12.16
C GLU G 55 -36.71 13.53 -11.69
N THR G 56 -37.14 13.91 -10.50
CA THR G 56 -36.80 15.22 -9.97
C THR G 56 -35.29 15.34 -9.73
N ALA G 57 -34.70 14.35 -9.04
CA ALA G 57 -33.28 14.39 -8.75
C ALA G 57 -32.45 14.27 -10.03
N PHE G 58 -32.94 13.46 -10.96
CA PHE G 58 -32.23 13.25 -12.21
C PHE G 58 -32.17 14.54 -12.99
N GLN G 59 -33.27 15.28 -12.97
CA GLN G 59 -33.34 16.56 -13.67
C GLN G 59 -32.38 17.54 -13.02
N GLY G 60 -32.35 17.57 -11.69
CA GLY G 60 -31.39 18.39 -10.97
C GLY G 60 -29.94 18.14 -11.37
N MET G 61 -29.58 16.86 -11.38
CA MET G 61 -28.22 16.47 -11.70
C MET G 61 -27.89 16.86 -13.12
N LEU G 62 -28.83 16.60 -14.02
CA LEU G 62 -28.61 16.89 -15.43
C LEU G 62 -28.41 18.38 -15.66
N ARG G 63 -29.21 19.21 -15.00
CA ARG G 63 -29.10 20.66 -15.19
C ARG G 63 -27.70 21.08 -14.74
N LYS G 64 -27.30 20.59 -13.56
CA LYS G 64 -26.01 20.90 -12.96
C LYS G 64 -24.81 20.48 -13.84
N LEU G 65 -24.93 19.31 -14.47
CA LEU G 65 -23.88 18.80 -15.35
C LEU G 65 -23.76 19.59 -16.64
N ASP G 66 -24.91 20.06 -17.13
CA ASP G 66 -24.98 20.89 -18.34
C ASP G 66 -24.30 20.25 -19.55
N ILE G 67 -24.80 19.09 -19.95
CA ILE G 67 -24.15 18.34 -21.01
C ILE G 67 -24.65 18.81 -22.39
N LYS G 68 -23.72 19.27 -23.23
CA LYS G 68 -24.05 19.77 -24.57
C LYS G 68 -23.32 18.99 -25.66
N ASN G 69 -22.14 18.46 -25.35
CA ASN G 69 -21.29 17.85 -26.38
C ASN G 69 -20.41 16.71 -25.83
N GLU G 70 -19.61 16.12 -26.71
CA GLU G 70 -18.77 14.96 -26.37
C GLU G 70 -17.70 15.30 -25.34
N ASP G 71 -17.18 16.52 -25.38
CA ASP G 71 -16.16 16.93 -24.42
C ASP G 71 -16.72 16.89 -23.00
N ASP G 72 -17.99 17.27 -22.91
CA ASP G 72 -18.71 17.28 -21.64
C ASP G 72 -18.85 15.84 -21.13
N VAL G 73 -19.17 14.94 -22.04
CA VAL G 73 -19.32 13.53 -21.71
C VAL G 73 -17.99 12.96 -21.24
N LYS G 74 -16.91 13.32 -21.93
CA LYS G 74 -15.60 12.80 -21.61
C LYS G 74 -15.06 13.36 -20.27
N SER G 75 -15.66 14.43 -19.74
CA SER G 75 -15.19 15.00 -18.47
C SER G 75 -15.97 14.58 -17.19
N LEU G 76 -16.92 13.65 -17.33
CA LEU G 76 -17.79 13.23 -16.23
C LEU G 76 -17.15 12.32 -15.15
N SER G 77 -15.98 11.76 -15.44
CA SER G 77 -15.46 10.63 -14.66
C SER G 77 -15.33 10.95 -13.18
N ARG G 78 -14.74 12.10 -12.87
CA ARG G 78 -14.49 12.44 -11.48
C ARG G 78 -15.75 12.68 -10.65
N VAL G 79 -16.77 13.37 -11.18
CA VAL G 79 -18.03 13.49 -10.45
C VAL G 79 -18.66 12.14 -10.29
N MET G 80 -18.65 11.38 -11.36
CA MET G 80 -19.32 10.08 -11.39
C MET G 80 -18.75 9.22 -10.29
N ILE G 81 -17.44 9.13 -10.26
CA ILE G 81 -16.75 8.35 -9.25
C ILE G 81 -17.03 8.91 -7.89
N HIS G 82 -17.01 10.24 -7.78
CA HIS G 82 -17.15 10.89 -6.49
C HIS G 82 -18.50 10.58 -5.85
N VAL G 83 -19.57 10.62 -6.65
CA VAL G 83 -20.93 10.33 -6.18
C VAL G 83 -21.19 8.84 -5.97
N PHE G 84 -20.75 8.02 -6.93
CA PHE G 84 -20.99 6.59 -6.90
C PHE G 84 -20.23 5.86 -5.80
N SER G 85 -19.03 6.33 -5.49
CA SER G 85 -18.16 5.59 -4.58
C SER G 85 -18.41 5.94 -3.11
N ASP G 86 -19.33 6.86 -2.88
CA ASP G 86 -19.64 7.26 -1.52
C ASP G 86 -20.65 6.33 -0.87
N GLY G 87 -20.36 5.77 0.30
CA GLY G 87 -21.41 5.06 1.01
C GLY G 87 -21.52 3.56 0.81
N VAL G 88 -22.75 3.08 0.91
CA VAL G 88 -23.01 1.66 0.81
C VAL G 88 -23.31 1.27 -0.65
N THR G 89 -22.92 0.07 -1.02
CA THR G 89 -23.15 -0.48 -2.35
C THR G 89 -24.23 -1.57 -2.38
N ASN G 90 -25.18 -1.45 -3.31
CA ASN G 90 -26.17 -2.49 -3.53
C ASN G 90 -26.65 -2.39 -4.97
N TRP G 91 -27.38 -3.40 -5.44
CA TRP G 91 -27.78 -3.42 -6.84
C TRP G 91 -28.64 -2.22 -7.16
N GLY G 92 -29.34 -1.71 -6.16
CA GLY G 92 -30.20 -0.56 -6.35
C GLY G 92 -29.38 0.61 -6.80
N ARG G 93 -28.21 0.76 -6.20
CA ARG G 93 -27.32 1.87 -6.53
C ARG G 93 -26.74 1.76 -7.96
N ILE G 94 -26.43 0.53 -8.36
CA ILE G 94 -25.93 0.27 -9.71
C ILE G 94 -27.03 0.58 -10.71
N VAL G 95 -28.24 0.16 -10.39
CA VAL G 95 -29.39 0.51 -11.23
C VAL G 95 -29.54 2.02 -11.29
N THR G 96 -29.31 2.74 -10.20
CA THR G 96 -29.40 4.20 -10.26
C THR G 96 -28.37 4.75 -11.25
N LEU G 97 -27.15 4.25 -11.19
CA LEU G 97 -26.09 4.72 -12.10
C LEU G 97 -26.47 4.52 -13.57
N ILE G 98 -26.87 3.31 -13.90
CA ILE G 98 -27.21 3.00 -15.27
C ILE G 98 -28.48 3.73 -15.72
N SER G 99 -29.44 3.86 -14.81
CA SER G 99 -30.71 4.51 -15.13
C SER G 99 -30.48 5.97 -15.44
N PHE G 100 -29.63 6.62 -14.65
CA PHE G 100 -29.34 8.01 -14.98
C PHE G 100 -28.60 8.07 -16.28
N GLY G 101 -27.78 7.05 -16.56
CA GLY G 101 -27.10 6.99 -17.83
C GLY G 101 -28.12 7.02 -18.96
N ALA G 102 -29.21 6.27 -18.81
CA ALA G 102 -30.28 6.28 -19.80
C ALA G 102 -30.95 7.65 -19.88
N PHE G 103 -31.17 8.27 -18.72
CA PHE G 103 -31.81 9.57 -18.69
C PHE G 103 -30.98 10.56 -19.53
N VAL G 104 -29.68 10.54 -19.29
CA VAL G 104 -28.75 11.37 -20.01
C VAL G 104 -28.76 11.04 -21.49
N ALA G 105 -28.81 9.75 -21.81
CA ALA G 105 -28.80 9.34 -23.21
C ALA G 105 -30.00 9.92 -23.96
N LYS G 106 -31.16 9.91 -23.31
CA LYS G 106 -32.36 10.50 -23.92
C LYS G 106 -32.10 11.99 -24.11
N HIS G 107 -31.48 12.62 -23.11
CA HIS G 107 -31.16 14.04 -23.27
C HIS G 107 -30.27 14.28 -24.49
N LEU G 108 -29.26 13.44 -24.70
CA LEU G 108 -28.38 13.62 -25.86
C LEU G 108 -29.17 13.46 -27.15
N LYS G 109 -30.13 12.54 -27.14
CA LYS G 109 -30.99 12.37 -28.31
C LYS G 109 -31.79 13.63 -28.59
N THR G 110 -32.31 14.21 -27.52
CA THR G 110 -33.16 15.37 -27.57
C THR G 110 -32.43 16.55 -28.20
N ILE G 111 -31.16 16.70 -27.87
CA ILE G 111 -30.37 17.81 -28.41
C ILE G 111 -29.48 17.38 -29.59
N ASN G 112 -29.87 16.32 -30.30
CA ASN G 112 -29.14 15.86 -31.50
C ASN G 112 -27.69 15.52 -31.22
N GLN G 113 -27.45 14.79 -30.15
CA GLN G 113 -26.11 14.32 -29.80
C GLN G 113 -26.01 12.79 -29.61
N GLU G 114 -26.56 12.03 -30.54
CA GLU G 114 -26.62 10.58 -30.43
C GLU G 114 -25.25 9.90 -30.41
N SER G 115 -24.29 10.49 -31.14
CA SER G 115 -22.94 9.92 -31.26
C SER G 115 -22.23 9.84 -29.91
N CYS G 116 -22.67 10.66 -28.97
CA CYS G 116 -22.10 10.71 -27.64
C CYS G 116 -22.55 9.55 -26.75
N ILE G 117 -23.60 8.84 -27.15
CA ILE G 117 -24.18 7.79 -26.31
C ILE G 117 -23.17 6.67 -26.04
N GLU G 118 -22.41 6.27 -27.05
CA GLU G 118 -21.41 5.23 -26.86
C GLU G 118 -20.23 5.68 -25.98
N PRO G 119 -19.73 6.93 -26.15
CA PRO G 119 -18.72 7.37 -25.18
C PRO G 119 -19.25 7.38 -23.74
N LEU G 120 -20.50 7.81 -23.56
CA LEU G 120 -21.12 7.83 -22.25
C LEU G 120 -21.13 6.43 -21.64
N ALA G 121 -21.55 5.47 -22.45
CA ALA G 121 -21.67 4.08 -22.00
C ALA G 121 -20.31 3.57 -21.56
N GLU G 122 -19.27 3.92 -22.31
CA GLU G 122 -17.94 3.45 -21.96
C GLU G 122 -17.55 4.02 -20.61
N SER G 123 -17.84 5.31 -20.42
CA SER G 123 -17.46 5.96 -19.19
C SER G 123 -18.19 5.31 -18.00
N ILE G 124 -19.47 5.04 -18.19
CA ILE G 124 -20.25 4.43 -17.13
C ILE G 124 -19.67 3.06 -16.78
N THR G 125 -19.37 2.29 -17.83
CA THR G 125 -18.87 0.94 -17.64
C THR G 125 -17.56 1.05 -16.90
N ASP G 126 -16.73 2.01 -17.31
CA ASP G 126 -15.42 2.19 -16.72
C ASP G 126 -15.55 2.49 -15.24
N VAL G 127 -16.46 3.39 -14.90
CA VAL G 127 -16.64 3.76 -13.51
C VAL G 127 -17.18 2.55 -12.73
N LEU G 128 -18.14 1.85 -13.34
CA LEU G 128 -18.83 0.79 -12.64
C LEU G 128 -17.88 -0.30 -12.26
N VAL G 129 -17.14 -0.74 -13.26
CA VAL G 129 -16.21 -1.83 -13.10
C VAL G 129 -14.98 -1.48 -12.26
N ARG G 130 -14.41 -0.28 -12.40
CA ARG G 130 -13.30 0.06 -11.51
C ARG G 130 -13.70 0.28 -10.04
N THR G 131 -14.78 1.03 -9.78
CA THR G 131 -15.12 1.32 -8.38
C THR G 131 -15.76 0.15 -7.66
N LYS G 132 -16.49 -0.70 -8.39
CA LYS G 132 -17.22 -1.79 -7.75
C LYS G 132 -16.76 -3.19 -8.12
N ARG G 133 -15.55 -3.33 -8.63
CA ARG G 133 -15.12 -4.61 -9.19
C ARG G 133 -15.28 -5.80 -8.22
N ASP G 134 -14.69 -5.68 -7.04
CA ASP G 134 -14.67 -6.79 -6.09
C ASP G 134 -16.05 -7.11 -5.56
N TRP G 135 -16.84 -6.08 -5.29
CA TRP G 135 -18.22 -6.29 -4.87
C TRP G 135 -18.98 -7.02 -5.99
N LEU G 136 -18.80 -6.60 -7.23
CA LEU G 136 -19.50 -7.25 -8.36
C LEU G 136 -19.09 -8.73 -8.49
N VAL G 137 -17.80 -9.00 -8.33
CA VAL G 137 -17.36 -10.39 -8.44
C VAL G 137 -17.98 -11.17 -7.29
N LYS G 138 -18.02 -10.59 -6.10
CA LYS G 138 -18.55 -11.28 -4.92
C LYS G 138 -20.03 -11.61 -5.15
N GLN G 139 -20.74 -10.73 -5.87
CA GLN G 139 -22.16 -10.94 -6.12
C GLN G 139 -22.43 -11.75 -7.36
N ARG G 140 -21.39 -12.36 -7.92
CA ARG G 140 -21.50 -13.20 -9.11
C ARG G 140 -21.96 -12.39 -10.33
N GLY G 141 -21.61 -11.11 -10.36
CA GLY G 141 -21.83 -10.31 -11.56
C GLY G 141 -23.26 -10.21 -12.05
N TRP G 142 -23.42 -10.25 -13.36
CA TRP G 142 -24.72 -10.04 -13.95
C TRP G 142 -25.70 -11.16 -13.64
N ASP G 143 -25.18 -12.35 -13.37
CA ASP G 143 -26.02 -13.45 -12.88
C ASP G 143 -26.66 -13.05 -11.56
N GLY G 144 -25.84 -12.53 -10.65
CA GLY G 144 -26.33 -12.07 -9.36
C GLY G 144 -27.35 -10.97 -9.55
N PHE G 145 -27.10 -10.12 -10.53
CA PHE G 145 -28.01 -9.03 -10.84
C PHE G 145 -29.36 -9.58 -11.26
N VAL G 146 -29.36 -10.54 -12.19
CA VAL G 146 -30.60 -11.10 -12.71
C VAL G 146 -31.39 -11.74 -11.56
N GLU G 147 -30.69 -12.51 -10.73
CA GLU G 147 -31.35 -13.15 -9.60
C GLU G 147 -31.96 -12.15 -8.60
N PHE G 148 -31.25 -11.07 -8.31
CA PHE G 148 -31.70 -10.14 -7.30
C PHE G 148 -33.06 -9.55 -7.62
N PHE G 149 -33.30 -9.32 -8.89
CA PHE G 149 -34.51 -8.63 -9.34
C PHE G 149 -35.54 -9.58 -9.94
N HIS G 150 -35.31 -10.87 -9.75
CA HIS G 150 -36.15 -11.94 -10.28
C HIS G 150 -37.58 -11.96 -9.73
N VAL G 151 -38.56 -11.75 -10.60
CA VAL G 151 -39.97 -11.81 -10.19
C VAL G 151 -40.60 -13.12 -10.62
N GLY H 1 -17.58 2.29 32.22
CA GLY H 1 -18.27 2.78 31.02
C GLY H 1 -17.61 3.97 30.36
N ASP H 2 -18.03 5.15 30.82
CA ASP H 2 -17.54 6.48 30.39
C ASP H 2 -17.41 6.60 28.88
N GLU H 3 -16.25 7.06 28.40
CA GLU H 3 -16.17 7.51 27.02
C GLU H 3 -16.39 6.38 26.02
N LEU H 4 -15.82 5.20 26.29
CA LEU H 4 -16.04 4.05 25.43
C LEU H 4 -17.54 3.73 25.35
N TYR H 5 -18.21 3.77 26.50
CA TYR H 5 -19.64 3.54 26.56
C TYR H 5 -20.46 4.60 25.82
N ARG H 6 -20.17 5.86 26.13
CA ARG H 6 -20.94 6.98 25.59
C ARG H 6 -20.85 6.98 24.08
N GLN H 7 -19.64 6.78 23.62
CA GLN H 7 -19.38 6.72 22.20
C GLN H 7 -20.07 5.53 21.52
N SER H 8 -19.99 4.36 22.17
CA SER H 8 -20.61 3.15 21.60
C SER H 8 -22.11 3.33 21.46
N LEU H 9 -22.72 3.85 22.50
CA LEU H 9 -24.15 4.08 22.52
C LEU H 9 -24.53 5.07 21.44
N GLU H 10 -23.72 6.12 21.29
CA GLU H 10 -24.02 7.10 20.27
C GLU H 10 -23.99 6.47 18.89
N ILE H 11 -22.94 5.72 18.60
CA ILE H 11 -22.80 5.08 17.29
C ILE H 11 -23.96 4.10 17.03
N ILE H 12 -24.23 3.24 18.01
CA ILE H 12 -25.25 2.20 17.86
C ILE H 12 -26.66 2.79 17.76
N SER H 13 -26.95 3.80 18.58
CA SER H 13 -28.23 4.51 18.55
C SER H 13 -28.46 5.20 17.22
N ARG H 14 -27.44 5.90 16.75
CA ARG H 14 -27.61 6.60 15.49
C ARG H 14 -27.80 5.62 14.35
N TYR H 15 -27.02 4.56 14.33
CA TYR H 15 -27.15 3.58 13.26
C TYR H 15 -28.54 2.90 13.25
N LEU H 16 -29.01 2.46 14.42
CA LEU H 16 -30.30 1.78 14.48
C LEU H 16 -31.48 2.70 14.11
N ARG H 17 -31.46 3.91 14.65
CA ARG H 17 -32.55 4.86 14.42
C ARG H 17 -32.59 5.22 12.93
N GLU H 18 -31.40 5.45 12.40
CA GLU H 18 -31.18 5.78 11.00
C GLU H 18 -31.68 4.67 10.07
N GLN H 19 -31.36 3.42 10.41
CA GLN H 19 -31.77 2.30 9.58
C GLN H 19 -33.28 2.17 9.62
N ALA H 20 -33.86 2.43 10.78
CA ALA H 20 -35.30 2.31 10.93
C ALA H 20 -36.10 3.40 10.20
N THR H 21 -35.57 4.63 10.16
CA THR H 21 -36.31 5.76 9.59
C THR H 21 -35.82 6.28 8.22
N GLY H 22 -34.57 6.02 7.87
CA GLY H 22 -34.02 6.48 6.60
C GLY H 22 -33.37 7.85 6.77
N ALA H 23 -33.23 8.26 8.03
CA ALA H 23 -32.72 9.58 8.36
C ALA H 23 -31.30 9.53 8.91
N LYS H 24 -30.44 10.38 8.37
CA LYS H 24 -29.13 10.52 8.95
C LYS H 24 -29.34 11.65 9.95
N ASP H 25 -29.01 11.41 11.21
CA ASP H 25 -29.21 12.46 12.19
C ASP H 25 -28.21 13.55 11.83
N THR H 26 -28.69 14.78 11.74
CA THR H 26 -27.85 15.90 11.36
C THR H 26 -27.38 16.65 12.60
N LYS H 27 -28.07 16.41 13.73
CA LYS H 27 -27.74 17.04 15.01
C LYS H 27 -26.29 16.71 15.39
N PRO H 28 -25.65 17.58 16.19
CA PRO H 28 -24.23 17.38 16.45
C PRO H 28 -23.97 16.14 17.30
N MET H 29 -22.76 15.62 17.23
CA MET H 29 -22.43 14.47 18.04
C MET H 29 -22.08 14.95 19.44
N GLY H 30 -21.36 14.13 20.17
CA GLY H 30 -20.96 14.51 21.50
C GLY H 30 -19.57 15.07 21.51
N ARG H 31 -18.69 14.30 22.14
CA ARG H 31 -17.32 14.70 22.38
C ARG H 31 -16.37 14.11 21.33
N SER H 32 -16.58 12.83 21.03
CA SER H 32 -15.71 12.08 20.12
C SER H 32 -16.22 12.13 18.70
N GLY H 33 -16.71 13.28 18.28
CA GLY H 33 -17.44 13.36 17.04
C GLY H 33 -16.74 12.90 15.79
N ALA H 34 -15.45 13.18 15.65
CA ALA H 34 -14.75 12.73 14.45
C ALA H 34 -14.72 11.18 14.38
N THR H 35 -14.42 10.58 15.54
CA THR H 35 -14.27 9.14 15.68
C THR H 35 -15.63 8.51 15.37
N SER H 36 -16.67 9.00 16.05
CA SER H 36 -18.01 8.46 15.90
C SER H 36 -18.52 8.58 14.47
N ARG H 37 -18.25 9.70 13.82
CA ARG H 37 -18.70 9.87 12.43
C ARG H 37 -18.02 8.85 11.49
N LYS H 38 -16.70 8.67 11.61
CA LYS H 38 -16.09 7.65 10.73
C LYS H 38 -16.61 6.25 11.06
N ALA H 39 -16.81 5.97 12.35
CA ALA H 39 -17.31 4.66 12.77
C ALA H 39 -18.67 4.45 12.15
N LEU H 40 -19.49 5.49 12.16
CA LEU H 40 -20.80 5.40 11.58
C LEU H 40 -20.77 5.14 10.06
N GLU H 41 -19.89 5.83 9.31
CA GLU H 41 -19.83 5.56 7.86
C GLU H 41 -19.40 4.11 7.60
N THR H 42 -18.43 3.70 8.38
CA THR H 42 -17.93 2.33 8.26
C THR H 42 -19.05 1.33 8.52
N LEU H 43 -19.83 1.64 9.54
CA LEU H 43 -20.92 0.79 9.94
C LEU H 43 -21.96 0.70 8.85
N ARG H 44 -22.24 1.81 8.18
CA ARG H 44 -23.24 1.77 7.13
C ARG H 44 -22.81 0.83 6.02
N ARG H 45 -21.54 0.93 5.64
CA ARG H 45 -21.02 0.08 4.56
C ARG H 45 -21.06 -1.42 4.91
N VAL H 46 -20.35 -1.74 5.98
CA VAL H 46 -20.13 -3.14 6.33
C VAL H 46 -21.44 -3.76 6.85
N GLY H 47 -22.19 -2.97 7.58
CA GLY H 47 -23.43 -3.43 8.18
C GLY H 47 -24.48 -3.74 7.13
N ASP H 48 -24.60 -2.88 6.11
CA ASP H 48 -25.60 -3.18 5.08
C ASP H 48 -25.21 -4.46 4.38
N GLY H 49 -23.90 -4.65 4.18
CA GLY H 49 -23.48 -5.90 3.58
C GLY H 49 -23.84 -7.13 4.41
N VAL H 50 -23.58 -7.05 5.71
CA VAL H 50 -23.80 -8.16 6.63
C VAL H 50 -25.28 -8.49 6.64
N GLN H 51 -26.13 -7.46 6.67
CA GLN H 51 -27.57 -7.68 6.67
C GLN H 51 -28.01 -8.39 5.39
N ARG H 52 -27.41 -8.06 4.23
CA ARG H 52 -27.76 -8.84 3.03
C ARG H 52 -27.30 -10.30 3.11
N ASN H 53 -26.05 -10.55 3.49
CA ASN H 53 -25.52 -11.93 3.44
C ASN H 53 -26.16 -12.87 4.47
N HIS H 54 -26.75 -12.31 5.52
CA HIS H 54 -27.33 -13.10 6.61
C HIS H 54 -28.84 -12.97 6.70
N GLU H 55 -29.47 -12.54 5.62
CA GLU H 55 -30.90 -12.19 5.68
C GLU H 55 -31.76 -13.39 6.10
N THR H 56 -31.42 -14.57 5.63
CA THR H 56 -32.20 -15.74 5.97
C THR H 56 -32.04 -16.04 7.46
N ALA H 57 -30.80 -16.03 7.93
CA ALA H 57 -30.53 -16.30 9.32
C ALA H 57 -31.16 -15.21 10.18
N PHE H 58 -31.06 -13.96 9.73
CA PHE H 58 -31.61 -12.84 10.49
C PHE H 58 -33.13 -12.93 10.58
N GLN H 59 -33.80 -13.25 9.48
CA GLN H 59 -35.25 -13.35 9.55
C GLN H 59 -35.68 -14.54 10.38
N GLY H 60 -34.86 -15.59 10.39
CA GLY H 60 -35.10 -16.72 11.26
C GLY H 60 -35.04 -16.34 12.73
N MET H 61 -33.98 -15.63 13.09
CA MET H 61 -33.74 -15.21 14.47
C MET H 61 -34.81 -14.23 14.92
N LEU H 62 -35.17 -13.30 14.03
CA LEU H 62 -36.21 -12.32 14.32
C LEU H 62 -37.53 -13.00 14.58
N ARG H 63 -37.85 -13.99 13.74
CA ARG H 63 -39.09 -14.73 13.88
C ARG H 63 -39.11 -15.49 15.20
N LYS H 64 -38.00 -16.13 15.53
CA LYS H 64 -37.84 -16.87 16.76
C LYS H 64 -37.96 -15.95 18.02
N LEU H 65 -37.44 -14.73 17.95
CA LEU H 65 -37.51 -13.76 19.05
C LEU H 65 -38.92 -13.26 19.34
N ASP H 66 -39.71 -13.12 18.28
CA ASP H 66 -41.13 -12.76 18.41
C ASP H 66 -41.33 -11.45 19.19
N ILE H 67 -40.76 -10.36 18.68
CA ILE H 67 -40.77 -9.09 19.41
C ILE H 67 -42.03 -8.27 19.14
N LYS H 68 -42.76 -7.95 20.20
CA LYS H 68 -44.02 -7.23 20.09
C LYS H 68 -44.06 -5.94 20.89
N ASN H 69 -43.32 -5.92 21.99
CA ASN H 69 -43.44 -4.84 22.96
C ASN H 69 -42.15 -4.51 23.70
N GLU H 70 -42.20 -3.51 24.56
CA GLU H 70 -41.00 -3.08 25.26
C GLU H 70 -40.49 -4.20 26.13
N ASP H 71 -41.39 -4.97 26.72
CA ASP H 71 -40.99 -6.09 27.58
C ASP H 71 -40.18 -7.11 26.81
N ASP H 72 -40.54 -7.34 25.55
CA ASP H 72 -39.86 -8.28 24.69
C ASP H 72 -38.44 -7.82 24.35
N VAL H 73 -38.30 -6.52 24.12
CA VAL H 73 -36.98 -5.94 23.89
C VAL H 73 -36.10 -5.95 25.15
N LYS H 74 -36.70 -5.63 26.29
CA LYS H 74 -36.00 -5.54 27.57
C LYS H 74 -35.45 -6.88 28.08
N SER H 75 -36.03 -7.97 27.59
CA SER H 75 -35.67 -9.31 28.07
C SER H 75 -34.72 -10.05 27.15
N LEU H 76 -34.23 -9.37 26.11
CA LEU H 76 -33.36 -9.99 25.13
C LEU H 76 -31.93 -10.26 25.59
N SER H 77 -31.52 -9.70 26.73
CA SER H 77 -30.10 -9.62 27.04
C SER H 77 -29.44 -10.99 27.05
N ARG H 78 -30.07 -11.92 27.73
CA ARG H 78 -29.49 -13.24 27.87
C ARG H 78 -29.44 -13.98 26.54
N VAL H 79 -30.38 -13.72 25.65
CA VAL H 79 -30.30 -14.32 24.31
C VAL H 79 -29.08 -13.82 23.53
N MET H 80 -28.84 -12.52 23.67
CA MET H 80 -27.71 -11.82 23.02
C MET H 80 -26.46 -12.47 23.50
N ILE H 81 -26.34 -12.57 24.82
CA ILE H 81 -25.19 -13.20 25.45
C ILE H 81 -25.04 -14.66 25.05
N HIS H 82 -26.17 -15.36 24.93
CA HIS H 82 -26.12 -16.79 24.59
C HIS H 82 -25.42 -16.96 23.27
N VAL H 83 -25.75 -16.13 22.28
CA VAL H 83 -25.02 -16.20 21.02
C VAL H 83 -23.63 -15.50 21.00
N PHE H 84 -23.59 -14.26 21.46
CA PHE H 84 -22.42 -13.40 21.35
C PHE H 84 -21.21 -13.88 22.15
N SER H 85 -21.45 -14.45 23.34
CA SER H 85 -20.38 -14.81 24.25
C SER H 85 -19.78 -16.18 23.96
N ASP H 86 -20.32 -16.85 22.96
CA ASP H 86 -19.73 -18.11 22.50
C ASP H 86 -18.69 -17.79 21.45
N GLY H 87 -17.51 -18.36 21.61
CA GLY H 87 -16.48 -18.28 20.59
C GLY H 87 -15.50 -17.14 20.76
N VAL H 88 -14.82 -16.80 19.67
CA VAL H 88 -13.75 -15.82 19.72
C VAL H 88 -14.32 -14.45 19.39
N THR H 89 -13.61 -13.44 19.85
CA THR H 89 -14.03 -12.07 19.64
C THR H 89 -13.30 -11.47 18.43
N ASN H 90 -14.07 -10.86 17.54
CA ASN H 90 -13.50 -10.12 16.43
C ASN H 90 -14.51 -9.06 16.01
N TRP H 91 -14.07 -8.12 15.18
CA TRP H 91 -14.89 -7.01 14.72
C TRP H 91 -16.06 -7.47 13.88
N GLY H 92 -15.91 -8.59 13.18
CA GLY H 92 -16.97 -9.10 12.34
C GLY H 92 -18.18 -9.45 13.17
N ARG H 93 -17.95 -10.07 14.31
CA ARG H 93 -19.05 -10.46 15.20
C ARG H 93 -19.75 -9.26 15.81
N ILE H 94 -18.97 -8.25 16.16
CA ILE H 94 -19.52 -7.02 16.68
C ILE H 94 -20.37 -6.36 15.61
N VAL H 95 -19.92 -6.40 14.36
CA VAL H 95 -20.74 -5.89 13.28
C VAL H 95 -22.00 -6.72 13.16
N THR H 96 -21.91 -8.04 13.28
CA THR H 96 -23.10 -8.85 13.19
C THR H 96 -24.11 -8.49 14.29
N LEU H 97 -23.60 -8.30 15.50
CA LEU H 97 -24.40 -7.89 16.65
C LEU H 97 -25.12 -6.59 16.38
N ILE H 98 -24.37 -5.59 15.93
CA ILE H 98 -24.99 -4.29 15.65
C ILE H 98 -25.92 -4.35 14.44
N SER H 99 -25.51 -5.08 13.42
CA SER H 99 -26.27 -5.22 12.18
C SER H 99 -27.62 -5.86 12.40
N PHE H 100 -27.64 -6.94 13.18
CA PHE H 100 -28.93 -7.52 13.53
C PHE H 100 -29.72 -6.55 14.40
N GLY H 101 -29.03 -5.76 15.23
CA GLY H 101 -29.76 -4.73 15.95
C GLY H 101 -30.52 -3.81 15.00
N ALA H 102 -29.89 -3.42 13.89
CA ALA H 102 -30.56 -2.59 12.88
C ALA H 102 -31.73 -3.35 12.25
N PHE H 103 -31.51 -4.63 12.02
CA PHE H 103 -32.55 -5.50 11.43
C PHE H 103 -33.83 -5.49 12.30
N VAL H 104 -33.61 -5.66 13.60
CA VAL H 104 -34.68 -5.61 14.59
C VAL H 104 -35.30 -4.21 14.65
N ALA H 105 -34.49 -3.15 14.59
CA ALA H 105 -35.02 -1.79 14.68
C ALA H 105 -35.99 -1.52 13.54
N LYS H 106 -35.63 -1.99 12.35
CA LYS H 106 -36.50 -1.85 11.20
C LYS H 106 -37.79 -2.58 11.47
N HIS H 107 -37.68 -3.80 12.03
CA HIS H 107 -38.92 -4.52 12.33
C HIS H 107 -39.80 -3.75 13.33
N LEU H 108 -39.18 -3.14 14.32
CA LEU H 108 -39.91 -2.37 15.33
C LEU H 108 -40.63 -1.17 14.71
N LYS H 109 -39.99 -0.50 13.74
CA LYS H 109 -40.63 0.60 13.02
C LYS H 109 -41.85 0.02 12.33
N THR H 110 -41.67 -1.18 11.79
CA THR H 110 -42.74 -1.85 11.05
C THR H 110 -43.97 -2.10 11.92
N ILE H 111 -43.78 -2.49 13.17
CA ILE H 111 -44.94 -2.80 14.00
C ILE H 111 -45.29 -1.63 14.93
N ASN H 112 -44.88 -0.43 14.54
CA ASN H 112 -45.16 0.80 15.27
C ASN H 112 -44.64 0.78 16.72
N GLN H 113 -43.43 0.29 16.89
CA GLN H 113 -42.79 0.30 18.20
C GLN H 113 -41.47 1.06 18.13
N GLU H 114 -41.50 2.24 17.48
CA GLU H 114 -40.27 3.02 17.29
C GLU H 114 -39.67 3.36 18.66
N SER H 115 -40.54 3.52 19.64
CA SER H 115 -40.13 3.88 20.99
C SER H 115 -39.22 2.82 21.60
N CYS H 116 -39.33 1.59 21.10
CA CYS H 116 -38.52 0.49 21.61
C CYS H 116 -37.09 0.55 21.11
N ILE H 117 -36.84 1.35 20.09
CA ILE H 117 -35.51 1.32 19.47
C ILE H 117 -34.39 1.81 20.39
N GLU H 118 -34.61 2.87 21.15
CA GLU H 118 -33.54 3.33 22.03
C GLU H 118 -33.26 2.32 23.14
N PRO H 119 -34.31 1.73 23.75
CA PRO H 119 -33.93 0.67 24.69
C PRO H 119 -33.13 -0.46 24.05
N LEU H 120 -33.48 -0.83 22.82
CA LEU H 120 -32.74 -1.87 22.12
C LEU H 120 -31.26 -1.51 22.00
N ALA H 121 -31.01 -0.28 21.57
CA ALA H 121 -29.66 0.20 21.39
C ALA H 121 -28.91 0.17 22.73
N GLU H 122 -29.59 0.57 23.81
CA GLU H 122 -28.95 0.57 25.14
C GLU H 122 -28.56 -0.84 25.51
N SER H 123 -29.47 -1.76 25.22
CA SER H 123 -29.24 -3.15 25.54
C SER H 123 -28.05 -3.67 24.74
N ILE H 124 -27.98 -3.33 23.45
CA ILE H 124 -26.88 -3.83 22.65
C ILE H 124 -25.58 -3.24 23.21
N THR H 125 -25.60 -1.95 23.52
CA THR H 125 -24.39 -1.26 23.98
C THR H 125 -23.94 -1.93 25.28
N ASP H 126 -24.93 -2.24 26.13
CA ASP H 126 -24.64 -2.85 27.41
C ASP H 126 -23.94 -4.19 27.26
N VAL H 127 -24.45 -5.00 26.34
CA VAL H 127 -23.83 -6.32 26.18
C VAL H 127 -22.43 -6.14 25.62
N LEU H 128 -22.31 -5.25 24.64
CA LEU H 128 -21.05 -5.13 23.93
C LEU H 128 -19.91 -4.64 24.81
N VAL H 129 -20.14 -3.54 25.50
CA VAL H 129 -19.09 -2.93 26.29
C VAL H 129 -18.78 -3.72 27.57
N ARG H 130 -19.81 -4.24 28.23
CA ARG H 130 -19.62 -4.99 29.46
C ARG H 130 -18.85 -6.30 29.23
N THR H 131 -19.21 -7.04 28.21
CA THR H 131 -18.53 -8.31 27.94
C THR H 131 -17.20 -8.19 27.19
N LYS H 132 -17.03 -7.16 26.34
CA LYS H 132 -15.82 -7.10 25.51
C LYS H 132 -14.89 -5.94 25.84
N ARG H 133 -15.00 -5.41 27.05
CA ARG H 133 -14.35 -4.16 27.41
C ARG H 133 -12.84 -4.15 27.14
N ASP H 134 -12.13 -5.11 27.72
CA ASP H 134 -10.66 -5.12 27.59
C ASP H 134 -10.17 -5.34 26.17
N TRP H 135 -10.84 -6.23 25.44
CA TRP H 135 -10.50 -6.43 24.04
C TRP H 135 -10.72 -5.12 23.29
N LEU H 136 -11.85 -4.47 23.55
CA LEU H 136 -12.22 -3.23 22.87
C LEU H 136 -11.17 -2.16 23.09
N VAL H 137 -10.73 -2.04 24.34
CA VAL H 137 -9.72 -1.06 24.69
C VAL H 137 -8.42 -1.41 23.97
N LYS H 138 -8.08 -2.70 23.97
CA LYS H 138 -6.85 -3.15 23.36
C LYS H 138 -6.81 -2.81 21.88
N GLN H 139 -7.96 -2.85 21.22
CA GLN H 139 -8.02 -2.61 19.78
C GLN H 139 -8.14 -1.15 19.46
N ARG H 140 -8.00 -0.31 20.48
CA ARG H 140 -8.10 1.13 20.31
C ARG H 140 -9.52 1.53 19.89
N GLY H 141 -10.47 0.72 20.34
CA GLY H 141 -11.87 1.07 20.21
C GLY H 141 -12.36 1.30 18.80
N TRP H 142 -13.19 2.33 18.69
CA TRP H 142 -13.82 2.63 17.43
C TRP H 142 -12.79 3.09 16.39
N ASP H 143 -11.67 3.65 16.85
CA ASP H 143 -10.58 3.97 15.93
C ASP H 143 -10.09 2.69 15.25
N GLY H 144 -9.88 1.65 16.06
CA GLY H 144 -9.45 0.35 15.59
C GLY H 144 -10.48 -0.28 14.66
N PHE H 145 -11.73 -0.03 14.96
CA PHE H 145 -12.84 -0.52 14.16
C PHE H 145 -12.72 0.06 12.75
N VAL H 146 -12.50 1.37 12.73
CA VAL H 146 -12.38 2.12 11.48
C VAL H 146 -11.20 1.60 10.66
N GLU H 147 -10.06 1.40 11.32
CA GLU H 147 -8.88 0.89 10.63
C GLU H 147 -9.13 -0.49 10.06
N PHE H 148 -9.76 -1.32 10.86
CA PHE H 148 -9.94 -2.70 10.50
C PHE H 148 -10.74 -2.76 9.21
N PHE H 149 -11.72 -1.86 9.04
CA PHE H 149 -12.56 -1.98 7.84
C PHE H 149 -12.22 -1.00 6.69
N HIS H 150 -11.06 -0.35 6.78
CA HIS H 150 -10.59 0.60 5.77
C HIS H 150 -10.43 -0.10 4.40
N VAL H 151 -10.91 0.53 3.33
CA VAL H 151 -10.72 -0.02 1.98
C VAL H 151 -9.57 0.69 1.25
N GLY I 1 -17.38 -4.52 33.03
CA GLY I 1 -16.20 -3.71 32.76
C GLY I 1 -14.87 -4.39 32.95
N ASP I 2 -14.88 -5.69 32.67
CA ASP I 2 -13.74 -6.60 32.71
C ASP I 2 -12.81 -6.47 33.93
N GLU I 3 -11.51 -6.39 33.69
CA GLU I 3 -10.59 -6.52 34.82
C GLU I 3 -10.72 -5.44 35.91
N LEU I 4 -10.91 -4.17 35.51
CA LEU I 4 -11.10 -3.12 36.50
C LEU I 4 -12.34 -3.42 37.34
N TYR I 5 -13.42 -3.86 36.68
CA TYR I 5 -14.63 -4.22 37.42
C TYR I 5 -14.42 -5.40 38.38
N ARG I 6 -13.78 -6.46 37.88
CA ARG I 6 -13.57 -7.68 38.67
C ARG I 6 -12.75 -7.41 39.90
N GLN I 7 -11.66 -6.67 39.71
CA GLN I 7 -10.77 -6.33 40.80
C GLN I 7 -11.51 -5.45 41.83
N SER I 8 -12.26 -4.48 41.32
CA SER I 8 -12.98 -3.56 42.19
C SER I 8 -14.00 -4.30 43.04
N LEU I 9 -14.74 -5.18 42.37
CA LEU I 9 -15.76 -5.96 43.03
C LEU I 9 -15.13 -6.82 44.10
N GLU I 10 -13.96 -7.38 43.81
CA GLU I 10 -13.30 -8.21 44.83
C GLU I 10 -12.98 -7.43 46.09
N ILE I 11 -12.33 -6.29 45.88
CA ILE I 11 -11.88 -5.46 47.01
C ILE I 11 -13.06 -4.98 47.86
N ILE I 12 -14.03 -4.39 47.18
CA ILE I 12 -15.19 -3.78 47.83
C ILE I 12 -16.03 -4.87 48.50
N SER I 13 -16.17 -6.01 47.85
CA SER I 13 -16.90 -7.14 48.42
C SER I 13 -16.28 -7.58 49.74
N ARG I 14 -14.96 -7.75 49.71
CA ARG I 14 -14.26 -8.20 50.90
C ARG I 14 -14.32 -7.20 52.02
N TYR I 15 -14.16 -5.92 51.70
CA TYR I 15 -14.20 -4.91 52.74
C TYR I 15 -15.56 -4.90 53.40
N LEU I 16 -16.62 -4.94 52.59
CA LEU I 16 -17.98 -4.92 53.15
C LEU I 16 -18.25 -6.17 54.00
N ARG I 17 -17.81 -7.34 53.52
CA ARG I 17 -17.99 -8.60 54.28
C ARG I 17 -17.23 -8.59 55.62
N GLU I 18 -16.00 -8.10 55.60
CA GLU I 18 -15.17 -8.02 56.80
C GLU I 18 -15.82 -7.13 57.83
N GLN I 19 -16.27 -5.98 57.34
CA GLN I 19 -16.83 -4.96 58.20
C GLN I 19 -18.13 -5.42 58.84
N ALA I 20 -18.93 -6.18 58.08
CA ALA I 20 -20.21 -6.69 58.58
C ALA I 20 -20.03 -7.76 59.66
N THR I 21 -19.02 -8.59 59.48
CA THR I 21 -18.75 -9.70 60.39
C THR I 21 -17.50 -9.38 61.22
N GLY I 22 -16.72 -10.38 61.57
CA GLY I 22 -15.53 -10.11 62.35
C GLY I 22 -14.22 -10.59 61.75
N ALA I 23 -14.30 -11.63 60.92
CA ALA I 23 -13.08 -12.25 60.46
C ALA I 23 -12.72 -11.77 59.08
N LYS I 24 -11.45 -11.43 58.96
CA LYS I 24 -10.86 -11.03 57.70
C LYS I 24 -10.83 -12.25 56.81
N ASP I 25 -11.35 -12.15 55.58
CA ASP I 25 -11.34 -13.30 54.69
C ASP I 25 -9.90 -13.63 54.43
N THR I 26 -9.59 -14.92 54.51
CA THR I 26 -8.21 -15.34 54.44
C THR I 26 -7.76 -15.72 53.03
N LYS I 27 -8.70 -16.05 52.16
CA LYS I 27 -8.40 -16.53 50.81
C LYS I 27 -7.61 -15.61 49.87
N PRO I 28 -6.83 -16.21 48.95
CA PRO I 28 -5.97 -15.44 48.04
C PRO I 28 -6.80 -14.73 47.01
N MET I 29 -6.26 -13.66 46.44
CA MET I 29 -7.08 -12.85 45.57
C MET I 29 -7.19 -13.28 44.12
N GLY I 30 -6.31 -14.13 43.61
CA GLY I 30 -6.47 -14.49 42.21
C GLY I 30 -5.67 -13.53 41.36
N ARG I 31 -6.11 -13.34 40.11
CA ARG I 31 -5.39 -12.49 39.15
C ARG I 31 -5.21 -11.07 39.73
N SER I 32 -3.93 -10.66 39.80
CA SER I 32 -3.46 -9.40 40.41
C SER I 32 -3.54 -9.39 41.93
N GLY I 33 -3.20 -10.51 42.56
CA GLY I 33 -3.36 -10.67 43.99
C GLY I 33 -2.57 -9.68 44.83
N ALA I 34 -1.41 -9.29 44.30
CA ALA I 34 -0.52 -8.37 45.01
C ALA I 34 -1.19 -7.02 45.23
N THR I 35 -1.82 -6.49 44.18
CA THR I 35 -2.48 -5.19 44.25
C THR I 35 -3.73 -5.20 45.12
N SER I 36 -4.57 -6.22 44.93
CA SER I 36 -5.82 -6.36 45.67
C SER I 36 -5.54 -6.48 47.17
N ARG I 37 -4.49 -7.21 47.53
CA ARG I 37 -4.14 -7.34 48.95
C ARG I 37 -3.83 -5.98 49.55
N LYS I 38 -3.00 -5.24 48.84
CA LYS I 38 -2.57 -3.93 49.29
C LYS I 38 -3.70 -2.92 49.39
N ALA I 39 -4.56 -2.91 48.37
CA ALA I 39 -5.69 -2.00 48.33
C ALA I 39 -6.65 -2.32 49.47
N LEU I 40 -6.87 -3.61 49.72
CA LEU I 40 -7.74 -4.01 50.80
C LEU I 40 -7.20 -3.53 52.13
N GLU I 41 -5.89 -3.67 52.31
CA GLU I 41 -5.28 -3.22 53.55
C GLU I 41 -5.40 -1.70 53.72
N THR I 42 -5.18 -0.99 52.62
CA THR I 42 -5.25 0.46 52.57
C THR I 42 -6.65 0.91 52.96
N LEU I 43 -7.61 0.16 52.45
CA LEU I 43 -9.02 0.38 52.70
C LEU I 43 -9.33 0.18 54.18
N ARG I 44 -8.73 -0.85 54.78
CA ARG I 44 -8.91 -1.12 56.19
C ARG I 44 -8.42 0.06 57.02
N ARG I 45 -7.28 0.62 56.61
CA ARG I 45 -6.72 1.77 57.30
C ARG I 45 -7.58 3.02 57.19
N VAL I 46 -7.80 3.48 55.97
CA VAL I 46 -8.41 4.79 55.74
C VAL I 46 -9.92 4.78 55.96
N GLY I 47 -10.55 3.66 55.61
CA GLY I 47 -11.99 3.53 55.64
C GLY I 47 -12.56 3.64 57.03
N ASP I 48 -11.87 3.02 57.99
CA ASP I 48 -12.30 3.08 59.36
C ASP I 48 -12.24 4.53 59.83
N GLY I 49 -11.21 5.23 59.39
CA GLY I 49 -11.06 6.63 59.75
C GLY I 49 -12.21 7.50 59.25
N VAL I 50 -12.57 7.30 57.99
CA VAL I 50 -13.66 8.08 57.41
C VAL I 50 -14.97 7.72 58.12
N GLN I 51 -15.19 6.45 58.42
CA GLN I 51 -16.41 6.05 59.13
C GLN I 51 -16.49 6.64 60.54
N ARG I 52 -15.34 6.68 61.23
CA ARG I 52 -15.32 7.26 62.57
C ARG I 52 -15.67 8.75 62.43
N ASN I 53 -15.00 9.41 61.50
CA ASN I 53 -15.10 10.86 61.32
C ASN I 53 -16.42 11.39 60.76
N HIS I 54 -17.16 10.58 60.01
CA HIS I 54 -18.37 11.06 59.35
C HIS I 54 -19.60 10.41 59.93
N GLU I 55 -19.46 9.89 61.15
CA GLU I 55 -20.46 8.99 61.69
C GLU I 55 -21.85 9.62 61.76
N THR I 56 -21.91 10.88 62.15
CA THR I 56 -23.21 11.54 62.26
C THR I 56 -23.85 11.70 60.89
N ALA I 57 -23.06 12.13 59.91
CA ALA I 57 -23.57 12.30 58.55
C ALA I 57 -24.01 10.96 57.95
N PHE I 58 -23.24 9.91 58.23
CA PHE I 58 -23.56 8.58 57.75
C PHE I 58 -24.86 8.11 58.36
N GLN I 59 -25.06 8.44 59.64
CA GLN I 59 -26.30 8.08 60.30
C GLN I 59 -27.47 8.86 59.74
N GLY I 60 -27.19 10.09 59.30
CA GLY I 60 -28.21 10.90 58.65
C GLY I 60 -28.67 10.31 57.35
N MET I 61 -27.68 9.91 56.54
CA MET I 61 -27.97 9.35 55.24
C MET I 61 -28.71 8.04 55.43
N LEU I 62 -28.25 7.21 56.37
CA LEU I 62 -28.87 5.91 56.58
C LEU I 62 -30.33 6.10 57.04
N ARG I 63 -30.56 7.06 57.94
CA ARG I 63 -31.90 7.29 58.45
C ARG I 63 -32.81 7.73 57.29
N LYS I 64 -32.29 8.62 56.47
CA LYS I 64 -33.02 9.11 55.30
C LYS I 64 -33.36 7.97 54.31
N LEU I 65 -32.41 7.07 54.09
CA LEU I 65 -32.56 5.94 53.18
C LEU I 65 -33.53 4.87 53.66
N ASP I 66 -33.60 4.66 54.98
CA ASP I 66 -34.54 3.73 55.61
C ASP I 66 -34.45 2.31 55.04
N ILE I 67 -33.27 1.70 55.13
CA ILE I 67 -33.10 0.40 54.51
C ILE I 67 -33.54 -0.71 55.46
N LYS I 68 -34.49 -1.52 54.99
CA LYS I 68 -35.10 -2.59 55.76
C LYS I 68 -34.90 -3.92 55.03
N ASN I 69 -35.40 -4.00 53.81
CA ASN I 69 -35.40 -5.24 53.04
C ASN I 69 -34.42 -5.21 51.87
N GLU I 70 -34.41 -6.29 51.10
CA GLU I 70 -33.50 -6.52 49.99
C GLU I 70 -33.74 -5.55 48.85
N ASP I 71 -35.03 -5.32 48.63
CA ASP I 71 -35.54 -4.46 47.57
C ASP I 71 -35.08 -3.03 47.79
N ASP I 72 -34.97 -2.65 49.07
CA ASP I 72 -34.48 -1.33 49.45
C ASP I 72 -33.05 -1.16 48.97
N VAL I 73 -32.25 -2.21 49.12
CA VAL I 73 -30.86 -2.17 48.64
C VAL I 73 -30.84 -2.04 47.12
N LYS I 74 -31.71 -2.78 46.45
CA LYS I 74 -31.72 -2.72 45.01
C LYS I 74 -32.23 -1.39 44.45
N SER I 75 -32.89 -0.61 45.28
CA SER I 75 -33.45 0.64 44.77
C SER I 75 -32.53 1.83 45.02
N LEU I 76 -31.34 1.57 45.53
CA LEU I 76 -30.39 2.64 45.90
C LEU I 76 -29.65 3.28 44.73
N SER I 77 -29.68 2.63 43.58
CA SER I 77 -28.75 2.95 42.52
C SER I 77 -28.85 4.38 42.08
N ARG I 78 -30.07 4.87 41.88
CA ARG I 78 -30.19 6.20 41.35
C ARG I 78 -29.71 7.32 42.28
N VAL I 79 -30.02 7.28 43.58
CA VAL I 79 -29.47 8.28 44.50
C VAL I 79 -27.97 8.15 44.54
N MET I 80 -27.53 6.90 44.56
CA MET I 80 -26.10 6.65 44.66
C MET I 80 -25.35 7.34 43.51
N ILE I 81 -25.81 7.11 42.29
CA ILE I 81 -25.19 7.74 41.11
C ILE I 81 -25.36 9.25 41.15
N HIS I 82 -26.53 9.70 41.59
CA HIS I 82 -26.87 11.11 41.56
C HIS I 82 -25.90 11.91 42.44
N VAL I 83 -25.66 11.44 43.67
CA VAL I 83 -24.74 12.11 44.56
C VAL I 83 -23.29 11.90 44.12
N PHE I 84 -22.93 10.67 43.79
CA PHE I 84 -21.54 10.36 43.50
C PHE I 84 -21.01 11.04 42.24
N SER I 85 -21.86 11.23 41.24
CA SER I 85 -21.35 11.73 39.96
C SER I 85 -21.31 13.25 39.93
N ASP I 86 -21.81 13.87 40.98
CA ASP I 86 -21.82 15.30 41.10
C ASP I 86 -20.52 15.80 41.73
N GLY I 87 -19.87 16.78 41.11
CA GLY I 87 -18.70 17.46 41.65
C GLY I 87 -17.38 16.91 41.13
N VAL I 88 -16.28 17.22 41.80
CA VAL I 88 -14.99 16.80 41.25
C VAL I 88 -14.64 15.49 41.87
N THR I 89 -13.89 14.68 41.14
CA THR I 89 -13.51 13.36 41.59
C THR I 89 -12.16 13.38 42.26
N ASN I 90 -12.08 12.72 43.40
CA ASN I 90 -10.81 12.48 44.07
C ASN I 90 -10.96 11.21 44.89
N TRP I 91 -9.85 10.68 45.38
CA TRP I 91 -9.84 9.42 46.11
C TRP I 91 -10.65 9.47 47.39
N GLY I 92 -10.70 10.64 48.02
CA GLY I 92 -11.47 10.78 49.24
C GLY I 92 -12.94 10.47 48.98
N ARG I 93 -13.46 10.95 47.85
CA ARG I 93 -14.85 10.73 47.50
C ARG I 93 -15.14 9.24 47.30
N ILE I 94 -14.19 8.55 46.67
CA ILE I 94 -14.31 7.10 46.49
C ILE I 94 -14.29 6.38 47.84
N VAL I 95 -13.41 6.80 48.74
CA VAL I 95 -13.35 6.22 50.08
C VAL I 95 -14.67 6.48 50.81
N THR I 96 -15.25 7.66 50.65
CA THR I 96 -16.55 7.95 51.27
C THR I 96 -17.62 6.99 50.77
N LEU I 97 -17.59 6.76 49.47
CA LEU I 97 -18.56 5.85 48.85
C LEU I 97 -18.46 4.42 49.44
N ILE I 98 -17.24 3.89 49.45
CA ILE I 98 -16.99 2.54 49.92
C ILE I 98 -17.21 2.40 51.43
N SER I 99 -16.80 3.44 52.15
CA SER I 99 -16.92 3.50 53.60
C SER I 99 -18.36 3.48 54.05
N PHE I 100 -19.18 4.27 53.35
CA PHE I 100 -20.59 4.25 53.64
C PHE I 100 -21.16 2.89 53.27
N GLY I 101 -20.60 2.28 52.22
CA GLY I 101 -21.02 0.92 51.91
C GLY I 101 -20.81 -0.01 53.09
N ALA I 102 -19.66 0.13 53.76
CA ALA I 102 -19.38 -0.68 54.95
C ALA I 102 -20.37 -0.36 56.09
N PHE I 103 -20.64 0.93 56.26
CA PHE I 103 -21.56 1.40 57.28
C PHE I 103 -22.93 0.76 57.09
N VAL I 104 -23.39 0.78 55.84
CA VAL I 104 -24.66 0.16 55.50
C VAL I 104 -24.62 -1.35 55.72
N ALA I 105 -23.52 -2.00 55.36
CA ALA I 105 -23.42 -3.44 55.49
C ALA I 105 -23.57 -3.84 56.96
N LYS I 106 -22.95 -3.07 57.85
CA LYS I 106 -23.07 -3.31 59.29
C LYS I 106 -24.52 -3.15 59.71
N HIS I 107 -25.17 -2.12 59.16
CA HIS I 107 -26.58 -1.94 59.47
C HIS I 107 -27.41 -3.15 59.03
N LEU I 108 -27.09 -3.70 57.86
CA LEU I 108 -27.78 -4.88 57.33
C LEU I 108 -27.58 -6.08 58.24
N LYS I 109 -26.38 -6.20 58.80
CA LYS I 109 -26.12 -7.27 59.77
C LYS I 109 -27.03 -7.06 61.00
N THR I 110 -27.20 -5.81 61.42
CA THR I 110 -27.98 -5.50 62.63
C THR I 110 -29.43 -5.99 62.51
N ILE I 111 -30.03 -5.82 61.34
CA ILE I 111 -31.42 -6.21 61.13
C ILE I 111 -31.48 -7.56 60.44
N ASN I 112 -30.38 -8.32 60.55
CA ASN I 112 -30.31 -9.68 60.03
C ASN I 112 -30.66 -9.73 58.55
N GLN I 113 -30.08 -8.80 57.82
CA GLN I 113 -30.21 -8.74 56.36
C GLN I 113 -28.82 -8.84 55.76
N GLU I 114 -28.05 -9.78 56.31
CA GLU I 114 -26.67 -10.05 55.93
C GLU I 114 -26.59 -10.45 54.47
N SER I 115 -27.66 -11.09 53.99
CA SER I 115 -27.71 -11.57 52.62
C SER I 115 -27.63 -10.45 51.58
N CYS I 116 -28.02 -9.24 52.00
CA CYS I 116 -28.07 -8.08 51.10
C CYS I 116 -26.71 -7.46 50.78
N ILE I 117 -25.69 -7.83 51.55
CA ILE I 117 -24.39 -7.20 51.42
C ILE I 117 -23.74 -7.38 50.07
N GLU I 118 -23.81 -8.60 49.52
CA GLU I 118 -23.13 -8.83 48.26
C GLU I 118 -23.78 -8.05 47.11
N PRO I 119 -25.13 -8.01 47.06
CA PRO I 119 -25.67 -7.11 46.03
C PRO I 119 -25.26 -5.66 46.28
N LEU I 120 -25.20 -5.23 47.54
CA LEU I 120 -24.79 -3.87 47.85
C LEU I 120 -23.41 -3.59 47.29
N ALA I 121 -22.50 -4.53 47.50
CA ALA I 121 -21.13 -4.37 47.01
C ALA I 121 -21.17 -4.28 45.49
N GLU I 122 -21.98 -5.14 44.87
CA GLU I 122 -22.08 -5.16 43.42
C GLU I 122 -22.57 -3.79 42.98
N SER I 123 -23.56 -3.28 43.71
CA SER I 123 -24.17 -2.02 43.34
C SER I 123 -23.11 -0.91 43.43
N ILE I 124 -22.33 -0.94 44.51
CA ILE I 124 -21.31 0.06 44.72
C ILE I 124 -20.31 -0.02 43.61
N THR I 125 -19.90 -1.24 43.29
CA THR I 125 -18.87 -1.40 42.29
C THR I 125 -19.37 -0.85 40.98
N ASP I 126 -20.64 -1.17 40.68
CA ASP I 126 -21.20 -0.80 39.39
C ASP I 126 -21.22 0.72 39.30
N VAL I 127 -21.61 1.39 40.39
CA VAL I 127 -21.68 2.84 40.35
C VAL I 127 -20.26 3.37 40.15
N LEU I 128 -19.30 2.82 40.88
CA LEU I 128 -17.96 3.37 40.87
C LEU I 128 -17.37 3.31 39.48
N VAL I 129 -17.44 2.13 38.92
CA VAL I 129 -16.85 1.86 37.65
C VAL I 129 -17.62 2.59 36.54
N ARG I 130 -18.94 2.70 36.64
CA ARG I 130 -19.63 3.42 35.57
C ARG I 130 -19.40 4.94 35.57
N THR I 131 -19.42 5.54 36.75
CA THR I 131 -19.24 6.99 36.82
C THR I 131 -17.76 7.41 36.73
N LYS I 132 -16.84 6.59 37.23
CA LYS I 132 -15.44 7.06 37.33
C LYS I 132 -14.43 6.33 36.45
N ARG I 133 -14.91 5.67 35.40
CA ARG I 133 -14.05 4.75 34.64
C ARG I 133 -12.78 5.44 34.09
N ASP I 134 -12.95 6.52 33.34
CA ASP I 134 -11.82 7.19 32.70
C ASP I 134 -10.88 7.80 33.76
N TRP I 135 -11.45 8.35 34.82
CA TRP I 135 -10.65 8.90 35.90
C TRP I 135 -9.83 7.79 36.57
N LEU I 136 -10.47 6.66 36.86
CA LEU I 136 -9.80 5.54 37.49
C LEU I 136 -8.66 5.01 36.62
N VAL I 137 -8.90 4.93 35.31
CA VAL I 137 -7.88 4.45 34.39
C VAL I 137 -6.72 5.43 34.43
N LYS I 138 -7.03 6.73 34.43
CA LYS I 138 -5.97 7.73 34.47
C LYS I 138 -5.12 7.63 35.73
N GLN I 139 -5.74 7.31 36.86
CA GLN I 139 -5.01 7.29 38.11
C GLN I 139 -4.36 5.94 38.33
N ARG I 140 -4.33 5.13 37.27
CA ARG I 140 -3.70 3.80 37.30
C ARG I 140 -4.44 2.90 38.29
N GLY I 141 -5.73 3.17 38.45
CA GLY I 141 -6.59 2.29 39.24
C GLY I 141 -6.16 2.04 40.66
N TRP I 142 -6.25 0.78 41.07
CA TRP I 142 -5.97 0.41 42.43
C TRP I 142 -4.50 0.62 42.80
N ASP I 143 -3.61 0.57 41.81
CA ASP I 143 -2.20 0.89 42.05
C ASP I 143 -2.11 2.33 42.53
N GLY I 144 -2.80 3.21 41.82
CA GLY I 144 -2.85 4.61 42.18
C GLY I 144 -3.49 4.81 43.54
N PHE I 145 -4.53 4.04 43.83
CA PHE I 145 -5.21 4.16 45.12
C PHE I 145 -4.22 3.83 46.24
N VAL I 146 -3.48 2.74 46.05
CA VAL I 146 -2.51 2.30 47.05
C VAL I 146 -1.39 3.32 47.23
N GLU I 147 -0.85 3.81 46.13
CA GLU I 147 0.23 4.80 46.19
C GLU I 147 -0.25 6.04 46.90
N PHE I 148 -1.48 6.42 46.62
CA PHE I 148 -2.02 7.66 47.17
C PHE I 148 -2.06 7.65 48.70
N PHE I 149 -2.33 6.50 49.29
CA PHE I 149 -2.47 6.45 50.75
C PHE I 149 -1.25 5.85 51.45
N HIS I 150 -0.16 5.70 50.70
CA HIS I 150 1.11 5.19 51.18
C HIS I 150 1.73 6.09 52.25
N VAL I 151 1.91 5.54 53.44
CA VAL I 151 2.57 6.23 54.55
C VAL I 151 3.91 6.88 54.14
N GLY J 1 13.40 72.29 -9.37
CA GLY J 1 12.03 72.03 -8.97
C GLY J 1 11.83 71.91 -7.48
N ASP J 2 12.62 72.67 -6.73
CA ASP J 2 12.59 72.78 -5.27
C ASP J 2 12.43 71.45 -4.52
N GLU J 3 11.50 71.39 -3.57
CA GLU J 3 11.51 70.31 -2.59
C GLU J 3 11.35 68.92 -3.19
N LEU J 4 10.42 68.80 -4.12
CA LEU J 4 10.20 67.55 -4.82
C LEU J 4 11.48 67.12 -5.53
N TYR J 5 12.13 68.09 -6.18
CA TYR J 5 13.39 67.80 -6.87
C TYR J 5 14.50 67.39 -5.89
N ARG J 6 14.65 68.13 -4.80
CA ARG J 6 15.73 67.87 -3.84
C ARG J 6 15.58 66.48 -3.19
N GLN J 7 14.35 66.16 -2.79
CA GLN J 7 14.02 64.91 -2.16
C GLN J 7 14.23 63.76 -3.13
N SER J 8 13.80 63.98 -4.36
CA SER J 8 13.94 62.97 -5.40
C SER J 8 15.41 62.67 -5.63
N LEU J 9 16.21 63.72 -5.74
CA LEU J 9 17.65 63.54 -5.96
C LEU J 9 18.29 62.83 -4.79
N GLU J 10 17.90 63.18 -3.56
CA GLU J 10 18.48 62.58 -2.37
C GLU J 10 18.22 61.08 -2.33
N ILE J 11 16.98 60.69 -2.55
CA ILE J 11 16.62 59.28 -2.56
C ILE J 11 17.34 58.52 -3.68
N ILE J 12 17.28 59.07 -4.89
CA ILE J 12 17.83 58.35 -6.03
C ILE J 12 19.35 58.21 -5.96
N SER J 13 20.04 59.30 -5.60
CA SER J 13 21.50 59.27 -5.46
C SER J 13 21.87 58.30 -4.37
N ARG J 14 21.17 58.35 -3.24
CA ARG J 14 21.54 57.43 -2.18
C ARG J 14 21.34 55.98 -2.57
N TYR J 15 20.23 55.66 -3.23
CA TYR J 15 20.02 54.28 -3.66
C TYR J 15 21.09 53.83 -4.68
N LEU J 16 21.42 54.67 -5.67
CA LEU J 16 22.44 54.32 -6.68
C LEU J 16 23.84 54.16 -6.03
N ARG J 17 24.18 55.08 -5.13
CA ARG J 17 25.47 55.03 -4.45
C ARG J 17 25.60 53.78 -3.59
N GLU J 18 24.50 53.48 -2.91
CA GLU J 18 24.41 52.32 -2.04
C GLU J 18 24.56 51.03 -2.85
N GLN J 19 23.86 50.95 -3.97
CA GLN J 19 23.88 49.76 -4.78
C GLN J 19 25.26 49.58 -5.42
N ALA J 20 25.89 50.69 -5.79
CA ALA J 20 27.20 50.66 -6.44
C ALA J 20 28.22 50.12 -5.47
N THR J 21 28.09 50.53 -4.21
CA THR J 21 29.01 50.11 -3.16
C THR J 21 28.24 49.08 -2.31
N GLY J 22 28.46 49.03 -1.02
CA GLY J 22 27.68 48.14 -0.19
C GLY J 22 27.24 48.96 0.99
N ALA J 23 27.42 50.27 0.85
CA ALA J 23 27.26 51.21 1.96
C ALA J 23 25.95 51.99 1.94
N LYS J 24 25.33 52.01 3.11
CA LYS J 24 24.13 52.79 3.37
C LYS J 24 24.72 54.10 3.89
N ASP J 25 24.39 55.23 3.27
CA ASP J 25 24.98 56.47 3.73
C ASP J 25 24.40 56.67 5.13
N THR J 26 25.25 56.96 6.11
CA THR J 26 24.80 57.03 7.51
C THR J 26 24.44 58.44 7.85
N LYS J 27 24.93 59.34 7.02
CA LYS J 27 24.79 60.77 7.20
C LYS J 27 23.31 61.12 7.27
N PRO J 28 22.97 62.14 8.05
CA PRO J 28 21.53 62.37 8.18
C PRO J 28 20.92 62.97 6.91
N MET J 29 19.61 62.78 6.76
CA MET J 29 18.88 63.31 5.61
C MET J 29 18.47 64.74 5.90
N GLY J 30 17.95 65.42 4.88
CA GLY J 30 17.48 66.77 5.05
C GLY J 30 15.97 66.90 5.05
N ARG J 31 15.47 67.90 5.78
CA ARG J 31 14.21 68.57 5.43
C ARG J 31 12.95 67.68 5.32
N SER J 32 13.06 66.49 4.73
CA SER J 32 11.96 65.52 4.73
C SER J 32 12.40 64.10 5.10
N GLY J 33 13.39 63.98 5.99
CA GLY J 33 14.08 62.71 6.20
C GLY J 33 13.29 61.45 6.55
N ALA J 34 12.19 61.62 7.27
CA ALA J 34 11.35 60.50 7.67
C ALA J 34 10.77 59.82 6.41
N THR J 35 10.32 60.65 5.49
CA THR J 35 9.75 60.19 4.22
C THR J 35 10.82 59.52 3.33
N SER J 36 11.96 60.18 3.24
CA SER J 36 13.06 59.74 2.38
C SER J 36 13.58 58.37 2.77
N ARG J 37 13.74 58.14 4.08
CA ARG J 37 14.20 56.83 4.51
C ARG J 37 13.20 55.74 4.22
N LYS J 38 11.92 56.00 4.44
CA LYS J 38 10.92 55.00 4.17
C LYS J 38 10.92 54.66 2.67
N ALA J 39 11.08 55.69 1.83
CA ALA J 39 11.17 55.48 0.37
C ALA J 39 12.41 54.68 -0.03
N LEU J 40 13.55 54.97 0.61
CA LEU J 40 14.79 54.26 0.36
C LEU J 40 14.62 52.78 0.76
N GLU J 41 13.99 52.58 1.90
CA GLU J 41 13.75 51.24 2.41
C GLU J 41 12.85 50.49 1.42
N THR J 42 11.87 51.20 0.89
CA THR J 42 10.95 50.67 -0.11
C THR J 42 11.69 50.28 -1.41
N LEU J 43 12.62 51.14 -1.80
CA LEU J 43 13.44 50.99 -2.98
C LEU J 43 14.34 49.77 -2.88
N ARG J 44 14.86 49.52 -1.68
CA ARG J 44 15.76 48.40 -1.46
C ARG J 44 15.05 47.09 -1.80
N ARG J 45 13.83 46.95 -1.31
CA ARG J 45 13.03 45.75 -1.55
C ARG J 45 12.60 45.65 -3.00
N VAL J 46 11.91 46.70 -3.47
CA VAL J 46 11.23 46.61 -4.75
C VAL J 46 12.24 46.63 -5.90
N GLY J 47 13.30 47.40 -5.72
CA GLY J 47 14.31 47.58 -6.75
C GLY J 47 15.10 46.31 -7.00
N ASP J 48 15.44 45.61 -5.93
CA ASP J 48 16.20 44.37 -6.06
C ASP J 48 15.40 43.29 -6.79
N GLY J 49 14.11 43.23 -6.47
CA GLY J 49 13.22 42.30 -7.15
C GLY J 49 13.14 42.63 -8.62
N VAL J 50 13.02 43.93 -8.93
CA VAL J 50 12.92 44.36 -10.32
C VAL J 50 14.19 44.02 -11.09
N GLN J 51 15.35 44.25 -10.46
CA GLN J 51 16.65 43.96 -11.08
C GLN J 51 16.79 42.46 -11.35
N ARG J 52 16.30 41.64 -10.43
CA ARG J 52 16.33 40.20 -10.66
C ARG J 52 15.39 39.82 -11.81
N ASN J 53 14.17 40.34 -11.83
CA ASN J 53 13.22 39.95 -12.89
C ASN J 53 13.59 40.49 -14.29
N HIS J 54 14.34 41.58 -14.38
CA HIS J 54 14.60 42.13 -15.70
C HIS J 54 16.06 41.98 -16.04
N GLU J 55 16.76 41.11 -15.33
CA GLU J 55 18.20 41.08 -15.40
C GLU J 55 18.66 40.85 -16.82
N THR J 56 17.93 40.01 -17.53
CA THR J 56 18.28 39.74 -18.91
C THR J 56 18.03 41.00 -19.74
N ALA J 57 16.89 41.66 -19.53
CA ALA J 57 16.58 42.90 -20.26
C ALA J 57 17.51 44.06 -19.85
N PHE J 58 17.81 44.16 -18.56
CA PHE J 58 18.69 45.23 -18.11
C PHE J 58 20.05 45.02 -18.73
N GLN J 59 20.50 43.78 -18.76
CA GLN J 59 21.80 43.47 -19.32
C GLN J 59 21.78 43.77 -20.81
N GLY J 60 20.63 43.48 -21.43
CA GLY J 60 20.40 43.83 -22.81
C GLY J 60 20.54 45.31 -23.10
N MET J 61 19.85 46.11 -22.29
CA MET J 61 19.84 47.56 -22.46
C MET J 61 21.21 48.14 -22.17
N LEU J 62 21.86 47.64 -21.14
CA LEU J 62 23.18 48.10 -20.74
C LEU J 62 24.13 47.80 -21.89
N ARG J 63 23.99 46.62 -22.48
CA ARG J 63 24.83 46.23 -23.60
C ARG J 63 24.59 47.18 -24.78
N LYS J 64 23.32 47.49 -25.08
CA LYS J 64 23.04 48.44 -26.16
C LYS J 64 23.59 49.84 -25.92
N LEU J 65 23.40 50.34 -24.71
CA LEU J 65 23.81 51.70 -24.36
C LEU J 65 25.30 51.85 -24.42
N ASP J 66 26.04 50.78 -24.08
CA ASP J 66 27.49 50.80 -24.20
C ASP J 66 28.14 51.95 -23.45
N ILE J 67 27.91 52.01 -22.14
CA ILE J 67 28.35 53.15 -21.36
C ILE J 67 29.76 52.92 -20.88
N LYS J 68 30.68 53.80 -21.28
CA LYS J 68 32.09 53.63 -20.91
C LYS J 68 32.62 54.81 -20.12
N ASN J 69 32.07 55.99 -20.36
CA ASN J 69 32.60 57.20 -19.75
C ASN J 69 31.53 58.24 -19.44
N GLU J 70 31.96 59.36 -18.87
CA GLU J 70 31.04 60.39 -18.40
C GLU J 70 30.22 61.02 -19.53
N ASP J 71 30.81 61.12 -20.71
CA ASP J 71 30.11 61.65 -21.89
C ASP J 71 28.95 60.72 -22.32
N ASP J 72 29.19 59.42 -22.19
CA ASP J 72 28.17 58.42 -22.50
C ASP J 72 26.99 58.56 -21.53
N VAL J 73 27.29 58.80 -20.26
CA VAL J 73 26.25 59.03 -19.25
C VAL J 73 25.49 60.31 -19.56
N LYS J 74 26.25 61.34 -19.93
CA LYS J 74 25.68 62.65 -20.16
C LYS J 74 24.77 62.66 -21.38
N SER J 75 24.90 61.68 -22.27
CA SER J 75 24.04 61.68 -23.45
C SER J 75 22.81 60.80 -23.34
N LEU J 76 22.57 60.23 -22.16
CA LEU J 76 21.48 59.24 -22.01
C LEU J 76 20.08 59.84 -22.02
N SER J 77 19.97 61.15 -21.84
CA SER J 77 18.68 61.76 -21.47
C SER J 77 17.52 61.47 -22.42
N ARG J 78 17.75 61.65 -23.71
CA ARG J 78 16.71 61.47 -24.70
C ARG J 78 16.29 60.00 -24.83
N VAL J 79 17.22 59.07 -24.70
CA VAL J 79 16.88 57.64 -24.70
C VAL J 79 16.00 57.31 -23.50
N MET J 80 16.37 57.89 -22.36
CA MET J 80 15.65 57.70 -21.12
C MET J 80 14.21 58.19 -21.33
N ILE J 81 14.07 59.38 -21.89
CA ILE J 81 12.76 59.96 -22.18
C ILE J 81 11.99 59.13 -23.20
N HIS J 82 12.68 58.62 -24.21
CA HIS J 82 12.04 57.86 -25.28
C HIS J 82 11.38 56.61 -24.73
N VAL J 83 12.07 55.91 -23.83
CA VAL J 83 11.46 54.75 -23.21
C VAL J 83 10.43 55.14 -22.14
N PHE J 84 10.81 56.02 -21.23
CA PHE J 84 9.99 56.41 -20.09
C PHE J 84 8.68 57.21 -20.37
N SER J 85 8.70 58.07 -21.38
CA SER J 85 7.55 58.94 -21.67
C SER J 85 6.51 58.32 -22.61
N ASP J 86 6.79 57.11 -23.05
CA ASP J 86 5.85 56.31 -23.82
C ASP J 86 4.86 55.66 -22.88
N GLY J 87 3.57 55.83 -23.13
CA GLY J 87 2.60 55.05 -22.37
C GLY J 87 2.00 55.65 -21.13
N VAL J 88 1.65 54.74 -20.23
CA VAL J 88 0.95 55.07 -19.03
C VAL J 88 1.96 55.40 -17.95
N THR J 89 1.57 56.22 -16.99
CA THR J 89 2.43 56.56 -15.87
C THR J 89 1.95 55.75 -14.64
N ASN J 90 2.88 55.06 -13.99
CA ASN J 90 2.60 54.40 -12.71
C ASN J 90 3.89 54.25 -11.94
N TRP J 91 3.78 53.95 -10.65
CA TRP J 91 4.96 53.82 -9.82
C TRP J 91 5.86 52.64 -10.28
N GLY J 92 5.26 51.63 -10.92
CA GLY J 92 6.03 50.48 -11.39
C GLY J 92 7.10 50.87 -12.40
N ARG J 93 6.70 51.74 -13.33
CA ARG J 93 7.64 52.24 -14.32
C ARG J 93 8.72 53.12 -13.72
N ILE J 94 8.35 53.92 -12.72
CA ILE J 94 9.30 54.76 -12.01
C ILE J 94 10.32 53.91 -11.30
N VAL J 95 9.84 52.83 -10.69
CA VAL J 95 10.73 51.87 -10.04
C VAL J 95 11.66 51.25 -11.06
N THR J 96 11.13 50.89 -12.22
CA THR J 96 11.94 50.32 -13.28
C THR J 96 13.05 51.32 -13.71
N LEU J 97 12.68 52.60 -13.84
CA LEU J 97 13.62 53.67 -14.18
C LEU J 97 14.74 53.75 -13.15
N ILE J 98 14.40 53.80 -11.88
CA ILE J 98 15.43 53.90 -10.85
C ILE J 98 16.28 52.62 -10.72
N SER J 99 15.63 51.46 -10.86
CA SER J 99 16.31 50.15 -10.73
C SER J 99 17.33 49.97 -11.82
N PHE J 100 16.99 50.38 -13.05
CA PHE J 100 17.97 50.30 -14.10
C PHE J 100 19.10 51.27 -13.79
N GLY J 101 18.77 52.39 -13.15
CA GLY J 101 19.80 53.31 -12.75
C GLY J 101 20.79 52.63 -11.82
N ALA J 102 20.28 51.85 -10.87
CA ALA J 102 21.14 51.12 -9.94
C ALA J 102 21.99 50.10 -10.68
N PHE J 103 21.35 49.43 -11.62
CA PHE J 103 22.02 48.42 -12.43
C PHE J 103 23.22 49.04 -13.16
N VAL J 104 22.98 50.20 -13.76
CA VAL J 104 24.00 50.96 -14.46
C VAL J 104 25.08 51.46 -13.50
N ALA J 105 24.69 51.92 -12.31
CA ALA J 105 25.64 52.46 -11.34
C ALA J 105 26.64 51.35 -10.93
N LYS J 106 26.13 50.12 -10.77
CA LYS J 106 26.98 48.97 -10.47
C LYS J 106 27.93 48.72 -11.62
N HIS J 107 27.42 48.81 -12.84
CA HIS J 107 28.32 48.66 -13.98
C HIS J 107 29.44 49.71 -14.00
N LEU J 108 29.09 50.95 -13.66
CA LEU J 108 30.06 52.04 -13.65
C LEU J 108 31.14 51.77 -12.59
N LYS J 109 30.73 51.27 -11.43
CA LYS J 109 31.70 50.92 -10.38
C LYS J 109 32.63 49.83 -10.89
N THR J 110 32.06 48.88 -11.60
CA THR J 110 32.81 47.74 -12.15
C THR J 110 33.93 48.17 -13.11
N ILE J 111 33.68 49.18 -13.92
CA ILE J 111 34.68 49.65 -14.88
C ILE J 111 35.42 50.88 -14.35
N ASN J 112 35.42 51.03 -13.03
CA ASN J 112 36.12 52.12 -12.33
C ASN J 112 35.67 53.52 -12.84
N GLN J 113 34.36 53.71 -12.93
CA GLN J 113 33.81 55.01 -13.32
C GLN J 113 32.87 55.52 -12.23
N GLU J 114 33.31 55.42 -10.98
CA GLU J 114 32.51 55.80 -9.84
C GLU J 114 32.10 57.26 -9.94
N SER J 115 32.96 58.07 -10.56
CA SER J 115 32.71 59.49 -10.69
C SER J 115 31.44 59.76 -11.50
N CYS J 116 31.07 58.80 -12.35
CA CYS J 116 29.87 58.95 -13.17
C CYS J 116 28.56 58.72 -12.42
N ILE J 117 28.62 58.14 -11.24
CA ILE J 117 27.36 57.80 -10.56
C ILE J 117 26.52 59.04 -10.23
N GLU J 118 27.14 60.11 -9.74
CA GLU J 118 26.35 61.30 -9.44
C GLU J 118 25.71 61.95 -10.67
N PRO J 119 26.46 62.10 -11.79
CA PRO J 119 25.74 62.60 -12.97
C PRO J 119 24.58 61.68 -13.40
N LEU J 120 24.77 60.37 -13.33
CA LEU J 120 23.70 59.43 -13.69
C LEU J 120 22.46 59.69 -12.82
N ALA J 121 22.67 59.85 -11.52
CA ALA J 121 21.58 60.11 -10.59
C ALA J 121 20.89 61.44 -10.90
N GLU J 122 21.68 62.45 -11.28
CA GLU J 122 21.15 63.77 -11.59
C GLU J 122 20.20 63.59 -12.77
N SER J 123 20.68 62.82 -13.76
CA SER J 123 19.96 62.71 -15.00
C SER J 123 18.60 62.02 -14.82
N ILE J 124 18.62 60.94 -14.07
CA ILE J 124 17.40 60.19 -13.81
C ILE J 124 16.42 61.13 -13.12
N THR J 125 16.93 61.87 -12.14
CA THR J 125 16.05 62.75 -11.37
C THR J 125 15.44 63.75 -12.29
N ASP J 126 16.29 64.30 -13.14
CA ASP J 126 15.85 65.35 -14.02
C ASP J 126 14.74 64.82 -14.90
N VAL J 127 14.92 63.62 -15.43
CA VAL J 127 13.92 63.02 -16.30
C VAL J 127 12.66 62.76 -15.50
N LEU J 128 12.81 62.25 -14.29
CA LEU J 128 11.63 61.85 -13.56
C LEU J 128 10.77 63.05 -13.21
N VAL J 129 11.39 64.03 -12.56
CA VAL J 129 10.66 65.16 -12.03
C VAL J 129 10.13 66.09 -13.12
N ARG J 130 10.92 66.31 -14.15
CA ARG J 130 10.51 67.15 -15.25
C ARG J 130 9.34 66.59 -16.07
N THR J 131 9.40 65.32 -16.45
CA THR J 131 8.34 64.74 -17.27
C THR J 131 7.07 64.35 -16.50
N LYS J 132 7.20 64.00 -15.24
CA LYS J 132 6.06 63.49 -14.47
C LYS J 132 5.65 64.37 -13.29
N ARG J 133 5.99 65.66 -13.34
CA ARG J 133 5.83 66.58 -12.20
C ARG J 133 4.39 66.64 -11.66
N ASP J 134 3.42 66.92 -12.53
CA ASP J 134 2.05 67.05 -12.05
C ASP J 134 1.54 65.70 -11.58
N TRP J 135 1.92 64.64 -12.28
CA TRP J 135 1.49 63.30 -11.86
C TRP J 135 2.02 63.02 -10.48
N LEU J 136 3.31 63.27 -10.30
CA LEU J 136 3.95 63.00 -9.04
C LEU J 136 3.27 63.80 -7.94
N VAL J 137 3.00 65.07 -8.22
CA VAL J 137 2.39 65.96 -7.22
C VAL J 137 1.00 65.47 -6.85
N LYS J 138 0.25 65.04 -7.87
CA LYS J 138 -1.09 64.53 -7.68
C LYS J 138 -1.04 63.31 -6.78
N GLN J 139 0.01 62.51 -6.93
CA GLN J 139 0.13 61.28 -6.16
C GLN J 139 0.77 61.53 -4.81
N ARG J 140 0.89 62.80 -4.41
CA ARG J 140 1.42 63.16 -3.09
C ARG J 140 2.88 62.74 -2.93
N GLY J 141 3.60 62.74 -4.04
CA GLY J 141 5.03 62.52 -4.02
C GLY J 141 5.51 61.21 -3.39
N TRP J 142 6.57 61.33 -2.64
CA TRP J 142 7.21 60.17 -2.04
C TRP J 142 6.35 59.52 -0.96
N ASP J 143 5.52 60.31 -0.30
CA ASP J 143 4.58 59.75 0.65
C ASP J 143 3.65 58.79 -0.09
N GLY J 144 3.16 59.24 -1.23
CA GLY J 144 2.30 58.42 -2.07
C GLY J 144 3.01 57.16 -2.54
N PHE J 145 4.28 57.31 -2.86
CA PHE J 145 5.10 56.17 -3.28
C PHE J 145 5.20 55.10 -2.17
N VAL J 146 5.54 55.56 -0.96
CA VAL J 146 5.68 54.68 0.20
C VAL J 146 4.36 53.97 0.50
N GLU J 147 3.27 54.72 0.49
CA GLU J 147 1.95 54.13 0.76
C GLU J 147 1.60 53.10 -0.32
N PHE J 148 1.92 53.41 -1.57
CA PHE J 148 1.59 52.52 -2.69
C PHE J 148 2.29 51.20 -2.51
N PHE J 149 3.50 51.20 -1.97
CA PHE J 149 4.20 49.91 -1.85
C PHE J 149 4.17 49.29 -0.44
N HIS J 150 3.37 49.85 0.46
CA HIS J 150 3.23 49.31 1.81
C HIS J 150 2.58 47.93 1.71
N VAL J 151 3.05 46.96 2.49
CA VAL J 151 2.45 45.62 2.47
C VAL J 151 1.48 45.43 3.64
N GLY K 1 46.97 5.94 1.83
CA GLY K 1 45.93 5.37 0.98
C GLY K 1 45.94 5.82 -0.45
N ASP K 2 45.18 6.89 -0.70
CA ASP K 2 44.95 7.52 -2.01
C ASP K 2 44.68 6.58 -3.17
N GLU K 3 45.34 6.78 -4.31
CA GLU K 3 44.90 6.11 -5.55
C GLU K 3 44.97 4.56 -5.49
N LEU K 4 46.03 4.01 -4.92
CA LEU K 4 46.10 2.56 -4.75
C LEU K 4 44.92 2.08 -3.87
N TYR K 5 44.63 2.80 -2.81
CA TYR K 5 43.50 2.42 -1.97
C TYR K 5 42.14 2.55 -2.70
N ARG K 6 41.88 3.69 -3.32
CA ARG K 6 40.58 3.91 -3.98
C ARG K 6 40.36 2.88 -5.08
N GLN K 7 41.40 2.63 -5.88
CA GLN K 7 41.30 1.65 -6.95
C GLN K 7 41.07 0.25 -6.36
N SER K 8 41.80 -0.08 -5.29
CA SER K 8 41.68 -1.40 -4.67
C SER K 8 40.26 -1.65 -4.13
N LEU K 9 39.71 -0.66 -3.43
CA LEU K 9 38.35 -0.72 -2.93
C LEU K 9 37.36 -0.86 -4.09
N GLU K 10 37.60 -0.13 -5.17
CA GLU K 10 36.71 -0.19 -6.32
C GLU K 10 36.65 -1.58 -6.90
N ILE K 11 37.82 -2.15 -7.15
CA ILE K 11 37.94 -3.49 -7.71
C ILE K 11 37.34 -4.54 -6.79
N ILE K 12 37.72 -4.50 -5.52
CA ILE K 12 37.28 -5.53 -4.58
C ILE K 12 35.78 -5.45 -4.32
N SER K 13 35.28 -4.24 -4.11
CA SER K 13 33.85 -4.04 -3.91
C SER K 13 33.08 -4.53 -5.13
N ARG K 14 33.52 -4.14 -6.32
CA ARG K 14 32.77 -4.55 -7.49
C ARG K 14 32.78 -6.07 -7.66
N TYR K 15 33.92 -6.70 -7.45
CA TYR K 15 33.97 -8.14 -7.58
C TYR K 15 33.05 -8.84 -6.56
N LEU K 16 33.09 -8.39 -5.31
CA LEU K 16 32.26 -9.00 -4.29
C LEU K 16 30.77 -8.81 -4.54
N ARG K 17 30.35 -7.59 -4.91
CA ARG K 17 28.93 -7.36 -5.17
C ARG K 17 28.47 -8.17 -6.37
N GLU K 18 29.33 -8.24 -7.38
CA GLU K 18 29.08 -8.99 -8.59
C GLU K 18 28.89 -10.45 -8.31
N GLN K 19 29.79 -11.02 -7.50
CA GLN K 19 29.75 -12.43 -7.16
C GLN K 19 28.53 -12.75 -6.34
N ALA K 20 28.17 -11.84 -5.44
CA ALA K 20 27.03 -12.06 -4.56
C ALA K 20 25.69 -12.02 -5.29
N THR K 21 25.54 -11.06 -6.20
CA THR K 21 24.27 -10.90 -6.89
C THR K 21 24.25 -11.21 -8.39
N GLY K 22 25.37 -11.58 -8.97
CA GLY K 22 25.39 -11.90 -10.39
C GLY K 22 25.18 -10.71 -11.31
N ALA K 23 25.82 -9.59 -11.00
CA ALA K 23 25.65 -8.38 -11.80
C ALA K 23 26.99 -7.81 -12.17
N LYS K 24 27.18 -7.53 -13.45
CA LYS K 24 28.39 -6.85 -13.86
C LYS K 24 27.91 -5.43 -13.70
N ASP K 25 28.61 -4.65 -12.88
CA ASP K 25 28.12 -3.31 -12.59
C ASP K 25 28.22 -2.47 -13.86
N THR K 26 27.14 -1.75 -14.16
CA THR K 26 27.07 -1.00 -15.40
C THR K 26 27.51 0.45 -15.21
N LYS K 27 27.58 0.89 -13.95
CA LYS K 27 28.02 2.24 -13.60
C LYS K 27 29.50 2.39 -13.99
N PRO K 28 29.93 3.62 -14.34
CA PRO K 28 31.31 3.74 -14.83
C PRO K 28 32.39 3.67 -13.75
N MET K 29 33.60 3.30 -14.15
CA MET K 29 34.72 3.23 -13.21
C MET K 29 35.35 4.61 -13.06
N GLY K 30 36.47 4.70 -12.35
CA GLY K 30 37.13 5.97 -12.25
C GLY K 30 38.65 5.96 -12.33
N ARG K 31 39.17 7.02 -12.96
CA ARG K 31 40.58 7.37 -12.99
C ARG K 31 41.61 6.27 -13.31
N SER K 32 41.16 5.06 -13.58
CA SER K 32 42.04 4.01 -14.06
C SER K 32 41.18 2.87 -14.54
N GLY K 33 40.07 3.24 -15.16
CA GLY K 33 39.04 2.29 -15.48
C GLY K 33 39.51 1.14 -16.35
N ALA K 34 40.47 1.38 -17.24
CA ALA K 34 40.95 0.31 -18.13
C ALA K 34 41.63 -0.80 -17.34
N THR K 35 42.53 -0.41 -16.44
CA THR K 35 43.24 -1.39 -15.62
C THR K 35 42.26 -2.03 -14.66
N SER K 36 41.37 -1.25 -14.05
CA SER K 36 40.40 -1.83 -13.10
C SER K 36 39.53 -2.87 -13.79
N ARG K 37 39.12 -2.59 -15.03
CA ARG K 37 38.31 -3.56 -15.80
C ARG K 37 39.17 -4.80 -16.08
N LYS K 38 40.44 -4.61 -16.46
CA LYS K 38 41.30 -5.75 -16.70
C LYS K 38 41.45 -6.57 -15.41
N ALA K 39 41.57 -5.87 -14.30
CA ALA K 39 41.72 -6.49 -13.00
C ALA K 39 40.46 -7.29 -12.70
N LEU K 40 39.30 -6.71 -13.00
CA LEU K 40 38.04 -7.41 -12.75
C LEU K 40 37.98 -8.67 -13.57
N GLU K 41 38.41 -8.60 -14.83
CA GLU K 41 38.39 -9.77 -15.73
C GLU K 41 39.30 -10.85 -15.19
N THR K 42 40.48 -10.44 -14.75
CA THR K 42 41.46 -11.36 -14.19
C THR K 42 40.92 -12.03 -12.95
N LEU K 43 40.25 -11.25 -12.11
CA LEU K 43 39.66 -11.75 -10.87
C LEU K 43 38.54 -12.74 -11.16
N ARG K 44 37.74 -12.44 -12.18
CA ARG K 44 36.67 -13.35 -12.58
C ARG K 44 37.29 -14.67 -13.02
N ARG K 45 38.39 -14.60 -13.77
CA ARG K 45 39.04 -15.84 -14.20
C ARG K 45 39.70 -16.63 -13.05
N VAL K 46 40.72 -16.03 -12.45
CA VAL K 46 41.57 -16.73 -11.50
C VAL K 46 40.85 -16.91 -10.17
N GLY K 47 40.03 -15.93 -9.82
CA GLY K 47 39.29 -15.96 -8.56
C GLY K 47 38.21 -17.03 -8.53
N ASP K 48 37.49 -17.15 -9.63
CA ASP K 48 36.47 -18.19 -9.72
C ASP K 48 37.18 -19.54 -9.72
N GLY K 49 38.35 -19.58 -10.36
CA GLY K 49 39.13 -20.80 -10.36
C GLY K 49 39.51 -21.21 -8.93
N VAL K 50 39.98 -20.25 -8.15
CA VAL K 50 40.39 -20.52 -6.77
C VAL K 50 39.18 -20.95 -5.92
N GLN K 51 38.04 -20.31 -6.12
CA GLN K 51 36.83 -20.66 -5.37
C GLN K 51 36.43 -22.09 -5.66
N ARG K 52 36.52 -22.51 -6.92
CA ARG K 52 36.24 -23.91 -7.22
C ARG K 52 37.28 -24.89 -6.65
N ASN K 53 38.56 -24.62 -6.87
CA ASN K 53 39.61 -25.57 -6.50
C ASN K 53 39.84 -25.73 -5.00
N HIS K 54 39.46 -24.72 -4.22
CA HIS K 54 39.73 -24.73 -2.80
C HIS K 54 38.45 -24.69 -1.97
N GLU K 55 37.36 -25.09 -2.61
CA GLU K 55 36.01 -24.89 -2.05
C GLU K 55 35.83 -25.57 -0.69
N THR K 56 36.44 -26.74 -0.47
CA THR K 56 36.30 -27.46 0.81
C THR K 56 36.95 -26.68 1.98
N ALA K 57 38.18 -26.21 1.78
CA ALA K 57 38.89 -25.46 2.81
C ALA K 57 38.13 -24.18 3.10
N PHE K 58 37.58 -23.61 2.02
CA PHE K 58 36.77 -22.40 2.12
C PHE K 58 35.49 -22.63 2.91
N GLN K 59 34.83 -23.76 2.69
CA GLN K 59 33.59 -24.03 3.40
C GLN K 59 33.91 -24.24 4.88
N GLY K 60 35.04 -24.90 5.16
CA GLY K 60 35.52 -25.02 6.52
C GLY K 60 35.68 -23.69 7.23
N MET K 61 36.38 -22.78 6.54
CA MET K 61 36.68 -21.46 7.08
C MET K 61 35.40 -20.65 7.27
N LEU K 62 34.50 -20.75 6.30
CA LEU K 62 33.23 -20.05 6.34
C LEU K 62 32.43 -20.50 7.54
N ARG K 63 32.40 -21.82 7.75
CA ARG K 63 31.67 -22.39 8.88
C ARG K 63 32.28 -21.91 10.20
N LYS K 64 33.60 -21.91 10.31
CA LYS K 64 34.23 -21.48 11.56
C LYS K 64 33.89 -20.04 11.90
N LEU K 65 33.86 -19.20 10.88
CA LEU K 65 33.63 -17.78 11.12
C LEU K 65 32.24 -17.42 11.69
N ASP K 66 31.22 -18.18 11.30
CA ASP K 66 29.85 -18.02 11.84
C ASP K 66 29.33 -16.59 11.66
N ILE K 67 29.28 -16.15 10.41
CA ILE K 67 28.96 -14.75 10.12
C ILE K 67 27.47 -14.52 9.97
N LYS K 68 26.92 -13.67 10.83
CA LYS K 68 25.48 -13.42 10.83
C LYS K 68 25.04 -11.97 10.65
N ASN K 69 25.85 -11.00 11.07
CA ASN K 69 25.41 -9.59 11.11
C ASN K 69 26.56 -8.60 10.87
N GLU K 70 26.28 -7.30 10.99
CA GLU K 70 27.30 -6.29 10.70
C GLU K 70 28.48 -6.39 11.68
N ASP K 71 28.17 -6.67 12.93
CA ASP K 71 29.22 -6.79 13.95
C ASP K 71 30.15 -8.00 13.69
N ASP K 72 29.60 -9.10 13.18
CA ASP K 72 30.37 -10.29 12.83
C ASP K 72 31.36 -10.03 11.67
N VAL K 73 30.92 -9.24 10.70
CA VAL K 73 31.82 -8.81 9.63
C VAL K 73 32.87 -7.80 10.11
N LYS K 74 32.45 -6.83 10.91
CA LYS K 74 33.37 -5.77 11.36
C LYS K 74 34.48 -6.27 12.29
N SER K 75 34.32 -7.46 12.85
CA SER K 75 35.32 -7.98 13.78
C SER K 75 36.28 -8.96 13.10
N LEU K 76 36.17 -9.12 11.78
CA LEU K 76 36.99 -10.09 11.04
C LEU K 76 38.47 -9.74 10.83
N SER K 77 38.88 -8.51 11.11
CA SER K 77 40.18 -8.05 10.63
C SER K 77 41.34 -8.91 11.12
N ARG K 78 41.36 -9.18 12.42
CA ARG K 78 42.46 -9.93 13.00
C ARG K 78 42.49 -11.38 12.53
N VAL K 79 41.34 -12.00 12.26
CA VAL K 79 41.36 -13.36 11.68
C VAL K 79 42.01 -13.32 10.28
N MET K 80 41.64 -12.31 9.50
CA MET K 80 42.22 -12.15 8.17
C MET K 80 43.74 -12.01 8.28
N ILE K 81 44.20 -11.14 9.18
CA ILE K 81 45.63 -10.90 9.41
C ILE K 81 46.32 -12.16 9.93
N HIS K 82 45.61 -12.92 10.75
CA HIS K 82 46.19 -14.10 11.37
C HIS K 82 46.62 -15.07 10.30
N VAL K 83 45.77 -15.24 9.27
CA VAL K 83 46.19 -16.08 8.15
C VAL K 83 47.14 -15.38 7.13
N PHE K 84 46.75 -14.18 6.72
CA PHE K 84 47.40 -13.45 5.62
C PHE K 84 48.84 -13.01 5.91
N SER K 85 49.11 -12.65 7.15
CA SER K 85 50.42 -12.09 7.49
C SER K 85 51.45 -13.15 7.83
N ASP K 86 51.06 -14.42 7.80
CA ASP K 86 52.02 -15.48 8.01
C ASP K 86 52.64 -15.79 6.65
N GLY K 87 53.97 -15.80 6.56
CA GLY K 87 54.62 -16.28 5.36
C GLY K 87 54.98 -15.27 4.28
N VAL K 88 55.05 -15.77 3.05
CA VAL K 88 55.53 -14.98 1.93
C VAL K 88 54.36 -14.29 1.25
N THR K 89 54.66 -13.17 0.62
CA THR K 89 53.68 -12.37 -0.08
C THR K 89 53.71 -12.67 -1.55
N ASN K 90 52.56 -13.02 -2.14
CA ASN K 90 52.50 -13.15 -3.61
C ASN K 90 51.08 -12.90 -4.12
N TRP K 91 50.92 -12.76 -5.44
CA TRP K 91 49.60 -12.44 -5.96
C TRP K 91 48.62 -13.56 -5.72
N GLY K 92 49.13 -14.80 -5.67
CA GLY K 92 48.26 -15.95 -5.51
C GLY K 92 47.51 -15.83 -4.21
N ARG K 93 48.23 -15.46 -3.16
CA ARG K 93 47.62 -15.31 -1.84
C ARG K 93 46.62 -14.17 -1.78
N ILE K 94 46.92 -13.09 -2.49
CA ILE K 94 46.03 -11.95 -2.59
C ILE K 94 44.73 -12.39 -3.26
N VAL K 95 44.86 -13.22 -4.29
CA VAL K 95 43.68 -13.78 -4.95
C VAL K 95 42.92 -14.64 -3.94
N THR K 96 43.62 -15.40 -3.12
CA THR K 96 42.93 -16.22 -2.13
C THR K 96 42.11 -15.32 -1.21
N LEU K 97 42.73 -14.21 -0.79
CA LEU K 97 42.06 -13.27 0.09
C LEU K 97 40.77 -12.69 -0.53
N ILE K 98 40.89 -12.16 -1.74
CA ILE K 98 39.73 -11.56 -2.40
C ILE K 98 38.68 -12.61 -2.79
N SER K 99 39.13 -13.80 -3.21
CA SER K 99 38.23 -14.88 -3.61
C SER K 99 37.41 -15.37 -2.43
N PHE K 100 38.05 -15.53 -1.28
CA PHE K 100 37.27 -15.91 -0.11
C PHE K 100 36.33 -14.78 0.23
N GLY K 101 36.75 -13.55 -0.03
CA GLY K 101 35.84 -12.43 0.18
C GLY K 101 34.55 -12.59 -0.64
N ALA K 102 34.69 -12.98 -1.90
CA ALA K 102 33.52 -13.23 -2.75
C ALA K 102 32.66 -14.40 -2.24
N PHE K 103 33.33 -15.47 -1.80
CA PHE K 103 32.64 -16.64 -1.26
C PHE K 103 31.76 -16.27 -0.05
N VAL K 104 32.37 -15.50 0.84
CA VAL K 104 31.70 -15.02 2.01
C VAL K 104 30.56 -14.12 1.56
N ALA K 105 30.80 -13.25 0.58
CA ALA K 105 29.78 -12.29 0.13
C ALA K 105 28.52 -12.98 -0.40
N LYS K 106 28.74 -14.09 -1.11
CA LYS K 106 27.64 -14.91 -1.61
C LYS K 106 26.86 -15.40 -0.40
N HIS K 107 27.61 -15.83 0.61
CA HIS K 107 26.98 -16.34 1.82
C HIS K 107 26.12 -15.22 2.44
N LEU K 108 26.62 -13.97 2.44
CA LEU K 108 25.84 -12.86 2.99
C LEU K 108 24.56 -12.54 2.23
N LYS K 109 24.61 -12.69 0.90
CA LYS K 109 23.42 -12.50 0.06
C LYS K 109 22.40 -13.56 0.52
N THR K 110 22.93 -14.75 0.77
CA THR K 110 22.10 -15.89 1.13
C THR K 110 21.31 -15.64 2.42
N ILE K 111 21.95 -15.03 3.41
CA ILE K 111 21.35 -14.83 4.73
C ILE K 111 20.77 -13.43 4.97
N ASN K 112 20.43 -12.74 3.89
CA ASN K 112 19.77 -11.42 3.93
C ASN K 112 20.58 -10.37 4.70
N GLN K 113 21.89 -10.34 4.48
CA GLN K 113 22.72 -9.31 5.08
C GLN K 113 23.55 -8.63 3.99
N GLU K 114 22.89 -8.31 2.89
CA GLU K 114 23.56 -7.75 1.71
C GLU K 114 24.24 -6.44 2.09
N SER K 115 23.65 -5.75 3.06
CA SER K 115 24.10 -4.45 3.52
C SER K 115 25.53 -4.53 4.07
N CYS K 116 25.92 -5.75 4.46
CA CYS K 116 27.24 -6.03 5.00
C CYS K 116 28.36 -6.22 3.96
N ILE K 117 28.01 -6.41 2.69
CA ILE K 117 29.03 -6.68 1.67
C ILE K 117 29.99 -5.51 1.54
N GLU K 118 29.48 -4.27 1.62
CA GLU K 118 30.35 -3.10 1.52
C GLU K 118 31.35 -2.95 2.70
N PRO K 119 30.90 -3.17 3.94
CA PRO K 119 31.92 -3.22 5.01
C PRO K 119 32.95 -4.33 4.79
N LEU K 120 32.50 -5.49 4.33
CA LEU K 120 33.40 -6.62 4.08
C LEU K 120 34.47 -6.19 3.07
N ALA K 121 34.04 -5.54 1.99
CA ALA K 121 34.99 -5.10 0.97
C ALA K 121 35.96 -4.11 1.58
N GLU K 122 35.44 -3.17 2.37
CA GLU K 122 36.36 -2.20 2.96
C GLU K 122 37.37 -2.92 3.85
N SER K 123 36.90 -3.91 4.60
CA SER K 123 37.78 -4.55 5.53
C SER K 123 38.90 -5.27 4.77
N ILE K 124 38.53 -5.94 3.69
CA ILE K 124 39.52 -6.67 2.90
C ILE K 124 40.52 -5.65 2.34
N THR K 125 40.00 -4.53 1.85
CA THR K 125 40.88 -3.55 1.25
C THR K 125 41.86 -3.07 2.33
N ASP K 126 41.31 -2.84 3.53
CA ASP K 126 42.13 -2.28 4.60
C ASP K 126 43.26 -3.19 4.92
N VAL K 127 42.94 -4.48 5.02
CA VAL K 127 43.96 -5.46 5.36
C VAL K 127 45.01 -5.49 4.26
N LEU K 128 44.56 -5.51 3.01
CA LEU K 128 45.49 -5.71 1.90
C LEU K 128 46.46 -4.53 1.73
N VAL K 129 45.90 -3.33 1.64
CA VAL K 129 46.66 -2.14 1.36
C VAL K 129 47.50 -1.69 2.56
N ARG K 130 46.97 -1.76 3.77
CA ARG K 130 47.78 -1.38 4.93
C ARG K 130 48.91 -2.37 5.23
N THR K 131 48.67 -3.68 5.17
CA THR K 131 49.75 -4.61 5.48
C THR K 131 50.74 -4.85 4.33
N LYS K 132 50.28 -4.72 3.08
CA LYS K 132 51.16 -5.04 1.94
C LYS K 132 51.52 -3.83 1.05
N ARG K 133 51.41 -2.63 1.61
CA ARG K 133 51.54 -1.42 0.80
C ARG K 133 52.83 -1.32 -0.01
N ASP K 134 53.97 -1.44 0.64
CA ASP K 134 55.24 -1.28 -0.07
C ASP K 134 55.43 -2.39 -1.10
N TRP K 135 55.04 -3.61 -0.76
CA TRP K 135 55.11 -4.69 -1.74
C TRP K 135 54.21 -4.35 -2.93
N LEU K 136 52.97 -3.91 -2.67
CA LEU K 136 52.07 -3.59 -3.78
C LEU K 136 52.64 -2.51 -4.69
N VAL K 137 53.28 -1.51 -4.08
CA VAL K 137 53.88 -0.41 -4.83
C VAL K 137 55.02 -0.96 -5.69
N LYS K 138 55.84 -1.87 -5.15
CA LYS K 138 56.93 -2.45 -5.93
C LYS K 138 56.41 -3.22 -7.14
N GLN K 139 55.26 -3.85 -7.03
CA GLN K 139 54.71 -4.67 -8.13
C GLN K 139 53.86 -3.84 -9.07
N ARG K 140 53.89 -2.52 -8.89
CA ARG K 140 53.11 -1.59 -9.73
C ARG K 140 51.63 -1.83 -9.57
N GLY K 141 51.23 -2.28 -8.39
CA GLY K 141 49.82 -2.43 -8.08
C GLY K 141 49.10 -3.34 -9.06
N TRP K 142 47.90 -2.89 -9.41
CA TRP K 142 47.02 -3.66 -10.25
C TRP K 142 47.61 -3.87 -11.66
N ASP K 143 48.49 -2.97 -12.11
CA ASP K 143 49.17 -3.21 -13.38
C ASP K 143 49.96 -4.52 -13.30
N GLY K 144 50.71 -4.65 -12.21
CA GLY K 144 51.48 -5.85 -11.94
C GLY K 144 50.61 -7.09 -11.76
N PHE K 145 49.44 -6.91 -11.15
CA PHE K 145 48.52 -8.01 -10.94
C PHE K 145 48.04 -8.58 -12.28
N VAL K 146 47.60 -7.65 -13.11
CA VAL K 146 47.05 -7.99 -14.41
C VAL K 146 48.13 -8.68 -15.23
N GLU K 147 49.33 -8.10 -15.26
CA GLU K 147 50.44 -8.69 -16.00
C GLU K 147 50.81 -10.07 -15.46
N PHE K 148 50.79 -10.22 -14.14
CA PHE K 148 51.16 -11.49 -13.52
C PHE K 148 50.25 -12.61 -14.01
N PHE K 149 48.96 -12.31 -14.20
CA PHE K 149 48.03 -13.38 -14.58
C PHE K 149 47.70 -13.36 -16.10
N HIS K 150 48.51 -12.66 -16.89
CA HIS K 150 48.31 -12.54 -18.33
C HIS K 150 48.40 -13.85 -19.08
N VAL K 151 47.29 -14.24 -19.71
CA VAL K 151 47.28 -15.42 -20.57
C VAL K 151 47.35 -15.00 -22.04
N GLY L 1 -26.88 -58.12 7.73
CA GLY L 1 -27.60 -56.86 7.76
C GLY L 1 -29.06 -56.97 7.45
N ASP L 2 -29.35 -57.74 6.40
CA ASP L 2 -30.72 -58.01 5.92
C ASP L 2 -31.59 -56.77 5.85
N GLU L 3 -32.80 -56.84 6.41
CA GLU L 3 -33.79 -55.79 6.17
C GLU L 3 -33.34 -54.41 6.67
N LEU L 4 -32.70 -54.35 7.83
CA LEU L 4 -32.16 -53.07 8.29
C LEU L 4 -31.17 -52.48 7.28
N TYR L 5 -30.25 -53.31 6.79
CA TYR L 5 -29.26 -52.87 5.81
C TYR L 5 -29.89 -52.45 4.50
N ARG L 6 -30.77 -53.28 3.96
CA ARG L 6 -31.39 -53.03 2.67
C ARG L 6 -32.16 -51.73 2.71
N GLN L 7 -32.94 -51.54 3.77
CA GLN L 7 -33.75 -50.35 3.91
C GLN L 7 -32.83 -49.13 4.05
N SER L 8 -31.77 -49.29 4.85
CA SER L 8 -30.85 -48.17 5.07
C SER L 8 -30.19 -47.74 3.77
N LEU L 9 -29.75 -48.73 3.00
CA LEU L 9 -29.12 -48.49 1.73
C LEU L 9 -30.08 -47.80 0.80
N GLU L 10 -31.35 -48.22 0.81
CA GLU L 10 -32.36 -47.61 -0.05
C GLU L 10 -32.51 -46.12 0.28
N ILE L 11 -32.70 -45.84 1.56
CA ILE L 11 -32.89 -44.47 1.99
C ILE L 11 -31.67 -43.59 1.67
N ILE L 12 -30.49 -44.06 2.04
CA ILE L 12 -29.24 -43.28 1.89
C ILE L 12 -28.87 -43.08 0.41
N SER L 13 -29.04 -44.14 -0.37
CA SER L 13 -28.79 -44.07 -1.81
C SER L 13 -29.71 -43.03 -2.45
N ARG L 14 -30.99 -43.13 -2.14
CA ARG L 14 -31.94 -42.21 -2.73
C ARG L 14 -31.68 -40.77 -2.32
N TYR L 15 -31.38 -40.54 -1.05
CA TYR L 15 -31.06 -39.18 -0.62
C TYR L 15 -29.83 -38.63 -1.32
N LEU L 16 -28.79 -39.47 -1.45
CA LEU L 16 -27.56 -39.00 -2.09
C LEU L 16 -27.74 -38.67 -3.56
N ARG L 17 -28.39 -39.55 -4.31
CA ARG L 17 -28.61 -39.27 -5.72
C ARG L 17 -29.54 -38.10 -5.94
N GLU L 18 -30.57 -38.04 -5.11
CA GLU L 18 -31.55 -36.98 -5.21
C GLU L 18 -30.84 -35.65 -5.00
N GLN L 19 -29.97 -35.57 -4.00
CA GLN L 19 -29.22 -34.35 -3.70
C GLN L 19 -28.22 -34.02 -4.82
N ALA L 20 -27.62 -35.05 -5.40
CA ALA L 20 -26.61 -34.88 -6.44
C ALA L 20 -27.22 -34.31 -7.71
N THR L 21 -28.41 -34.78 -8.06
CA THR L 21 -29.11 -34.30 -9.24
C THR L 21 -30.25 -33.44 -8.69
N GLY L 22 -31.38 -33.38 -9.35
CA GLY L 22 -32.47 -32.58 -8.81
C GLY L 22 -33.72 -33.40 -8.88
N ALA L 23 -33.54 -34.69 -9.12
CA ALA L 23 -34.64 -35.57 -9.37
C ALA L 23 -35.00 -36.42 -8.17
N LYS L 24 -36.22 -36.23 -7.69
CA LYS L 24 -36.81 -37.13 -6.75
C LYS L 24 -37.20 -38.39 -7.51
N ASP L 25 -36.47 -39.48 -7.27
CA ASP L 25 -36.74 -40.77 -7.89
C ASP L 25 -38.20 -41.18 -7.74
N THR L 26 -38.84 -41.57 -8.84
CA THR L 26 -40.24 -41.95 -8.83
C THR L 26 -40.48 -43.46 -8.80
N LYS L 27 -39.43 -44.25 -9.06
CA LYS L 27 -39.61 -45.69 -9.02
C LYS L 27 -40.00 -46.03 -7.60
N PRO L 28 -40.86 -47.03 -7.40
CA PRO L 28 -41.36 -47.25 -6.05
C PRO L 28 -40.41 -47.93 -5.08
N MET L 29 -40.71 -47.71 -3.82
CA MET L 29 -39.94 -48.25 -2.72
C MET L 29 -40.37 -49.67 -2.44
N GLY L 30 -39.44 -50.47 -1.94
CA GLY L 30 -39.71 -51.83 -1.55
C GLY L 30 -38.68 -52.21 -0.51
N ARG L 31 -39.05 -53.08 0.42
CA ARG L 31 -40.39 -53.64 0.51
C ARG L 31 -41.28 -52.71 1.31
N SER L 32 -40.70 -52.15 2.36
CA SER L 32 -41.36 -51.14 3.19
C SER L 32 -41.34 -49.70 2.67
N GLY L 33 -42.19 -49.39 1.69
CA GLY L 33 -42.18 -48.07 1.09
C GLY L 33 -42.53 -46.86 1.94
N ALA L 34 -43.49 -47.03 2.85
CA ALA L 34 -43.97 -45.92 3.70
C ALA L 34 -42.94 -45.35 4.68
N THR L 35 -42.26 -46.26 5.38
CA THR L 35 -41.26 -45.85 6.36
C THR L 35 -40.10 -45.19 5.64
N SER L 36 -39.68 -45.78 4.53
CA SER L 36 -38.57 -45.24 3.75
C SER L 36 -38.96 -43.85 3.29
N ARG L 37 -40.22 -43.69 2.89
CA ARG L 37 -40.70 -42.42 2.35
C ARG L 37 -40.64 -41.32 3.42
N LYS L 38 -41.13 -41.63 4.62
CA LYS L 38 -41.08 -40.69 5.76
C LYS L 38 -39.66 -40.34 6.19
N ALA L 39 -38.82 -41.36 6.23
CA ALA L 39 -37.41 -41.17 6.59
C ALA L 39 -36.75 -40.27 5.56
N LEU L 40 -37.09 -40.48 4.30
CA LEU L 40 -36.56 -39.67 3.23
C LEU L 40 -36.98 -38.22 3.36
N GLU L 41 -38.24 -37.99 3.71
CA GLU L 41 -38.77 -36.64 3.88
C GLU L 41 -38.02 -35.95 5.00
N THR L 42 -37.84 -36.71 6.08
CA THR L 42 -37.14 -36.22 7.25
C THR L 42 -35.71 -35.85 6.89
N LEU L 43 -35.10 -36.68 6.06
CA LEU L 43 -33.75 -36.47 5.62
C LEU L 43 -33.68 -35.18 4.79
N ARG L 44 -34.68 -34.95 3.95
CA ARG L 44 -34.75 -33.71 3.16
C ARG L 44 -34.85 -32.47 4.08
N ARG L 45 -35.67 -32.56 5.12
CA ARG L 45 -35.84 -31.47 6.06
C ARG L 45 -34.57 -31.18 6.89
N VAL L 46 -34.11 -32.18 7.61
CA VAL L 46 -33.03 -32.04 8.59
C VAL L 46 -31.65 -31.98 7.93
N GLY L 47 -31.48 -32.77 6.87
CA GLY L 47 -30.22 -32.88 6.18
C GLY L 47 -29.84 -31.61 5.46
N ASP L 48 -30.79 -30.97 4.79
CA ASP L 48 -30.50 -29.73 4.09
C ASP L 48 -30.12 -28.64 5.11
N GLY L 49 -30.80 -28.65 6.24
CA GLY L 49 -30.50 -27.73 7.32
C GLY L 49 -29.10 -27.95 7.84
N VAL L 50 -28.73 -29.22 8.03
CA VAL L 50 -27.41 -29.57 8.52
C VAL L 50 -26.33 -29.12 7.54
N GLN L 51 -26.59 -29.30 6.25
CA GLN L 51 -25.64 -28.87 5.23
C GLN L 51 -25.45 -27.36 5.21
N ARG L 52 -26.53 -26.60 5.40
CA ARG L 52 -26.35 -25.15 5.45
C ARG L 52 -25.59 -24.75 6.72
N ASN L 53 -25.99 -25.26 7.86
CA ASN L 53 -25.40 -24.82 9.13
C ASN L 53 -23.94 -25.26 9.32
N HIS L 54 -23.51 -26.30 8.61
CA HIS L 54 -22.14 -26.78 8.76
C HIS L 54 -21.32 -26.61 7.49
N GLU L 55 -21.78 -25.76 6.57
CA GLU L 55 -21.24 -25.68 5.22
C GLU L 55 -19.74 -25.38 5.25
N THR L 56 -19.33 -24.56 6.21
CA THR L 56 -17.93 -24.19 6.34
C THR L 56 -17.11 -25.42 6.73
N ALA L 57 -17.63 -26.13 7.73
CA ALA L 57 -16.97 -27.34 8.23
C ALA L 57 -17.00 -28.45 7.18
N PHE L 58 -18.11 -28.57 6.46
CA PHE L 58 -18.22 -29.58 5.41
C PHE L 58 -17.22 -29.28 4.30
N GLN L 59 -17.11 -28.01 3.94
CA GLN L 59 -16.20 -27.62 2.87
C GLN L 59 -14.75 -27.84 3.30
N GLY L 60 -14.50 -27.70 4.60
CA GLY L 60 -13.18 -27.98 5.14
C GLY L 60 -12.82 -29.45 5.02
N MET L 61 -13.75 -30.30 5.44
CA MET L 61 -13.51 -31.74 5.42
C MET L 61 -13.34 -32.22 4.00
N LEU L 62 -14.18 -31.69 3.12
CA LEU L 62 -14.12 -32.04 1.70
C LEU L 62 -12.81 -31.63 1.07
N ARG L 63 -12.34 -30.43 1.43
CA ARG L 63 -11.11 -29.92 0.85
C ARG L 63 -10.02 -30.88 1.31
N LYS L 64 -10.07 -31.28 2.58
CA LYS L 64 -9.08 -32.25 3.07
C LYS L 64 -9.10 -33.61 2.38
N LEU L 65 -10.28 -34.14 2.12
CA LEU L 65 -10.38 -35.46 1.52
C LEU L 65 -9.79 -35.51 0.11
N ASP L 66 -9.92 -34.42 -0.65
CA ASP L 66 -9.33 -34.33 -1.99
C ASP L 66 -9.82 -35.46 -2.87
N ILE L 67 -11.12 -35.50 -3.06
CA ILE L 67 -11.65 -36.63 -3.78
C ILE L 67 -11.61 -36.36 -5.27
N LYS L 68 -10.92 -37.22 -6.02
CA LYS L 68 -10.81 -37.07 -7.48
C LYS L 68 -11.31 -38.26 -8.29
N ASN L 69 -11.30 -39.46 -7.74
CA ASN L 69 -11.59 -40.63 -8.53
C ASN L 69 -12.28 -41.69 -7.69
N GLU L 70 -12.62 -42.82 -8.31
CA GLU L 70 -13.33 -43.84 -7.55
C GLU L 70 -12.46 -44.41 -6.42
N ASP L 71 -11.15 -44.53 -6.61
CA ASP L 71 -10.27 -45.05 -5.53
C ASP L 71 -10.27 -44.16 -4.30
N ASP L 72 -10.33 -42.86 -4.53
CA ASP L 72 -10.35 -41.90 -3.45
C ASP L 72 -11.62 -42.10 -2.61
N VAL L 73 -12.73 -42.36 -3.30
CA VAL L 73 -14.00 -42.66 -2.64
C VAL L 73 -14.00 -43.98 -1.89
N LYS L 74 -13.45 -45.01 -2.54
CA LYS L 74 -13.43 -46.36 -2.00
C LYS L 74 -12.51 -46.43 -0.78
N SER L 75 -11.66 -45.44 -0.62
CA SER L 75 -10.72 -45.47 0.48
C SER L 75 -11.18 -44.65 1.71
N LEU L 76 -12.40 -44.13 1.66
CA LEU L 76 -12.93 -43.30 2.75
C LEU L 76 -13.39 -44.01 4.05
N SER L 77 -13.58 -45.33 4.03
CA SER L 77 -14.29 -45.97 5.14
C SER L 77 -13.60 -45.75 6.49
N ARG L 78 -12.29 -45.94 6.58
CA ARG L 78 -11.63 -45.76 7.88
C ARG L 78 -11.68 -44.32 8.41
N VAL L 79 -11.63 -43.33 7.53
CA VAL L 79 -11.77 -41.92 7.97
C VAL L 79 -13.16 -41.69 8.56
N MET L 80 -14.15 -42.27 7.89
CA MET L 80 -15.55 -42.16 8.29
C MET L 80 -15.66 -42.75 9.70
N ILE L 81 -15.08 -43.93 9.89
CA ILE L 81 -15.09 -44.60 11.18
C ILE L 81 -14.34 -43.81 12.26
N HIS L 82 -13.21 -43.23 11.87
CA HIS L 82 -12.39 -42.47 12.79
C HIS L 82 -13.18 -41.31 13.39
N VAL L 83 -13.96 -40.61 12.57
CA VAL L 83 -14.81 -39.54 13.10
C VAL L 83 -16.11 -40.03 13.76
N PHE L 84 -16.84 -40.90 13.06
CA PHE L 84 -18.15 -41.33 13.49
C PHE L 84 -18.19 -42.20 14.74
N SER L 85 -17.17 -43.03 14.95
CA SER L 85 -17.21 -44.01 16.03
C SER L 85 -16.71 -43.52 17.39
N ASP L 86 -16.23 -42.29 17.47
CA ASP L 86 -15.89 -41.74 18.78
C ASP L 86 -17.05 -40.95 19.38
N GLY L 87 -17.31 -41.19 20.67
CA GLY L 87 -18.27 -40.42 21.43
C GLY L 87 -19.62 -41.09 21.53
N VAL L 88 -20.67 -40.30 21.78
CA VAL L 88 -21.96 -40.92 22.03
C VAL L 88 -22.72 -41.05 20.71
N THR L 89 -23.61 -42.01 20.65
CA THR L 89 -24.39 -42.24 19.45
C THR L 89 -25.74 -41.55 19.59
N ASN L 90 -26.11 -40.75 18.60
CA ASN L 90 -27.43 -40.12 18.59
C ASN L 90 -27.87 -39.91 17.15
N TRP L 91 -29.14 -39.55 16.97
CA TRP L 91 -29.66 -39.37 15.63
C TRP L 91 -28.99 -38.19 14.91
N GLY L 92 -28.56 -37.20 15.69
CA GLY L 92 -27.92 -36.02 15.10
C GLY L 92 -26.64 -36.36 14.36
N ARG L 93 -25.84 -37.20 14.99
CA ARG L 93 -24.59 -37.61 14.36
C ARG L 93 -24.83 -38.46 13.12
N ILE L 94 -25.87 -39.30 13.18
CA ILE L 94 -26.23 -40.10 12.02
C ILE L 94 -26.61 -39.20 10.84
N VAL L 95 -27.36 -38.14 11.15
CA VAL L 95 -27.75 -37.16 10.14
C VAL L 95 -26.53 -36.47 9.58
N THR L 96 -25.57 -36.13 10.43
CA THR L 96 -24.36 -35.48 9.94
C THR L 96 -23.62 -36.40 8.95
N LEU L 97 -23.50 -37.68 9.28
CA LEU L 97 -22.82 -38.64 8.39
C LEU L 97 -23.51 -38.68 7.02
N ILE L 98 -24.83 -38.84 7.02
CA ILE L 98 -25.56 -38.89 5.75
C ILE L 98 -25.53 -37.56 4.97
N SER L 99 -25.64 -36.45 5.71
CA SER L 99 -25.64 -35.09 5.12
C SER L 99 -24.33 -34.75 4.45
N PHE L 100 -23.23 -35.11 5.11
CA PHE L 100 -21.94 -34.92 4.49
C PHE L 100 -21.84 -35.85 3.29
N GLY L 101 -22.48 -37.01 3.36
CA GLY L 101 -22.51 -37.86 2.19
C GLY L 101 -23.15 -37.15 1.00
N ALA L 102 -24.24 -36.43 1.25
CA ALA L 102 -24.92 -35.66 0.19
C ALA L 102 -24.03 -34.53 -0.36
N PHE L 103 -23.34 -33.84 0.55
CA PHE L 103 -22.45 -32.75 0.18
C PHE L 103 -21.37 -33.30 -0.77
N VAL L 104 -20.80 -34.43 -0.37
CA VAL L 104 -19.77 -35.10 -1.15
C VAL L 104 -20.31 -35.55 -2.48
N ALA L 105 -21.54 -36.06 -2.49
CA ALA L 105 -22.12 -36.53 -3.73
C ALA L 105 -22.27 -35.37 -4.72
N LYS L 106 -22.68 -34.21 -4.22
CA LYS L 106 -22.84 -33.04 -5.07
C LYS L 106 -21.49 -32.69 -5.69
N HIS L 107 -20.44 -32.76 -4.87
CA HIS L 107 -19.11 -32.53 -5.39
C HIS L 107 -18.75 -33.56 -6.49
N LEU L 108 -19.15 -34.81 -6.28
CA LEU L 108 -18.88 -35.86 -7.27
C LEU L 108 -19.55 -35.56 -8.61
N LYS L 109 -20.78 -35.06 -8.57
CA LYS L 109 -21.47 -34.66 -9.80
C LYS L 109 -20.72 -33.50 -10.48
N THR L 110 -20.23 -32.58 -9.66
CA THR L 110 -19.59 -31.38 -10.18
C THR L 110 -18.41 -31.74 -11.10
N ILE L 111 -17.64 -32.76 -10.72
CA ILE L 111 -16.44 -33.17 -11.46
C ILE L 111 -16.64 -34.39 -12.37
N ASN L 112 -17.88 -34.64 -12.80
CA ASN L 112 -18.18 -35.73 -13.72
C ASN L 112 -17.72 -37.07 -13.15
N GLN L 113 -17.98 -37.30 -11.87
CA GLN L 113 -17.69 -38.56 -11.25
C GLN L 113 -18.93 -39.13 -10.58
N GLU L 114 -20.04 -39.00 -11.28
CA GLU L 114 -21.34 -39.38 -10.76
C GLU L 114 -21.39 -40.88 -10.44
N SER L 115 -20.61 -41.67 -11.18
CA SER L 115 -20.57 -43.12 -11.03
C SER L 115 -20.13 -43.55 -9.64
N CYS L 116 -19.44 -42.65 -8.94
CA CYS L 116 -18.95 -42.90 -7.59
C CYS L 116 -20.04 -42.80 -6.51
N ILE L 117 -21.19 -42.22 -6.85
CA ILE L 117 -22.19 -41.96 -5.82
C ILE L 117 -22.70 -43.23 -5.14
N GLU L 118 -22.97 -44.26 -5.92
CA GLU L 118 -23.52 -45.50 -5.37
C GLU L 118 -22.52 -46.19 -4.46
N PRO L 119 -21.25 -46.28 -4.89
CA PRO L 119 -20.28 -46.80 -3.92
C PRO L 119 -20.21 -45.95 -2.64
N LEU L 120 -20.29 -44.61 -2.76
CA LEU L 120 -20.24 -43.75 -1.58
C LEU L 120 -21.39 -44.12 -0.64
N ALA L 121 -22.60 -44.26 -1.20
CA ALA L 121 -23.76 -44.61 -0.38
C ALA L 121 -23.57 -45.96 0.28
N GLU L 122 -23.02 -46.90 -0.48
CA GLU L 122 -22.80 -48.28 -0.02
C GLU L 122 -21.87 -48.16 1.19
N SER L 123 -20.83 -47.33 1.04
CA SER L 123 -19.82 -47.20 2.07
C SER L 123 -20.43 -46.59 3.32
N ILE L 124 -21.24 -45.54 3.14
CA ILE L 124 -21.88 -44.89 4.29
C ILE L 124 -22.78 -45.90 5.00
N THR L 125 -23.56 -46.64 4.22
CA THR L 125 -24.49 -47.59 4.83
C THR L 125 -23.70 -48.62 5.63
N ASP L 126 -22.60 -49.09 5.04
CA ASP L 126 -21.81 -50.11 5.71
C ASP L 126 -21.32 -49.60 7.03
N VAL L 127 -20.84 -48.37 7.04
CA VAL L 127 -20.32 -47.81 8.27
C VAL L 127 -21.45 -47.64 9.28
N LEU L 128 -22.60 -47.15 8.82
CA LEU L 128 -23.68 -46.84 9.74
C LEU L 128 -24.20 -48.12 10.41
N VAL L 129 -24.56 -49.09 9.58
CA VAL L 129 -25.17 -50.34 10.05
C VAL L 129 -24.21 -51.24 10.82
N ARG L 130 -22.95 -51.34 10.37
CA ARG L 130 -22.02 -52.21 11.07
C ARG L 130 -21.69 -51.72 12.47
N THR L 131 -21.35 -50.44 12.58
CA THR L 131 -20.93 -49.84 13.85
C THR L 131 -22.06 -49.50 14.82
N LYS L 132 -23.26 -49.21 14.33
CA LYS L 132 -24.34 -48.80 15.24
C LYS L 132 -25.52 -49.76 15.31
N ARG L 133 -25.29 -51.01 14.89
CA ARG L 133 -26.38 -51.96 14.67
C ARG L 133 -27.34 -52.11 15.84
N ASP L 134 -26.83 -52.47 17.01
CA ASP L 134 -27.73 -52.73 18.12
C ASP L 134 -28.44 -51.46 18.52
N TRP L 135 -27.71 -50.35 18.48
CA TRP L 135 -28.33 -49.08 18.84
C TRP L 135 -29.50 -48.82 17.92
N LEU L 136 -29.27 -48.99 16.61
CA LEU L 136 -30.32 -48.70 15.64
C LEU L 136 -31.54 -49.53 15.91
N VAL L 137 -31.29 -50.81 16.22
CA VAL L 137 -32.35 -51.76 16.42
C VAL L 137 -33.15 -51.38 17.65
N LYS L 138 -32.46 -50.98 18.71
CA LYS L 138 -33.16 -50.65 19.94
C LYS L 138 -34.06 -49.42 19.73
N GLN L 139 -33.65 -48.53 18.83
CA GLN L 139 -34.39 -47.30 18.55
C GLN L 139 -35.47 -47.47 17.49
N ARG L 140 -35.86 -48.71 17.20
CA ARG L 140 -36.91 -49.01 16.22
C ARG L 140 -36.46 -48.56 14.84
N GLY L 141 -35.16 -48.52 14.61
CA GLY L 141 -34.67 -48.23 13.28
C GLY L 141 -35.16 -46.90 12.72
N TRP L 142 -35.53 -46.95 11.45
CA TRP L 142 -35.92 -45.73 10.76
C TRP L 142 -37.22 -45.12 11.27
N ASP L 143 -38.08 -45.97 11.84
CA ASP L 143 -39.28 -45.48 12.51
C ASP L 143 -38.85 -44.55 13.65
N GLY L 144 -37.84 -45.01 14.40
CA GLY L 144 -37.25 -44.25 15.49
C GLY L 144 -36.64 -42.95 15.00
N PHE L 145 -36.03 -42.99 13.81
CA PHE L 145 -35.43 -41.78 13.22
C PHE L 145 -36.52 -40.71 12.92
N VAL L 146 -37.56 -41.17 12.25
CA VAL L 146 -38.66 -40.31 11.86
C VAL L 146 -39.31 -39.71 13.10
N GLU L 147 -39.59 -40.53 14.10
CA GLU L 147 -40.18 -40.01 15.33
C GLU L 147 -39.29 -39.03 16.08
N PHE L 148 -37.99 -39.29 16.10
CA PHE L 148 -37.07 -38.40 16.78
C PHE L 148 -37.15 -37.01 16.19
N PHE L 149 -37.35 -36.95 14.86
CA PHE L 149 -37.30 -35.65 14.20
C PHE L 149 -38.66 -35.00 13.93
N HIS L 150 -39.68 -35.47 14.62
CA HIS L 150 -41.01 -34.92 14.50
C HIS L 150 -40.98 -33.41 14.89
N VAL L 151 -41.66 -32.59 14.09
CA VAL L 151 -41.81 -31.18 14.38
C VAL L 151 -43.24 -30.92 14.86
OAA 4M7 M . 16.44 -47.85 -17.75
CAU 4M7 M . 16.45 -47.78 -19.01
OAC 4M7 M . 17.49 -47.36 -19.58
CAY 4M7 M . 15.23 -48.12 -19.82
NBD 4M7 M . 15.19 -48.92 -20.95
CBC 4M7 M . 13.90 -48.99 -21.43
CAR 4M7 M . 16.30 -49.63 -21.58
CAO 4M7 M . 16.58 -49.16 -22.98
CAS 4M7 M . 15.91 -49.95 -24.07
SBE 4M7 M . 14.36 -50.68 -23.61
OAB 4M7 M . 14.69 -51.96 -22.91
CAX 4M7 M . 13.34 -49.66 -22.52
CAI 4M7 M . 11.96 -49.56 -22.80
CAG 4M7 M . 11.14 -48.75 -21.96
CAM 4M7 M . 11.70 -48.08 -20.86
CBB 4M7 M . 13.07 -48.20 -20.60
CAW 4M7 M . 13.93 -47.64 -19.58
CAQ 4M7 M . 13.51 -46.74 -18.45
CAN 4M7 M . 13.36 -47.48 -17.13
CAP 4M7 M . 12.24 -48.48 -17.10
OAT 4M7 M . 11.04 -47.91 -17.49
CAV 4M7 M . 9.85 -48.62 -17.45
CBA 4M7 M . 8.66 -47.87 -17.57
CAL 4M7 M . 8.72 -46.46 -17.69
CAE 4M7 M . 7.55 -45.74 -17.81
CAD 4M7 M . 6.31 -46.40 -17.81
CAJ 4M7 M . 6.26 -47.79 -17.67
CAZ 4M7 M . 7.45 -48.54 -17.57
CAK 4M7 M . 7.41 -49.94 -17.45
CAF 4M7 M . 8.59 -50.66 -17.32
CAH 4M7 M . 9.83 -50.00 -17.33
OAA 4M7 N . 4.91 -8.26 -25.21
CAU 4M7 N . 6.14 -8.37 -25.45
OAC 4M7 N . 6.62 -9.50 -25.69
CAY 4M7 N . 7.03 -7.16 -25.45
NBD 4M7 N . 8.18 -6.99 -26.20
CBC 4M7 N . 8.73 -5.76 -25.94
CAR 4M7 N . 8.80 -7.92 -27.16
CAO 4M7 N . 10.19 -8.36 -26.71
CAS 4M7 N . 11.34 -7.57 -27.25
SBE 4M7 N . 10.97 -5.88 -27.64
OAB 4M7 N . 10.37 -5.81 -29.00
CAX 4M7 N . 9.86 -5.11 -26.42
CAI 4M7 N . 10.18 -3.82 -25.97
CAG 4M7 N . 9.37 -3.18 -25.01
CAM 4M7 N . 8.23 -3.82 -24.52
CBB 4M7 N . 7.91 -5.10 -24.98
CAW 4M7 N . 6.83 -6.01 -24.67
CAQ 4M7 N . 5.71 -5.74 -23.68
CAN 4M7 N . 4.41 -5.23 -24.25
CAP 4M7 N . 4.39 -3.76 -24.60
OAT 4M7 N . 5.31 -2.95 -23.95
CAV 4M7 N . 5.31 -1.57 -24.16
CBA 4M7 N . 5.53 -0.68 -23.08
CAL 4M7 N . 5.75 -1.17 -21.78
CAE 4M7 N . 5.97 -0.30 -20.71
CAD 4M7 N . 5.96 1.08 -20.95
CAJ 4M7 N . 5.76 1.58 -22.23
CAZ 4M7 N . 5.54 0.69 -23.30
CAK 4M7 N . 5.33 1.19 -24.60
CAF 4M7 N . 5.10 0.31 -25.65
CAH 4M7 N . 5.11 -1.07 -25.43
OAA 4M7 O . 4.37 37.95 -39.06
CAU 4M7 O . 4.78 38.99 -38.45
OAC 4M7 O . 5.43 39.88 -39.07
CAY 4M7 O . 4.56 39.14 -36.98
NBD 4M7 O . 4.06 40.27 -36.35
CBC 4M7 O . 4.01 40.04 -35.00
CAR 4M7 O . 3.66 41.55 -36.97
CAO 4M7 O . 4.52 42.69 -36.52
CAS 4M7 O . 4.06 43.41 -35.28
SBE 4M7 O . 3.03 42.49 -34.17
OAB 4M7 O . 1.63 42.42 -34.70
CAX 4M7 O . 3.61 40.81 -33.92
CAI 4M7 O . 3.66 40.31 -32.59
CAG 4M7 O . 4.12 38.99 -32.36
CAM 4M7 O . 4.52 38.20 -33.44
CBB 4M7 O . 4.48 38.71 -34.74
CAW 4M7 O . 4.83 38.16 -36.01
CAQ 4M7 O . 5.36 36.77 -36.28
CAN 4M7 O . 4.28 35.78 -36.60
CAP 4M7 O . 3.34 35.48 -35.46
OAT 4M7 O . 3.99 35.11 -34.29
CAV 4M7 O . 3.29 34.66 -33.19
CBA 4M7 O . 3.99 34.04 -32.13
CAL 4M7 O . 5.40 33.87 -32.21
CAE 4M7 O . 6.07 33.25 -31.16
CAD 4M7 O . 5.36 32.80 -30.03
CAJ 4M7 O . 3.98 32.97 -29.96
CAZ 4M7 O . 3.29 33.59 -31.03
CAK 4M7 O . 1.90 33.78 -30.96
CAF 4M7 O . 1.21 34.39 -31.99
CAH 4M7 O . 1.91 34.84 -33.12
OAA 4M7 P . 26.92 28.40 10.92
CAU 4M7 P . 26.63 28.77 9.74
OAC 4M7 P . 26.42 29.98 9.48
CAY 4M7 P . 26.55 27.75 8.65
NBD 4M7 P . 27.00 27.93 7.34
CBC 4M7 P . 26.77 26.78 6.63
CAR 4M7 P . 27.64 29.14 6.83
CAO 4M7 P . 27.04 29.61 5.54
CAS 4M7 P . 27.85 29.17 4.37
SBE 4M7 P . 27.76 27.43 4.07
OAB 4M7 P . 29.17 26.95 3.90
CAX 4M7 P . 26.99 26.38 5.32
CAI 4M7 P . 26.63 25.09 4.86
CAG 4M7 P . 26.02 24.17 5.73
CAM 4M7 P . 25.79 24.55 7.06
CBB 4M7 P . 26.16 25.84 7.50
CAW 4M7 P . 26.01 26.46 8.77
CAQ 4M7 P . 25.43 25.82 10.00
CAN 4M7 P . 26.53 25.20 10.84
CAP 4M7 P . 27.13 23.97 10.23
OAT 4M7 P . 26.19 22.96 10.05
CAV 4M7 P . 26.60 21.70 9.67
CBA 4M7 P . 25.63 20.70 9.61
CAL 4M7 P . 24.30 21.05 9.90
CAE 4M7 P . 23.34 20.07 9.84
CAD 4M7 P . 23.68 18.77 9.49
CAJ 4M7 P . 24.99 18.44 9.19
CAZ 4M7 P . 25.98 19.42 9.25
CAK 4M7 P . 27.32 19.10 8.95
CAF 4M7 P . 28.29 20.11 9.00
CAH 4M7 P . 27.93 21.41 9.36
OAA 4M7 Q . -1.41 -37.03 14.62
CAU 4M7 Q . -1.46 -37.29 15.85
OAC 4M7 Q . -1.12 -36.42 16.71
CAY 4M7 Q . -1.94 -38.64 16.29
NBD 4M7 Q . -2.95 -38.90 17.18
CBC 4M7 Q . -3.10 -40.24 17.34
CAR 4M7 Q . -3.77 -37.90 17.88
CAO 4M7 Q . -5.23 -37.99 17.50
CAS 4M7 Q . -6.06 -38.87 18.39
SBE 4M7 Q . -5.17 -40.19 19.17
OAB 4M7 Q . -4.41 -39.63 20.32
CAX 4M7 Q . -3.96 -41.01 18.11
CAI 4M7 Q . -3.89 -42.43 18.08
CAG 4M7 Q . -2.94 -43.07 17.26
CAM 4M7 Q . -2.06 -42.30 16.49
CBB 4M7 Q . -2.15 -40.90 16.52
CAW 4M7 Q . -1.42 -39.86 15.86
CAQ 4M7 Q . -0.30 -40.05 14.87
CAN 4M7 Q . -0.80 -40.08 13.45
CAP 4M7 Q . -1.76 -41.20 13.18
OAT 4M7 Q . -1.17 -42.46 13.23
CAV 4M7 Q . -1.86 -43.61 12.87
CBA 4M7 Q . -1.15 -44.82 12.89
CAL 4M7 Q . 0.21 -44.81 13.26
CAE 4M7 Q . 0.92 -46.00 13.27
CAD 4M7 Q . 0.27 -47.19 12.92
CAJ 4M7 Q . -1.06 -47.18 12.56
CAZ 4M7 Q . -1.79 -45.97 12.54
CAK 4M7 Q . -3.15 -45.95 12.20
CAF 4M7 Q . -3.85 -44.75 12.19
CAH 4M7 Q . -3.19 -43.56 12.53
OAA 4M7 R . -21.43 24.25 -0.49
CAU 4M7 R . -21.08 23.95 0.68
OAC 4M7 R . -21.82 24.29 1.65
CAY 4M7 R . -19.78 23.24 0.95
NBD 4M7 R . -19.59 22.26 1.91
CBC 4M7 R . -18.27 21.84 1.87
CAR 4M7 R . -20.54 21.71 2.86
CAO 4M7 R . -20.75 20.24 2.61
CAS 4M7 R . -19.98 19.34 3.53
SBE 4M7 R . -18.39 19.96 3.93
OAB 4M7 R . -18.53 20.83 5.13
CAX 4M7 R . -17.57 20.90 2.60
CAI 4M7 R . -16.20 20.67 2.36
CAG 4M7 R . -15.54 21.38 1.35
CAM 4M7 R . -16.25 22.32 0.60
CBB 4M7 R . -17.61 22.55 0.86
CAW 4M7 R . -18.57 23.45 0.28
CAQ 4M7 R . -18.31 24.40 -0.85
CAN 4M7 R . -18.54 23.81 -2.22
CAP 4M7 R . -17.57 22.72 -2.65
OAT 4M7 R . -16.22 23.05 -2.56
CAV 4M7 R . -15.32 22.13 -3.06
CBA 4M7 R . -13.99 22.54 -3.23
CAL 4M7 R . -13.64 23.86 -2.87
CAE 4M7 R . -12.32 24.25 -3.06
CAD 4M7 R . -11.37 23.36 -3.57
CAJ 4M7 R . -11.73 22.06 -3.93
CAZ 4M7 R . -13.05 21.65 -3.75
CAK 4M7 R . -13.43 20.33 -4.10
CAF 4M7 R . -14.77 19.95 -3.90
CAH 4M7 R . -15.71 20.84 -3.40
OAA 4M7 S . -24.80 6.99 -5.96
CAU 4M7 S . -26.03 7.22 -6.17
OAC 4M7 S . -26.89 6.66 -5.46
CAY 4M7 S . -26.47 8.16 -7.24
NBD 4M7 S . -27.30 9.25 -7.01
CBC 4M7 S . -27.53 9.92 -8.18
CAR 4M7 S . -27.89 9.67 -5.73
CAO 4M7 S . -27.41 11.01 -5.28
CAS 4M7 S . -28.23 12.19 -5.75
SBE 4M7 S . -29.19 11.92 -7.20
OAB 4M7 S . -30.41 11.14 -6.86
CAX 4M7 S . -28.28 11.05 -8.50
CAI 4M7 S . -28.34 11.53 -9.82
CAG 4M7 S . -27.64 10.87 -10.84
CAM 4M7 S . -26.88 9.73 -10.53
CBB 4M7 S . -26.83 9.24 -9.22
CAW 4M7 S . -26.16 8.12 -8.60
CAQ 4M7 S . -25.26 7.13 -9.30
CAN 4M7 S . -23.80 7.54 -9.26
CAP 4M7 S . -23.41 8.82 -10.00
OAT 4M7 S . -23.87 8.88 -11.30
CAV 4M7 S . -23.50 9.85 -12.21
CBA 4M7 S . -23.69 9.59 -13.59
CAL 4M7 S . -24.25 8.35 -14.02
CAE 4M7 S . -24.44 8.12 -15.38
CAD 4M7 S . -24.08 9.08 -16.31
CAJ 4M7 S . -23.52 10.29 -15.91
CAZ 4M7 S . -23.34 10.54 -14.52
CAK 4M7 S . -22.78 11.77 -14.08
CAF 4M7 S . -22.59 12.02 -12.72
CAH 4M7 S . -22.96 11.05 -11.79
OAA 4M7 T . -22.46 -13.65 17.52
CAU 4M7 T . -22.79 -13.81 16.31
OAC 4M7 T . -21.93 -14.20 15.48
CAY 4M7 T . -24.22 -13.59 15.89
NBD 4M7 T . -24.93 -14.40 15.02
CBC 4M7 T . -26.20 -13.92 14.87
CAR 4M7 T . -24.47 -15.62 14.33
CAO 4M7 T . -25.24 -16.83 14.80
CAS 4M7 T . -26.47 -17.18 14.01
SBE 4M7 T . -27.19 -15.85 13.11
OAB 4M7 T . -26.36 -15.61 11.90
CAX 4M7 T . -27.31 -14.35 14.12
CAI 4M7 T . -28.53 -13.67 14.14
CAG 4M7 T . -28.66 -12.49 14.93
CAM 4M7 T . -27.56 -12.05 15.68
CBB 4M7 T . -26.33 -12.75 15.66
CAW 4M7 T . -25.06 -12.55 16.31
CAQ 4M7 T . -24.70 -11.43 17.27
CAN 4M7 T . -24.75 -11.79 18.73
CAP 4M7 T . -26.15 -11.88 19.28
OAT 4M7 T . -27.09 -11.14 18.57
CAV 4M7 T . -28.40 -10.96 19.01
CBA 4M7 T . -29.00 -9.68 18.94
CAL 4M7 T . -28.28 -8.59 18.40
CAE 4M7 T . -28.90 -7.36 18.35
CAD 4M7 T . -30.22 -7.18 18.78
CAJ 4M7 T . -30.93 -8.26 19.30
CAZ 4M7 T . -30.30 -9.52 19.38
CAK 4M7 T . -31.01 -10.61 19.91
CAF 4M7 T . -30.41 -11.88 19.97
CAH 4M7 T . -29.10 -12.04 19.53
OAA 4M7 U . -20.02 11.64 47.15
CAU 4M7 U . -19.95 12.01 48.35
OAC 4M7 U . -19.16 12.96 48.65
CAY 4M7 U . -20.74 11.32 49.43
NBD 4M7 U . -21.23 11.89 50.59
CBC 4M7 U . -21.88 10.94 51.33
CAR 4M7 U . -21.11 13.28 51.04
CAO 4M7 U . -22.45 13.97 51.16
CAS 4M7 U . -23.11 13.90 52.51
SBE 4M7 U . -22.67 12.50 53.50
OAB 4M7 U . -21.38 12.82 54.17
CAX 4M7 U . -22.54 10.97 52.56
CAI 4M7 U . -23.13 9.81 53.09
CAG 4M7 U . -23.07 8.59 52.38
CAM 4M7 U . -22.40 8.54 51.15
CBB 4M7 U . -21.82 9.70 50.63
CAW 4M7 U . -21.07 9.95 49.42
CAQ 4M7 U . -20.76 8.95 48.35
CAN 4M7 U . -21.77 8.94 47.22
CAP 4M7 U . -23.14 8.43 47.58
OAT 4M7 U . -23.13 7.17 48.15
CAV 4M7 U . -24.29 6.52 48.51
CBA 4M7 U . -24.22 5.18 48.94
CAL 4M7 U . -22.99 4.51 48.99
CAE 4M7 U . -22.93 3.18 49.41
CAD 4M7 U . -24.10 2.52 49.78
CAJ 4M7 U . -25.32 3.18 49.73
CAZ 4M7 U . -25.38 4.52 49.30
CAK 4M7 U . -26.61 5.20 49.24
CAF 4M7 U . -26.67 6.53 48.83
CAH 4M7 U . -25.50 7.20 48.46
OAA 4M7 V . 9.62 52.23 -19.01
CAU 4M7 V . 9.94 51.02 -18.81
OAC 4M7 V . 9.06 50.20 -18.47
CAY 4M7 V . 11.36 50.58 -18.98
NBD 4M7 V . 11.78 49.51 -19.76
CBC 4M7 V . 13.13 49.39 -19.69
CAR 4M7 V . 10.97 48.60 -20.58
CAO 4M7 V . 11.31 48.72 -22.04
CAS 4M7 V . 12.31 47.73 -22.57
SBE 4M7 V . 13.49 47.18 -21.38
OAB 4M7 V . 12.84 46.09 -20.59
CAX 4M7 V . 14.04 48.49 -20.27
CAI 4M7 V . 15.42 48.60 -20.00
CAG 4M7 V . 15.90 49.62 -19.15
CAM 4M7 V . 15.00 50.51 -18.56
CBB 4M7 V . 13.63 50.40 -18.83
CAW 4M7 V . 12.50 51.14 -18.38
CAQ 4M7 V . 12.56 52.35 -17.46
CAN 4M7 V . 12.49 53.66 -18.24
CAP 4M7 V . 13.69 53.99 -19.10
OAT 4M7 V . 14.88 54.06 -18.37
CAV 4M7 V . 16.12 54.21 -18.96
CBA 4M7 V . 17.23 54.50 -18.11
CAL 4M7 V . 17.05 54.60 -16.72
CAE 4M7 V . 18.13 54.85 -15.89
CAD 4M7 V . 19.41 55.02 -16.44
CAJ 4M7 V . 19.57 54.95 -17.82
CAZ 4M7 V . 18.48 54.67 -18.66
CAK 4M7 V . 18.66 54.56 -20.04
CAF 4M7 V . 17.57 54.29 -20.87
CAH 4M7 V . 16.29 54.11 -20.33
OAA 4M7 W . 46.55 -16.25 3.04
CAU 4M7 W . 46.13 -17.35 2.56
OAC 4M7 W . 46.93 -18.08 1.90
CAY 4M7 W . 44.71 -17.77 2.79
NBD 4M7 W . 44.28 -19.08 3.00
CBC 4M7 W . 42.92 -19.11 3.17
CAR 4M7 W . 45.11 -20.29 3.04
CAO 4M7 W . 45.06 -20.96 4.39
CAS 4M7 W . 44.09 -22.11 4.46
SBE 4M7 W . 42.59 -21.87 3.54
OAB 4M7 W . 42.82 -22.44 2.19
CAX 4M7 W . 42.03 -20.15 3.41
CAI 4M7 W . 40.66 -19.89 3.55
CAG 4M7 W . 40.16 -18.56 3.45
CAM 4M7 W . 41.06 -17.52 3.22
CBB 4M7 W . 42.43 -17.79 3.07
CAW 4M7 W . 43.57 -16.95 2.82
CAQ 4M7 W . 43.53 -15.44 2.66
CAN 4M7 W . 44.01 -14.68 3.88
CAP 4M7 W . 42.94 -14.29 4.88
OAT 4M7 W . 41.73 -14.95 4.71
CAV 4M7 W . 40.59 -14.66 5.45
CBA 4M7 W . 39.51 -13.95 4.86
CAL 4M7 W . 39.59 -13.50 3.52
CAE 4M7 W . 38.53 -12.79 2.97
CAD 4M7 W . 37.39 -12.53 3.71
CAJ 4M7 W . 37.28 -12.98 5.03
CAZ 4M7 W . 38.36 -13.69 5.61
CAK 4M7 W . 38.27 -14.15 6.93
CAF 4M7 W . 39.33 -14.86 7.51
CAH 4M7 W . 40.49 -15.12 6.76
OAA 4M7 X . -19.62 -35.76 14.62
CAU 4M7 X . -19.67 -36.40 13.55
OAC 4M7 X . -20.09 -37.58 13.61
CAY 4M7 X . -19.23 -35.81 12.23
NBD 4M7 X . -18.58 -34.59 12.07
CBC 4M7 X . -18.31 -34.36 10.75
CAR 4M7 X . -18.22 -33.62 13.11
CAO 4M7 X . -16.73 -33.44 13.24
CAS 4M7 X . -16.17 -32.31 12.42
SBE 4M7 X . -17.09 -31.88 10.99
OAB 4M7 X . -18.26 -31.06 11.41
CAX 4M7 X . -17.70 -33.31 10.06
CAI 4M7 X . -17.55 -33.33 8.67
CAG 4M7 X . -18.02 -34.43 7.93
CAM 4M7 X . -18.64 -35.50 8.60
CBB 4M7 X . -18.79 -35.47 10.00
CAW 4M7 X . -19.36 -36.38 10.95
CAQ 4M7 X . -19.97 -37.72 10.58
CAN 4M7 X . -18.96 -38.84 10.62
CAP 4M7 X . -17.85 -38.79 9.58
OAT 4M7 X . -18.32 -38.61 8.29
CAV 4M7 X . -17.47 -38.72 7.22
CBA 4M7 X . -18.03 -38.93 5.93
CAL 4M7 X . -19.42 -39.02 5.79
CAE 4M7 X . -19.99 -39.23 4.53
CAD 4M7 X . -19.16 -39.35 3.42
CAJ 4M7 X . -17.77 -39.26 3.58
CAZ 4M7 X . -17.20 -39.05 4.84
CAK 4M7 X . -15.80 -38.95 5.00
CAF 4M7 X . -15.25 -38.75 6.27
CAH 4M7 X . -16.09 -38.63 7.38
#